data_6H6Y
#
_entry.id   6H6Y
#
_cell.length_a   59.170
_cell.length_b   140.900
_cell.length_c   92.150
_cell.angle_alpha   90.00
_cell.angle_beta   91.81
_cell.angle_gamma   90.00
#
_symmetry.space_group_name_H-M   'P 1 21 1'
#
loop_
_entity.id
_entity.type
_entity.pdbx_description
1 polymer 'Capsid protein VP1'
2 polymer 'Nanobody (VHH) Nano-7'
3 non-polymer 'SODIUM ION'
4 non-polymer 1,2-ETHANEDIOL
5 non-polymer 'CHLORIDE ION'
6 water water
#
loop_
_entity_poly.entity_id
_entity_poly.type
_entity_poly.pdbx_seq_one_letter_code
_entity_poly.pdbx_strand_id
1 'polypeptide(L)'
;KTRPFTLPNLPLSSLSNSRAPLPISSIGISPDNVQSVQFQNGRCTLDGRLVGTTPVSLSHVAKIRGTSNGTVINLTELDG
TPFHPFEGPAPIGFPDLGGCDWHINMTQFGHSSQTQYDVDTTPDTFVPHLGSIQANGIGSGNYVGVLSWISPPSHPSGSQ
VDLWKIPNYGSSITEATHLAPSVYPPGFGEVLVFFMSKMPGPGAYNLPCLLPQEYISHLASEQAPTVGEAALLHYVDPDT
GRNLGEFKAYPDGFLTCVPNGASSGPQQLPINGVFVFVSWVSRFYQLKPVGT
;
A,B,C,D
2 'polypeptide(L)'
;QVQLQESGGGLVQAGGSLRLSCAVSGRTFSNYYSGWFRQAPGKEREFLASIRWSDSTTNYADSVKGRFTISRDTAKNTVY
LQMNSLKLEDTAVYHCAARRLATYDYWGQGTQVTVSSGRYPYDVPDYGSGRA
;
E,F,G,H
#
# COMPACT_ATOMS: atom_id res chain seq x y z
N ARG A 3 -8.74 4.89 21.45
CA ARG A 3 -7.56 4.26 20.88
C ARG A 3 -7.21 2.97 21.63
N PRO A 4 -7.00 1.87 20.90
CA PRO A 4 -6.63 0.62 21.57
C PRO A 4 -5.22 0.67 22.14
N PHE A 5 -5.05 -0.01 23.27
CA PHE A 5 -3.75 -0.12 23.90
C PHE A 5 -2.83 -0.99 23.06
N THR A 6 -1.59 -0.52 22.88
CA THR A 6 -0.57 -1.27 22.17
C THR A 6 0.79 -0.97 22.79
N LEU A 7 1.74 -1.86 22.53
CA LEU A 7 3.15 -1.63 22.84
C LEU A 7 3.95 -1.66 21.55
N PRO A 8 5.11 -1.03 21.51
CA PRO A 8 5.90 -1.02 20.28
C PRO A 8 6.25 -2.42 19.81
N ASN A 9 6.19 -2.61 18.49
CA ASN A 9 6.59 -3.87 17.88
C ASN A 9 8.09 -3.86 17.60
N LEU A 10 8.86 -3.81 18.69
CA LEU A 10 10.30 -3.69 18.63
C LEU A 10 10.94 -4.68 19.58
N PRO A 11 12.04 -5.33 19.19
CA PRO A 11 12.68 -6.30 20.10
C PRO A 11 13.35 -5.61 21.28
N LEU A 12 13.25 -6.25 22.44
CA LEU A 12 13.68 -5.60 23.68
C LEU A 12 15.14 -5.19 23.64
N SER A 13 16.01 -6.05 23.10
CA SER A 13 17.43 -5.75 23.14
C SER A 13 17.81 -4.61 22.21
N SER A 14 16.88 -4.11 21.40
CA SER A 14 17.11 -2.92 20.60
C SER A 14 16.72 -1.63 21.32
N LEU A 15 16.18 -1.74 22.54
CA LEU A 15 15.60 -0.61 23.25
C LEU A 15 16.52 -0.16 24.38
N SER A 16 16.13 0.95 25.02
CA SER A 16 16.98 1.58 26.03
CA SER A 16 16.98 1.59 26.02
C SER A 16 16.40 1.49 27.42
N ASN A 17 17.30 1.40 28.41
CA ASN A 17 16.95 1.67 29.79
C ASN A 17 16.32 3.06 29.89
N SER A 18 15.49 3.25 30.91
CA SER A 18 14.90 4.56 31.16
C SER A 18 15.51 5.28 32.36
N ARG A 19 16.51 4.69 33.02
CA ARG A 19 17.22 5.36 34.11
C ARG A 19 18.63 5.77 33.72
N ALA A 20 19.11 5.34 32.55
CA ALA A 20 20.38 5.77 32.01
C ALA A 20 20.36 5.45 30.52
N PRO A 21 21.19 6.12 29.73
CA PRO A 21 21.14 5.91 28.25
C PRO A 21 21.91 4.67 27.83
N LEU A 22 21.38 3.51 28.22
CA LEU A 22 22.04 2.24 28.05
C LEU A 22 21.14 1.24 27.35
N PRO A 23 21.70 0.41 26.46
CA PRO A 23 20.88 -0.65 25.86
C PRO A 23 20.39 -1.63 26.91
N ILE A 24 19.21 -2.19 26.67
CA ILE A 24 18.70 -3.28 27.49
C ILE A 24 19.44 -4.57 27.14
N SER A 25 19.92 -5.27 28.17
CA SER A 25 20.66 -6.51 27.97
C SER A 25 20.01 -7.72 28.61
N SER A 26 19.02 -7.56 29.48
CA SER A 26 18.31 -8.73 30.01
C SER A 26 17.02 -8.28 30.69
N ILE A 27 16.16 -9.26 30.96
CA ILE A 27 15.01 -9.13 31.83
C ILE A 27 15.39 -9.68 33.19
N GLY A 28 14.96 -9.01 34.25
CA GLY A 28 15.36 -9.42 35.59
C GLY A 28 14.22 -9.29 36.58
N ILE A 29 14.43 -9.93 37.73
CA ILE A 29 13.57 -9.74 38.90
C ILE A 29 14.47 -9.25 40.03
N SER A 30 13.85 -8.69 41.05
CA SER A 30 14.62 -8.11 42.14
C SER A 30 15.02 -9.18 43.15
N PRO A 31 16.07 -8.91 43.92
CA PRO A 31 16.41 -9.84 45.02
C PRO A 31 15.32 -9.83 46.07
N ASP A 32 15.34 -10.87 46.91
CA ASP A 32 14.26 -11.10 47.87
C ASP A 32 14.08 -9.94 48.84
N ASN A 33 15.16 -9.21 49.15
CA ASN A 33 15.07 -8.11 50.11
C ASN A 33 14.40 -6.86 49.53
N VAL A 34 14.18 -6.80 48.22
CA VAL A 34 13.58 -5.62 47.60
C VAL A 34 12.07 -5.86 47.59
N GLN A 35 11.35 -5.11 48.42
CA GLN A 35 9.92 -5.33 48.60
C GLN A 35 9.07 -4.36 47.81
N SER A 36 9.68 -3.31 47.28
CA SER A 36 9.02 -2.32 46.45
C SER A 36 10.13 -1.55 45.76
N VAL A 37 9.76 -0.78 44.75
CA VAL A 37 10.70 0.16 44.16
C VAL A 37 9.98 1.49 43.97
N GLN A 38 10.78 2.55 43.87
CA GLN A 38 10.24 3.90 43.76
C GLN A 38 11.08 4.73 42.81
N PHE A 39 11.48 4.15 41.68
CA PHE A 39 12.27 4.88 40.70
C PHE A 39 11.53 6.15 40.28
N GLN A 40 12.28 7.23 40.04
CA GLN A 40 11.68 8.49 39.64
C GLN A 40 11.80 8.76 38.15
N ASN A 41 12.73 8.10 37.47
CA ASN A 41 12.77 8.06 36.01
C ASN A 41 12.19 6.73 35.54
N GLY A 42 11.82 6.68 34.27
CA GLY A 42 11.21 5.48 33.73
C GLY A 42 9.82 5.22 34.25
N ARG A 43 9.07 6.29 34.55
CA ARG A 43 7.74 6.18 35.12
C ARG A 43 6.72 6.79 34.16
N CYS A 44 5.81 5.96 33.68
CA CYS A 44 4.77 6.40 32.75
C CYS A 44 3.59 5.45 32.91
N THR A 45 2.40 6.01 33.08
CA THR A 45 1.21 5.17 33.20
C THR A 45 0.87 4.53 31.86
N LEU A 46 0.02 3.51 31.90
CA LEU A 46 -0.37 2.86 30.66
C LEU A 46 -1.20 3.78 29.76
N ASP A 47 -1.85 4.81 30.30
CA ASP A 47 -2.54 5.77 29.45
C ASP A 47 -1.68 7.01 29.18
N GLY A 48 -0.39 6.92 29.41
CA GLY A 48 0.54 7.88 28.84
C GLY A 48 0.80 9.13 29.64
N ARG A 49 0.74 9.05 30.97
CA ARG A 49 1.07 10.18 31.83
CA ARG A 49 1.07 10.18 31.83
C ARG A 49 2.44 9.93 32.45
N LEU A 50 3.38 10.83 32.18
CA LEU A 50 4.71 10.74 32.78
C LEU A 50 4.61 11.08 34.27
N VAL A 51 5.46 10.43 35.06
CA VAL A 51 5.49 10.65 36.50
C VAL A 51 6.94 10.87 36.94
N GLY A 52 7.12 11.60 38.03
CA GLY A 52 8.44 11.83 38.57
C GLY A 52 9.26 12.75 37.67
N THR A 53 10.57 12.50 37.66
CA THR A 53 11.48 13.24 36.82
C THR A 53 11.54 12.71 35.40
N THR A 54 10.76 11.68 35.08
CA THR A 54 10.80 10.99 33.80
C THR A 54 10.65 11.96 32.63
N PRO A 55 11.60 12.00 31.70
CA PRO A 55 11.39 12.70 30.43
C PRO A 55 10.88 11.74 29.37
N VAL A 56 10.31 12.31 28.30
CA VAL A 56 9.81 11.46 27.23
C VAL A 56 10.93 10.97 26.33
N SER A 57 12.10 11.62 26.34
CA SER A 57 13.20 11.31 25.45
CA SER A 57 13.20 11.31 25.45
C SER A 57 14.44 10.91 26.23
N LEU A 58 15.16 9.92 25.72
CA LEU A 58 16.41 9.49 26.31
C LEU A 58 17.46 10.60 26.31
N SER A 59 17.32 11.60 25.44
CA SER A 59 18.29 12.70 25.41
C SER A 59 18.25 13.53 26.69
N HIS A 60 17.26 13.32 27.54
CA HIS A 60 17.14 14.01 28.82
CA HIS A 60 17.16 14.01 28.82
C HIS A 60 17.38 13.09 30.02
N VAL A 61 17.65 11.80 29.81
CA VAL A 61 17.67 10.83 30.90
C VAL A 61 19.04 10.84 31.59
N ALA A 62 19.01 10.96 32.93
CA ALA A 62 20.21 10.90 33.78
C ALA A 62 21.18 12.03 33.43
N LYS A 63 20.62 13.23 33.29
CA LYS A 63 21.40 14.42 32.97
C LYS A 63 21.10 15.51 33.98
N ILE A 64 22.07 16.42 34.11
CA ILE A 64 21.95 17.59 34.95
C ILE A 64 22.38 18.80 34.12
N ARG A 65 21.92 19.96 34.55
CA ARG A 65 22.35 21.21 33.93
C ARG A 65 22.35 22.27 35.01
N GLY A 66 23.35 23.14 34.98
CA GLY A 66 23.41 24.17 35.99
C GLY A 66 24.69 24.97 35.92
N THR A 67 24.79 25.89 36.87
CA THR A 67 25.91 26.81 36.95
C THR A 67 26.66 26.58 38.24
N SER A 68 27.93 26.23 38.12
CA SER A 68 28.81 26.13 39.28
C SER A 68 29.37 27.50 39.62
N ASN A 69 29.47 27.77 40.93
CA ASN A 69 30.26 28.89 41.43
C ASN A 69 31.53 28.41 42.11
N GLY A 70 31.91 27.15 41.93
CA GLY A 70 33.05 26.58 42.60
C GLY A 70 32.73 25.85 43.89
N THR A 71 31.58 26.16 44.50
CA THR A 71 31.15 25.53 45.74
C THR A 71 29.86 24.73 45.56
N VAL A 72 28.88 25.31 44.87
CA VAL A 72 27.64 24.60 44.58
C VAL A 72 27.35 24.76 43.10
N ILE A 73 26.57 23.81 42.59
CA ILE A 73 25.97 23.89 41.27
C ILE A 73 24.51 24.24 41.46
N ASN A 74 24.09 25.39 40.95
CA ASN A 74 22.68 25.78 40.96
C ASN A 74 22.02 25.23 39.71
N LEU A 75 21.06 24.32 39.91
CA LEU A 75 20.48 23.56 38.82
C LEU A 75 19.48 24.38 38.02
N THR A 76 19.38 24.08 36.73
CA THR A 76 18.33 24.57 35.85
C THR A 76 17.63 23.37 35.22
N GLU A 77 16.55 23.63 34.49
CA GLU A 77 16.02 22.61 33.59
C GLU A 77 17.07 22.31 32.52
N LEU A 78 16.95 21.15 31.88
CA LEU A 78 18.00 20.75 30.93
C LEU A 78 18.09 21.65 29.71
N ASP A 79 17.04 22.40 29.37
CA ASP A 79 17.14 23.37 28.28
C ASP A 79 17.67 24.72 28.74
N GLY A 80 18.08 24.83 30.02
CA GLY A 80 18.66 26.04 30.54
C GLY A 80 17.69 27.01 31.18
N THR A 81 16.39 26.79 31.03
CA THR A 81 15.42 27.66 31.67
C THR A 81 15.34 27.32 33.15
N PRO A 82 14.77 28.21 33.97
CA PRO A 82 14.92 28.06 35.42
C PRO A 82 14.24 26.82 35.97
N PHE A 83 14.93 26.18 36.92
CA PHE A 83 14.34 25.16 37.76
C PHE A 83 13.78 25.81 39.01
N HIS A 84 12.49 25.60 39.26
CA HIS A 84 11.83 26.17 40.44
C HIS A 84 11.59 25.08 41.46
N PRO A 85 12.26 25.12 42.61
CA PRO A 85 11.97 24.12 43.65
C PRO A 85 10.48 24.04 43.92
N PHE A 86 10.01 22.82 44.12
CA PHE A 86 8.60 22.54 44.28
C PHE A 86 8.47 21.33 45.19
N GLU A 87 7.26 20.77 45.27
CA GLU A 87 7.07 19.64 46.17
C GLU A 87 7.84 18.40 45.73
N GLY A 88 8.13 18.29 44.42
CA GLY A 88 8.75 17.11 43.87
C GLY A 88 10.25 17.09 44.04
N PRO A 89 10.89 16.03 43.49
CA PRO A 89 12.26 15.71 43.91
C PRO A 89 13.39 16.51 43.25
N ALA A 90 13.24 16.87 41.99
CA ALA A 90 14.39 17.35 41.23
C ALA A 90 13.96 17.81 39.84
N PRO A 91 14.85 18.40 39.05
CA PRO A 91 14.48 18.74 37.68
C PRO A 91 14.23 17.49 36.85
N ILE A 92 13.36 17.64 35.84
CA ILE A 92 13.15 16.58 34.87
C ILE A 92 14.50 16.07 34.36
N GLY A 93 14.62 14.74 34.27
CA GLY A 93 15.82 14.08 33.77
C GLY A 93 16.87 13.79 34.81
N PHE A 94 16.80 14.41 35.98
CA PHE A 94 17.84 14.25 36.99
C PHE A 94 18.06 12.77 37.30
N PRO A 95 19.30 12.33 37.45
CA PRO A 95 19.53 10.90 37.74
C PRO A 95 18.84 10.44 39.01
N ASP A 96 18.39 9.17 39.01
CA ASP A 96 17.67 8.61 40.15
C ASP A 96 18.31 7.33 40.66
N LEU A 97 19.60 7.14 40.42
CA LEU A 97 20.32 5.96 40.89
C LEU A 97 20.75 6.20 42.34
N GLY A 98 20.04 5.58 43.27
CA GLY A 98 20.50 5.52 44.64
C GLY A 98 21.60 4.49 44.80
N GLY A 99 22.13 4.41 46.01
CA GLY A 99 23.05 3.33 46.35
C GLY A 99 24.34 3.29 45.56
N CYS A 100 24.88 4.45 45.20
CA CYS A 100 26.13 4.53 44.46
C CYS A 100 26.60 5.97 44.44
N ASP A 101 27.88 6.14 44.13
CA ASP A 101 28.42 7.42 43.71
C ASP A 101 28.29 7.54 42.19
N TRP A 102 27.95 8.74 41.72
CA TRP A 102 27.84 9.01 40.30
C TRP A 102 29.14 9.62 39.79
N HIS A 103 29.44 9.35 38.52
CA HIS A 103 30.50 10.05 37.81
C HIS A 103 29.87 10.59 36.54
N ILE A 104 29.74 11.90 36.49
CA ILE A 104 28.96 12.61 35.49
C ILE A 104 29.93 13.32 34.56
N ASN A 105 29.75 13.15 33.26
CA ASN A 105 30.61 13.79 32.28
C ASN A 105 30.03 15.16 31.94
N MET A 106 30.78 16.20 32.29
CA MET A 106 30.33 17.58 32.15
C MET A 106 30.95 18.21 30.92
N THR A 107 30.11 18.81 30.08
CA THR A 107 30.55 19.55 28.91
C THR A 107 29.91 20.92 28.92
N GLN A 108 30.32 21.75 27.96
CA GLN A 108 29.89 23.13 27.93
C GLN A 108 29.63 23.56 26.49
N PHE A 109 28.58 24.35 26.31
CA PHE A 109 28.33 24.97 25.01
C PHE A 109 29.29 26.14 24.85
N GLY A 110 30.11 26.09 23.80
CA GLY A 110 31.04 27.15 23.50
C GLY A 110 32.40 27.00 24.11
N HIS A 111 32.68 25.88 24.77
CA HIS A 111 33.98 25.63 25.35
C HIS A 111 34.45 24.24 24.98
N SER A 112 35.77 24.08 24.90
CA SER A 112 36.37 22.78 24.72
CA SER A 112 36.36 22.77 24.71
C SER A 112 36.30 21.98 26.02
N SER A 113 36.55 20.68 25.89
CA SER A 113 36.87 19.79 27.00
C SER A 113 35.67 19.20 27.72
N GLN A 114 35.93 18.14 28.48
CA GLN A 114 34.94 17.54 29.37
C GLN A 114 35.60 17.41 30.74
N THR A 115 34.75 17.31 31.77
CA THR A 115 35.21 17.22 33.14
C THR A 115 34.38 16.18 33.88
N GLN A 116 35.05 15.26 34.57
CA GLN A 116 34.34 14.28 35.38
C GLN A 116 33.94 14.89 36.72
N TYR A 117 32.65 14.82 37.02
CA TYR A 117 32.05 15.34 38.25
C TYR A 117 31.67 14.15 39.12
N ASP A 118 32.28 14.07 40.30
CA ASP A 118 32.10 12.94 41.20
C ASP A 118 31.06 13.29 42.25
N VAL A 119 29.97 12.52 42.29
CA VAL A 119 28.81 12.88 43.09
C VAL A 119 28.54 11.81 44.15
N ASP A 120 28.72 12.19 45.42
CA ASP A 120 28.16 11.50 46.56
C ASP A 120 26.78 12.09 46.79
N THR A 121 25.75 11.25 46.73
CA THR A 121 24.38 11.76 46.85
C THR A 121 23.90 11.80 48.30
N THR A 122 24.74 11.43 49.28
CA THR A 122 24.29 11.33 50.65
C THR A 122 24.47 12.57 51.54
N PRO A 123 25.36 13.50 51.22
CA PRO A 123 25.65 14.58 52.17
C PRO A 123 24.57 15.65 52.19
N ASP A 124 24.68 16.51 53.22
CA ASP A 124 23.72 17.57 53.44
C ASP A 124 23.65 18.56 52.28
N THR A 125 24.71 18.64 51.49
CA THR A 125 24.78 19.55 50.35
C THR A 125 24.08 19.03 49.11
N PHE A 126 23.69 17.75 49.09
CA PHE A 126 23.04 17.18 47.92
C PHE A 126 21.53 17.39 48.10
N VAL A 127 21.05 18.52 47.60
CA VAL A 127 19.65 18.90 47.78
C VAL A 127 19.07 19.36 46.45
N PRO A 128 19.01 18.49 45.44
CA PRO A 128 18.37 18.87 44.18
C PRO A 128 16.91 19.29 44.36
N HIS A 129 16.24 18.78 45.40
CA HIS A 129 14.88 19.20 45.73
C HIS A 129 14.82 20.69 46.02
N LEU A 130 15.92 21.26 46.50
CA LEU A 130 16.02 22.70 46.75
C LEU A 130 16.83 23.41 45.68
N GLY A 131 17.21 22.71 44.60
CA GLY A 131 17.85 23.30 43.45
C GLY A 131 19.36 23.41 43.46
N SER A 132 20.05 22.74 44.39
CA SER A 132 21.50 22.84 44.37
C SER A 132 22.15 21.55 44.85
N ILE A 133 23.35 21.29 44.33
CA ILE A 133 24.18 20.15 44.72
C ILE A 133 25.62 20.65 44.80
N GLN A 134 26.42 19.96 45.60
CA GLN A 134 27.80 20.38 45.81
C GLN A 134 28.59 20.31 44.51
N ALA A 135 29.45 21.30 44.28
CA ALA A 135 30.26 21.34 43.06
C ALA A 135 31.40 20.32 43.09
N ASN A 136 31.86 19.96 44.29
CA ASN A 136 32.97 19.03 44.48
C ASN A 136 34.11 19.27 43.48
N GLY A 137 34.56 20.53 43.41
CA GLY A 137 35.72 20.87 42.63
C GLY A 137 35.45 21.29 41.19
N ILE A 138 34.20 21.21 40.73
CA ILE A 138 33.87 21.68 39.39
C ILE A 138 33.95 23.21 39.39
N GLY A 139 34.83 23.75 38.55
CA GLY A 139 35.05 25.18 38.53
C GLY A 139 33.84 25.94 38.01
N SER A 140 33.84 27.24 38.30
CA SER A 140 32.73 28.10 37.92
C SER A 140 32.44 28.00 36.43
N GLY A 141 31.16 27.99 36.09
CA GLY A 141 30.73 27.94 34.71
C GLY A 141 29.40 27.24 34.58
N ASN A 142 28.88 27.26 33.35
CA ASN A 142 27.63 26.60 33.01
C ASN A 142 27.94 25.26 32.36
N TYR A 143 27.27 24.21 32.81
CA TYR A 143 27.56 22.86 32.33
C TYR A 143 26.29 22.07 32.07
N VAL A 144 26.40 21.12 31.15
CA VAL A 144 25.46 20.01 31.01
CA VAL A 144 25.46 20.01 31.01
C VAL A 144 26.22 18.74 31.33
N GLY A 145 25.63 17.88 32.13
CA GLY A 145 26.29 16.65 32.55
C GLY A 145 25.41 15.45 32.27
N VAL A 146 26.05 14.35 31.88
CA VAL A 146 25.37 13.08 31.70
C VAL A 146 26.08 12.01 32.51
N LEU A 147 25.29 11.16 33.16
CA LEU A 147 25.88 10.05 33.91
C LEU A 147 26.70 9.17 32.98
N SER A 148 27.94 8.89 33.39
CA SER A 148 28.90 8.14 32.60
C SER A 148 29.26 6.80 33.22
N TRP A 149 29.55 6.77 34.52
CA TRP A 149 29.84 5.52 35.20
C TRP A 149 29.55 5.72 36.68
N ILE A 150 29.48 4.60 37.41
CA ILE A 150 29.15 4.64 38.83
C ILE A 150 30.17 3.83 39.61
N SER A 151 30.15 4.01 40.94
CA SER A 151 31.04 3.29 41.85
C SER A 151 30.34 3.16 43.18
N PRO A 152 30.93 2.42 44.13
CA PRO A 152 30.27 2.23 45.42
C PRO A 152 29.99 3.55 46.09
N PRO A 153 28.91 3.63 46.87
CA PRO A 153 28.59 4.91 47.54
C PRO A 153 29.65 5.25 48.58
N SER A 154 29.95 6.54 48.69
CA SER A 154 30.95 6.97 49.67
C SER A 154 30.45 6.81 51.10
N HIS A 155 29.14 6.85 51.30
CA HIS A 155 28.50 6.70 52.60
C HIS A 155 27.21 5.94 52.42
N PRO A 156 26.82 5.10 53.39
CA PRO A 156 27.62 4.76 54.60
C PRO A 156 28.91 4.04 54.21
N SER A 157 29.98 4.31 54.96
CA SER A 157 31.29 3.76 54.61
C SER A 157 31.20 2.26 54.41
N GLY A 158 31.72 1.79 53.28
CA GLY A 158 31.77 0.37 52.99
C GLY A 158 30.53 -0.22 52.38
N SER A 159 29.47 0.56 52.21
CA SER A 159 28.29 0.03 51.55
C SER A 159 28.61 -0.24 50.09
N GLN A 160 27.93 -1.22 49.53
CA GLN A 160 28.13 -1.64 48.15
C GLN A 160 26.99 -1.09 47.27
N VAL A 161 27.22 -1.14 45.96
CA VAL A 161 26.24 -0.62 45.02
C VAL A 161 24.91 -1.33 45.16
N ASP A 162 23.83 -0.54 45.18
CA ASP A 162 22.46 -1.04 45.28
C ASP A 162 21.58 -0.16 44.41
N LEU A 163 21.42 -0.56 43.15
CA LEU A 163 20.67 0.24 42.17
C LEU A 163 19.17 0.04 42.26
N TRP A 164 18.68 -0.72 43.25
CA TRP A 164 17.25 -0.76 43.55
C TRP A 164 16.80 0.47 44.32
N LYS A 165 17.73 1.32 44.75
CA LYS A 165 17.45 2.50 45.55
C LYS A 165 17.36 3.75 44.69
N ILE A 166 16.76 4.80 45.27
CA ILE A 166 16.78 6.14 44.71
C ILE A 166 17.59 7.04 45.65
N PRO A 167 18.09 8.17 45.17
CA PRO A 167 18.90 9.05 46.02
C PRO A 167 18.03 9.86 46.96
N ASN A 168 18.69 10.44 47.96
CA ASN A 168 18.05 11.32 48.93
C ASN A 168 18.00 12.74 48.36
N TYR A 169 16.91 13.04 47.64
CA TYR A 169 16.80 14.32 46.95
C TYR A 169 16.66 15.50 47.90
N GLY A 170 16.09 15.27 49.08
CA GLY A 170 15.79 16.32 50.02
C GLY A 170 16.85 16.46 51.09
N SER A 171 16.47 17.11 52.18
CA SER A 171 17.39 17.34 53.29
C SER A 171 16.94 16.57 54.52
N HIS A 178 7.60 14.96 47.64
CA HIS A 178 6.50 14.31 46.93
C HIS A 178 7.03 13.58 45.70
N LEU A 179 7.07 12.25 45.78
CA LEU A 179 7.72 11.42 44.78
C LEU A 179 6.70 10.69 43.92
N ALA A 180 7.14 10.28 42.73
CA ALA A 180 6.38 9.27 42.01
C ALA A 180 6.15 8.09 42.95
N PRO A 181 4.97 7.50 42.95
CA PRO A 181 4.65 6.53 44.00
C PRO A 181 5.41 5.22 43.87
N SER A 182 5.48 4.50 44.98
CA SER A 182 6.11 3.19 44.97
C SER A 182 5.28 2.21 44.13
N VAL A 183 5.97 1.20 43.62
CA VAL A 183 5.40 0.10 42.85
C VAL A 183 5.58 -1.17 43.67
N TYR A 184 4.50 -1.93 43.82
CA TYR A 184 4.49 -3.12 44.65
C TYR A 184 4.08 -4.34 43.82
N PRO A 185 4.63 -5.52 44.11
CA PRO A 185 4.05 -6.75 43.53
C PRO A 185 2.61 -6.91 43.99
N PRO A 186 1.71 -7.24 43.08
CA PRO A 186 0.27 -7.15 43.39
C PRO A 186 -0.36 -8.37 44.04
N GLY A 187 0.37 -9.46 44.25
CA GLY A 187 -0.17 -10.68 44.80
C GLY A 187 -0.20 -11.79 43.77
N PHE A 188 -0.87 -12.88 44.14
CA PHE A 188 -1.10 -14.01 43.22
C PHE A 188 0.21 -14.61 42.72
N GLY A 189 1.25 -14.60 43.55
CA GLY A 189 2.55 -15.12 43.16
C GLY A 189 3.31 -14.26 42.18
N GLU A 190 2.84 -13.07 41.87
CA GLU A 190 3.48 -12.22 40.88
C GLU A 190 4.62 -11.42 41.48
N VAL A 191 5.68 -11.24 40.68
CA VAL A 191 6.80 -10.40 41.06
C VAL A 191 6.99 -9.33 39.99
N LEU A 192 7.59 -8.21 40.39
CA LEU A 192 7.89 -7.15 39.45
C LEU A 192 8.94 -7.60 38.46
N VAL A 193 8.81 -7.13 37.23
CA VAL A 193 9.71 -7.43 36.13
C VAL A 193 10.50 -6.18 35.79
N PHE A 194 11.81 -6.34 35.58
CA PHE A 194 12.69 -5.21 35.32
C PHE A 194 13.46 -5.42 34.03
N PHE A 195 13.69 -4.33 33.32
CA PHE A 195 14.54 -4.30 32.13
C PHE A 195 15.92 -3.85 32.58
N MET A 196 16.93 -4.70 32.35
CA MET A 196 18.25 -4.50 32.93
C MET A 196 19.24 -4.02 31.87
N SER A 197 20.18 -3.18 32.30
CA SER A 197 21.27 -2.75 31.46
C SER A 197 22.60 -2.83 32.21
N LYS A 198 23.65 -3.19 31.49
CA LYS A 198 24.99 -3.13 32.06
C LYS A 198 25.45 -1.68 32.18
N MET A 199 25.85 -1.28 33.39
CA MET A 199 26.30 0.08 33.65
C MET A 199 27.81 0.10 33.86
N PRO A 200 28.53 0.95 33.11
CA PRO A 200 29.98 1.03 33.30
C PRO A 200 30.40 1.41 34.71
N GLY A 201 31.63 1.01 35.05
CA GLY A 201 32.19 1.20 36.36
C GLY A 201 32.95 -0.05 36.78
N PRO A 202 33.58 0.01 37.96
CA PRO A 202 34.52 -1.07 38.32
C PRO A 202 33.86 -2.38 38.70
N GLY A 203 32.60 -2.35 39.14
CA GLY A 203 31.88 -3.57 39.45
C GLY A 203 31.06 -4.06 38.28
N ALA A 204 30.37 -5.18 38.54
CA ALA A 204 29.50 -5.81 37.54
C ALA A 204 28.08 -5.33 37.77
N TYR A 205 27.83 -4.10 37.33
CA TYR A 205 26.59 -3.40 37.66
C TYR A 205 25.49 -3.67 36.66
N ASN A 206 24.29 -3.94 37.16
CA ASN A 206 23.11 -4.15 36.34
C ASN A 206 22.02 -3.19 36.83
N LEU A 207 21.61 -2.28 35.95
CA LEU A 207 20.68 -1.22 36.29
C LEU A 207 19.26 -1.62 35.92
N PRO A 208 18.35 -1.76 36.88
CA PRO A 208 16.96 -2.09 36.56
C PRO A 208 16.10 -0.85 36.31
N CYS A 209 15.15 -0.98 35.38
CA CYS A 209 14.10 0.00 35.20
C CYS A 209 12.78 -0.70 34.94
N LEU A 210 11.69 0.06 35.08
CA LEU A 210 10.35 -0.53 34.98
C LEU A 210 9.86 -0.61 33.53
N LEU A 211 10.34 0.28 32.66
CA LEU A 211 9.87 0.36 31.28
C LEU A 211 11.00 0.79 30.36
N PRO A 212 11.15 0.19 29.18
CA PRO A 212 12.09 0.76 28.19
C PRO A 212 11.69 2.18 27.83
N GLN A 213 12.69 3.01 27.55
CA GLN A 213 12.39 4.41 27.26
C GLN A 213 11.47 4.53 26.03
N GLU A 214 11.66 3.66 25.04
CA GLU A 214 10.86 3.75 23.83
C GLU A 214 9.40 3.34 24.08
N TYR A 215 9.14 2.54 25.12
CA TYR A 215 7.75 2.33 25.52
C TYR A 215 7.13 3.61 26.05
N ILE A 216 7.92 4.38 26.80
CA ILE A 216 7.42 5.61 27.41
C ILE A 216 7.02 6.63 26.34
N SER A 217 7.86 6.83 25.32
CA SER A 217 7.51 7.80 24.29
C SER A 217 6.32 7.31 23.48
N HIS A 218 6.17 5.99 23.32
CA HIS A 218 4.99 5.42 22.69
C HIS A 218 3.72 5.69 23.51
N LEU A 219 3.74 5.32 24.79
CA LEU A 219 2.56 5.50 25.63
C LEU A 219 2.18 6.97 25.74
N ALA A 220 3.18 7.85 25.91
CA ALA A 220 2.88 9.26 26.07
C ALA A 220 2.20 9.84 24.84
N SER A 221 2.55 9.33 23.65
CA SER A 221 1.92 9.78 22.42
C SER A 221 0.55 9.15 22.21
N GLU A 222 0.44 7.84 22.45
CA GLU A 222 -0.81 7.13 22.17
C GLU A 222 -1.91 7.52 23.15
N GLN A 223 -1.57 7.53 24.44
CA GLN A 223 -2.53 7.77 25.52
C GLN A 223 -3.80 6.93 25.35
N ALA A 224 -3.60 5.63 25.16
CA ALA A 224 -4.73 4.72 25.03
C ALA A 224 -5.45 4.64 26.38
N PRO A 225 -6.77 4.76 26.41
CA PRO A 225 -7.48 4.65 27.69
C PRO A 225 -7.23 3.31 28.35
N THR A 226 -7.04 3.33 29.66
CA THR A 226 -6.80 2.12 30.43
C THR A 226 -8.17 1.50 30.75
N VAL A 227 -8.55 0.48 29.96
CA VAL A 227 -9.92 0.00 29.99
C VAL A 227 -10.09 -1.24 30.86
N GLY A 228 -9.04 -1.68 31.54
CA GLY A 228 -9.13 -2.80 32.45
C GLY A 228 -8.17 -2.61 33.61
N GLU A 229 -8.20 -3.57 34.54
CA GLU A 229 -7.34 -3.51 35.72
C GLU A 229 -5.91 -3.91 35.40
N ALA A 230 -5.69 -4.70 34.36
CA ALA A 230 -4.36 -5.13 33.98
C ALA A 230 -4.40 -5.51 32.51
N ALA A 231 -3.28 -5.31 31.84
CA ALA A 231 -3.13 -5.68 30.43
C ALA A 231 -2.33 -6.98 30.38
N LEU A 232 -2.98 -8.05 29.93
CA LEU A 232 -2.29 -9.31 29.69
C LEU A 232 -1.42 -9.16 28.45
N LEU A 233 -0.13 -9.48 28.60
CA LEU A 233 0.85 -9.42 27.53
C LEU A 233 1.41 -10.82 27.29
N HIS A 234 1.84 -11.05 26.06
CA HIS A 234 2.70 -12.17 25.72
C HIS A 234 4.07 -11.64 25.30
N TYR A 235 5.12 -12.31 25.74
CA TYR A 235 6.47 -12.05 25.26
C TYR A 235 6.72 -13.02 24.10
N VAL A 236 6.84 -12.50 22.89
CA VAL A 236 6.73 -13.30 21.67
C VAL A 236 8.07 -13.36 20.95
N ASP A 237 8.39 -14.55 20.44
CA ASP A 237 9.51 -14.77 19.54
C ASP A 237 9.15 -14.24 18.15
N PRO A 238 9.86 -13.23 17.63
CA PRO A 238 9.46 -12.66 16.33
C PRO A 238 9.63 -13.62 15.16
N ASP A 239 10.45 -14.66 15.29
CA ASP A 239 10.61 -15.62 14.21
C ASP A 239 9.40 -16.55 14.11
N THR A 240 9.03 -17.18 15.23
CA THR A 240 8.00 -18.20 15.25
C THR A 240 6.63 -17.66 15.65
N GLY A 241 6.59 -16.49 16.28
CA GLY A 241 5.38 -16.01 16.91
C GLY A 241 5.01 -16.71 18.19
N ARG A 242 5.87 -17.61 18.67
CA ARG A 242 5.55 -18.39 19.87
C ARG A 242 5.52 -17.50 21.10
N ASN A 243 4.57 -17.78 21.98
CA ASN A 243 4.47 -17.11 23.27
C ASN A 243 5.52 -17.71 24.21
N LEU A 244 6.50 -16.90 24.59
CA LEU A 244 7.57 -17.32 25.49
C LEU A 244 7.22 -17.12 26.96
N GLY A 245 6.16 -16.37 27.25
CA GLY A 245 5.79 -16.11 28.63
C GLY A 245 4.69 -15.09 28.77
N GLU A 246 3.80 -15.32 29.74
CA GLU A 246 2.71 -14.42 30.05
C GLU A 246 3.14 -13.39 31.09
N PHE A 247 2.77 -12.14 30.85
CA PHE A 247 3.06 -11.03 31.75
C PHE A 247 1.79 -10.20 31.89
N LYS A 248 1.69 -9.44 32.97
CA LYS A 248 0.64 -8.44 33.12
C LYS A 248 1.28 -7.06 33.30
N ALA A 249 0.73 -6.07 32.61
CA ALA A 249 1.11 -4.68 32.83
C ALA A 249 0.00 -3.98 33.61
N TYR A 250 0.39 -3.23 34.61
CA TYR A 250 -0.57 -2.57 35.47
C TYR A 250 -0.62 -1.07 35.19
N PRO A 251 -1.76 -0.44 35.48
CA PRO A 251 -1.97 0.96 35.07
C PRO A 251 -0.87 1.94 35.49
N ASP A 252 -0.27 1.76 36.67
CA ASP A 252 0.76 2.71 37.09
C ASP A 252 2.00 2.64 36.22
N GLY A 253 2.15 1.59 35.41
CA GLY A 253 3.24 1.53 34.46
C GLY A 253 4.35 0.55 34.85
N PHE A 254 4.00 -0.70 35.11
CA PHE A 254 4.98 -1.73 35.43
C PHE A 254 4.43 -3.07 34.99
N LEU A 255 5.35 -4.03 34.85
CA LEU A 255 5.02 -5.39 34.45
C LEU A 255 5.29 -6.37 35.57
N THR A 256 4.56 -7.48 35.55
CA THR A 256 4.79 -8.57 36.47
C THR A 256 4.75 -9.89 35.71
N CYS A 257 5.26 -10.92 36.36
CA CYS A 257 5.07 -12.29 35.89
C CYS A 257 5.07 -13.19 37.11
N VAL A 258 4.71 -14.45 36.90
CA VAL A 258 4.88 -15.49 37.90
C VAL A 258 6.10 -16.32 37.48
N PRO A 259 7.20 -16.30 38.25
CA PRO A 259 8.34 -17.17 37.91
C PRO A 259 8.00 -18.62 38.21
N ASN A 260 8.60 -19.51 37.41
CA ASN A 260 8.36 -20.95 37.57
C ASN A 260 9.24 -21.51 38.68
N GLY A 265 12.72 -18.80 35.01
CA GLY A 265 12.13 -17.49 35.23
C GLY A 265 12.37 -16.52 34.09
N PRO A 266 11.96 -15.27 34.27
CA PRO A 266 12.13 -14.30 33.18
C PRO A 266 13.59 -14.01 32.86
N GLN A 267 14.50 -14.21 33.81
CA GLN A 267 15.91 -13.93 33.58
C GLN A 267 16.53 -14.86 32.56
N GLN A 268 15.92 -16.03 32.33
CA GLN A 268 16.40 -16.98 31.33
C GLN A 268 15.78 -16.76 29.96
N LEU A 269 14.84 -15.83 29.83
CA LEU A 269 14.22 -15.61 28.53
C LEU A 269 15.22 -14.94 27.59
N PRO A 270 15.15 -15.22 26.29
CA PRO A 270 15.96 -14.45 25.34
C PRO A 270 15.53 -13.00 25.39
N ILE A 271 16.47 -12.11 25.05
CA ILE A 271 16.22 -10.68 25.17
C ILE A 271 15.77 -10.06 23.86
N ASN A 272 15.64 -10.85 22.79
CA ASN A 272 15.32 -10.33 21.48
C ASN A 272 13.86 -10.53 21.09
N GLY A 273 12.99 -10.72 22.08
CA GLY A 273 11.57 -10.88 21.85
C GLY A 273 10.82 -9.55 21.92
N VAL A 274 9.50 -9.66 21.72
CA VAL A 274 8.61 -8.52 21.61
C VAL A 274 7.44 -8.72 22.58
N PHE A 275 7.15 -7.70 23.38
CA PHE A 275 5.94 -7.72 24.20
C PHE A 275 4.75 -7.31 23.34
N VAL A 276 3.69 -8.10 23.41
CA VAL A 276 2.49 -7.92 22.61
C VAL A 276 1.27 -7.91 23.54
N PHE A 277 0.45 -6.87 23.41
CA PHE A 277 -0.80 -6.81 24.17
C PHE A 277 -1.80 -7.85 23.66
N VAL A 278 -2.42 -8.57 24.58
CA VAL A 278 -3.39 -9.62 24.26
C VAL A 278 -4.80 -9.22 24.66
N SER A 279 -5.00 -8.75 25.88
CA SER A 279 -6.35 -8.49 26.35
C SER A 279 -6.28 -7.76 27.69
N TRP A 280 -7.27 -6.92 27.93
CA TRP A 280 -7.49 -6.41 29.28
C TRP A 280 -8.07 -7.53 30.14
N VAL A 281 -7.57 -7.66 31.36
CA VAL A 281 -8.03 -8.67 32.30
C VAL A 281 -8.18 -8.04 33.68
N SER A 282 -8.81 -8.79 34.59
CA SER A 282 -8.92 -8.34 35.97
C SER A 282 -7.57 -8.47 36.67
N ARG A 283 -7.41 -7.72 37.76
CA ARG A 283 -6.17 -7.79 38.51
C ARG A 283 -5.94 -9.21 39.05
N PHE A 284 -7.01 -9.98 39.24
CA PHE A 284 -6.93 -11.34 39.76
C PHE A 284 -6.60 -12.38 38.71
N TYR A 285 -6.49 -12.00 37.44
CA TYR A 285 -6.23 -12.97 36.38
C TYR A 285 -4.93 -13.70 36.66
N GLN A 286 -4.99 -15.03 36.69
CA GLN A 286 -3.85 -15.85 37.09
C GLN A 286 -2.96 -16.15 35.89
N LEU A 287 -1.68 -15.81 36.03
CA LEU A 287 -0.70 -16.04 34.97
C LEU A 287 -0.12 -17.45 35.03
N LYS A 288 0.21 -17.99 33.86
CA LYS A 288 1.01 -19.20 33.79
C LYS A 288 2.45 -18.88 34.15
N PRO A 289 3.10 -19.68 35.00
CA PRO A 289 4.51 -19.39 35.35
C PRO A 289 5.40 -19.35 34.12
N VAL A 290 6.34 -18.42 34.13
CA VAL A 290 7.27 -18.27 33.02
C VAL A 290 8.32 -19.38 33.04
N LYS B 1 0.98 -3.87 8.87
CA LYS B 1 0.32 -2.68 8.35
C LYS B 1 -1.16 -2.70 8.73
N THR B 2 -1.47 -2.32 9.97
CA THR B 2 -2.83 -2.29 10.46
C THR B 2 -3.38 -0.89 10.64
N ARG B 3 -2.54 0.14 10.50
CA ARG B 3 -2.87 1.49 10.90
C ARG B 3 -2.34 2.49 9.89
N PRO B 4 -3.11 3.53 9.58
CA PRO B 4 -2.60 4.59 8.71
C PRO B 4 -1.44 5.35 9.35
N PHE B 5 -0.72 6.06 8.49
CA PHE B 5 0.44 6.82 8.89
C PHE B 5 0.10 7.88 9.93
N THR B 6 0.97 7.97 10.94
CA THR B 6 0.88 8.98 11.98
C THR B 6 2.29 9.36 12.41
N LEU B 7 2.40 10.52 13.05
CA LEU B 7 3.61 10.90 13.75
C LEU B 7 3.29 11.07 15.24
N PRO B 8 4.28 10.92 16.11
CA PRO B 8 4.01 11.03 17.55
C PRO B 8 3.40 12.38 17.91
N ASN B 9 2.45 12.35 18.82
CA ASN B 9 1.84 13.57 19.35
C ASN B 9 2.68 14.11 20.51
N LEU B 10 3.91 14.52 20.17
CA LEU B 10 4.89 14.96 21.14
C LEU B 10 5.51 16.27 20.67
N PRO B 11 5.72 17.24 21.57
CA PRO B 11 6.31 18.51 21.12
C PRO B 11 7.76 18.32 20.73
N LEU B 12 8.19 19.04 19.69
CA LEU B 12 9.50 18.79 19.11
C LEU B 12 10.63 18.98 20.12
N SER B 13 10.55 20.03 20.95
CA SER B 13 11.65 20.33 21.84
C SER B 13 11.80 19.32 22.97
N SER B 14 10.85 18.39 23.10
CA SER B 14 10.98 17.29 24.03
C SER B 14 11.67 16.07 23.44
N LEU B 15 12.04 16.13 22.16
CA LEU B 15 12.56 14.98 21.44
C LEU B 15 14.05 15.12 21.22
N SER B 16 14.65 14.09 20.62
CA SER B 16 16.09 14.01 20.49
CA SER B 16 16.09 14.00 20.50
C SER B 16 16.55 14.06 19.05
N ASN B 17 17.73 14.63 18.85
CA ASN B 17 18.47 14.44 17.63
C ASN B 17 18.67 12.95 17.39
N SER B 18 18.83 12.58 16.13
CA SER B 18 19.13 11.19 15.75
C SER B 18 20.57 10.98 15.34
N ARG B 19 21.41 12.01 15.39
CA ARG B 19 22.83 11.86 15.11
C ARG B 19 23.70 12.02 16.35
N ALA B 20 23.12 12.43 17.47
CA ALA B 20 23.79 12.48 18.76
C ALA B 20 22.73 12.53 19.83
N PRO B 21 23.03 12.13 21.05
CA PRO B 21 21.99 12.07 22.10
C PRO B 21 21.73 13.43 22.73
N LEU B 22 21.17 14.34 21.92
CA LEU B 22 21.02 15.73 22.29
C LEU B 22 19.58 16.17 22.08
N PRO B 23 19.04 16.99 22.97
CA PRO B 23 17.69 17.52 22.75
C PRO B 23 17.64 18.39 21.50
N ILE B 24 16.46 18.40 20.87
CA ILE B 24 16.19 19.29 19.75
CA ILE B 24 16.21 19.30 19.75
C ILE B 24 15.96 20.70 20.28
N SER B 25 16.67 21.68 19.71
CA SER B 25 16.56 23.06 20.14
C SER B 25 16.03 24.01 19.07
N SER B 26 15.99 23.60 17.80
CA SER B 26 15.44 24.47 16.78
C SER B 26 15.16 23.66 15.51
N ILE B 27 14.39 24.27 14.62
CA ILE B 27 14.21 23.82 13.24
C ILE B 27 15.12 24.66 12.37
N GLY B 28 15.75 24.03 11.37
CA GLY B 28 16.70 24.75 10.54
C GLY B 28 16.61 24.33 9.09
N ILE B 29 17.22 25.17 8.24
CA ILE B 29 17.47 24.84 6.85
C ILE B 29 18.97 24.92 6.64
N SER B 30 19.43 24.34 5.55
CA SER B 30 20.85 24.26 5.32
C SER B 30 21.38 25.55 4.68
N PRO B 31 22.67 25.82 4.84
CA PRO B 31 23.26 26.97 4.13
C PRO B 31 23.25 26.74 2.63
N ASP B 32 23.46 27.83 1.89
CA ASP B 32 23.30 27.80 0.43
C ASP B 32 24.26 26.82 -0.24
N ASN B 33 25.44 26.61 0.32
CA ASN B 33 26.41 25.71 -0.29
C ASN B 33 26.07 24.24 -0.11
N VAL B 34 25.09 23.91 0.73
CA VAL B 34 24.73 22.52 0.99
C VAL B 34 23.63 22.16 -0.02
N GLN B 35 23.95 21.30 -0.96
CA GLN B 35 23.05 20.96 -2.06
C GLN B 35 22.37 19.61 -1.86
N SER B 36 22.83 18.83 -0.88
CA SER B 36 22.25 17.53 -0.55
C SER B 36 22.86 17.14 0.79
N VAL B 37 22.27 16.13 1.42
CA VAL B 37 22.87 15.53 2.61
C VAL B 37 22.83 14.02 2.47
N GLN B 38 23.71 13.36 3.22
CA GLN B 38 23.83 11.92 3.13
C GLN B 38 24.10 11.34 4.51
N PHE B 39 23.40 11.85 5.53
CA PHE B 39 23.57 11.34 6.88
C PHE B 39 23.34 9.82 6.91
N GLN B 40 24.11 9.13 7.73
CA GLN B 40 23.96 7.68 7.86
C GLN B 40 23.20 7.27 9.11
N ASN B 41 23.13 8.14 10.11
CA ASN B 41 22.22 7.99 11.23
C ASN B 41 21.00 8.89 11.02
N GLY B 42 19.93 8.57 11.74
CA GLY B 42 18.69 9.31 11.57
C GLY B 42 18.00 9.06 10.25
N ARG B 43 18.11 7.84 9.72
CA ARG B 43 17.55 7.48 8.42
C ARG B 43 16.51 6.38 8.61
N CYS B 44 15.26 6.70 8.27
CA CYS B 44 14.15 5.77 8.41
C CYS B 44 13.09 6.19 7.40
N THR B 45 12.61 5.24 6.62
CA THR B 45 11.55 5.55 5.68
C THR B 45 10.22 5.76 6.42
N LEU B 46 9.27 6.36 5.72
CA LEU B 46 7.97 6.60 6.35
C LEU B 46 7.24 5.30 6.66
N ASP B 47 7.56 4.19 5.99
CA ASP B 47 6.96 2.90 6.35
C ASP B 47 7.86 2.08 7.26
N GLY B 48 8.85 2.72 7.88
CA GLY B 48 9.53 2.14 9.03
C GLY B 48 10.74 1.27 8.75
N ARG B 49 11.43 1.49 7.65
CA ARG B 49 12.65 0.76 7.33
CA ARG B 49 12.65 0.76 7.33
C ARG B 49 13.85 1.61 7.70
N LEU B 50 14.68 1.10 8.62
CA LEU B 50 15.91 1.79 8.99
C LEU B 50 16.92 1.68 7.85
N VAL B 51 17.72 2.74 7.69
CA VAL B 51 18.74 2.76 6.66
C VAL B 51 20.06 3.21 7.29
N GLY B 52 21.17 2.80 6.67
CA GLY B 52 22.47 3.21 7.17
C GLY B 52 22.81 2.57 8.50
N THR B 53 23.57 3.32 9.30
CA THR B 53 23.94 2.90 10.64
C THR B 53 22.85 3.16 11.67
N THR B 54 21.73 3.72 11.23
CA THR B 54 20.67 4.17 12.13
C THR B 54 20.21 3.05 13.06
N PRO B 55 20.28 3.25 14.37
CA PRO B 55 19.62 2.34 15.31
C PRO B 55 18.21 2.84 15.63
N VAL B 56 17.40 1.94 16.16
CA VAL B 56 16.05 2.34 16.53
C VAL B 56 16.03 3.10 17.84
N SER B 57 17.07 2.98 18.67
CA SER B 57 17.12 3.58 19.99
C SER B 57 18.27 4.56 20.13
N LEU B 58 18.01 5.67 20.83
CA LEU B 58 19.06 6.63 21.11
C LEU B 58 20.19 6.05 21.94
N SER B 59 19.94 4.97 22.68
CA SER B 59 21.01 4.36 23.47
C SER B 59 22.12 3.78 22.60
N HIS B 60 21.91 3.71 21.28
CA HIS B 60 22.94 3.25 20.35
C HIS B 60 23.49 4.36 19.47
N VAL B 61 23.05 5.61 19.63
CA VAL B 61 23.35 6.67 18.68
C VAL B 61 24.68 7.34 18.99
N ALA B 62 25.54 7.40 17.98
CA ALA B 62 26.84 8.08 18.08
C ALA B 62 27.71 7.41 19.14
N LYS B 63 27.74 6.08 19.09
CA LYS B 63 28.53 5.27 20.00
C LYS B 63 29.43 4.33 19.22
N ILE B 64 30.51 3.94 19.88
CA ILE B 64 31.45 2.95 19.36
C ILE B 64 31.67 1.90 20.45
N ARG B 65 32.13 0.73 20.02
CA ARG B 65 32.55 -0.30 20.96
C ARG B 65 33.67 -1.08 20.32
N GLY B 66 34.67 -1.44 21.09
CA GLY B 66 35.75 -2.20 20.51
C GLY B 66 36.88 -2.40 21.50
N THR B 67 37.93 -3.02 20.97
CA THR B 67 39.09 -3.38 21.77
C THR B 67 40.31 -2.66 21.21
N SER B 68 40.95 -1.86 22.05
CA SER B 68 42.21 -1.24 21.71
C SER B 68 43.36 -2.19 22.01
N ASN B 69 44.35 -2.21 21.13
CA ASN B 69 45.63 -2.84 21.40
C ASN B 69 46.73 -1.80 21.61
N GLY B 70 46.35 -0.53 21.80
CA GLY B 70 47.30 0.55 21.92
C GLY B 70 47.62 1.27 20.62
N THR B 71 47.37 0.62 19.49
CA THR B 71 47.61 1.21 18.18
C THR B 71 46.33 1.37 17.37
N VAL B 72 45.47 0.36 17.38
CA VAL B 72 44.17 0.44 16.72
C VAL B 72 43.09 -0.03 17.68
N ILE B 73 41.88 0.45 17.43
CA ILE B 73 40.66 -0.04 18.05
C ILE B 73 39.96 -0.92 17.03
N ASN B 74 39.82 -2.20 17.36
CA ASN B 74 39.07 -3.14 16.55
C ASN B 74 37.61 -3.06 16.98
N LEU B 75 36.76 -2.61 16.06
CA LEU B 75 35.36 -2.33 16.40
C LEU B 75 34.55 -3.61 16.47
N THR B 76 33.53 -3.58 17.34
CA THR B 76 32.51 -4.59 17.42
C THR B 76 31.15 -3.92 17.26
N GLU B 77 30.10 -4.74 17.18
CA GLU B 77 28.77 -4.21 17.38
C GLU B 77 28.66 -3.66 18.80
N LEU B 78 27.68 -2.79 19.02
CA LEU B 78 27.62 -2.11 20.31
C LEU B 78 27.32 -3.07 21.46
N ASP B 79 26.72 -4.23 21.21
CA ASP B 79 26.51 -5.22 22.26
C ASP B 79 27.72 -6.13 22.46
N GLY B 80 28.82 -5.86 21.78
CA GLY B 80 30.02 -6.63 21.92
C GLY B 80 30.18 -7.79 20.96
N THR B 81 29.13 -8.15 20.21
CA THR B 81 29.25 -9.24 19.24
C THR B 81 30.00 -8.74 18.01
N PRO B 82 30.51 -9.64 17.18
CA PRO B 82 31.45 -9.22 16.13
C PRO B 82 30.84 -8.30 15.09
N PHE B 83 31.61 -7.28 14.71
CA PHE B 83 31.31 -6.48 13.54
C PHE B 83 32.03 -7.08 12.33
N HIS B 84 31.25 -7.42 11.30
CA HIS B 84 31.83 -7.97 10.09
C HIS B 84 31.83 -6.92 9.02
N PRO B 85 32.99 -6.42 8.59
CA PRO B 85 33.00 -5.44 7.49
C PRO B 85 32.18 -5.96 6.31
N PHE B 86 31.47 -5.04 5.67
CA PHE B 86 30.54 -5.36 4.60
C PHE B 86 30.51 -4.16 3.66
N GLU B 87 29.57 -4.17 2.72
CA GLU B 87 29.55 -3.09 1.74
C GLU B 87 29.24 -1.74 2.37
N GLY B 88 28.59 -1.73 3.54
CA GLY B 88 28.16 -0.52 4.18
C GLY B 88 29.26 0.13 4.99
N PRO B 89 28.91 1.26 5.65
CA PRO B 89 29.95 2.15 6.17
C PRO B 89 30.60 1.79 7.48
N ALA B 90 29.85 1.20 8.41
CA ALA B 90 30.31 1.10 9.79
C ALA B 90 29.33 0.28 10.61
N PRO B 91 29.66 -0.04 11.86
CA PRO B 91 28.69 -0.71 12.72
C PRO B 91 27.50 0.18 13.02
N ILE B 92 26.36 -0.46 13.26
CA ILE B 92 25.18 0.26 13.70
C ILE B 92 25.53 1.20 14.84
N GLY B 93 25.03 2.43 14.75
CA GLY B 93 25.22 3.44 15.76
C GLY B 93 26.46 4.29 15.61
N PHE B 94 27.41 3.88 14.78
CA PHE B 94 28.67 4.60 14.66
C PHE B 94 28.44 6.07 14.34
N PRO B 95 29.18 7.00 14.95
CA PRO B 95 28.93 8.42 14.66
C PRO B 95 29.11 8.73 13.19
N ASP B 96 28.29 9.69 12.70
CA ASP B 96 28.32 10.07 11.29
C ASP B 96 28.54 11.57 11.11
N LEU B 97 29.17 12.23 12.07
CA LEU B 97 29.45 13.67 11.96
C LEU B 97 30.74 13.86 11.17
N GLY B 98 30.61 14.26 9.92
CA GLY B 98 31.76 14.73 9.17
C GLY B 98 32.15 16.13 9.61
N GLY B 99 33.23 16.63 9.02
CA GLY B 99 33.60 18.02 9.19
C GLY B 99 33.93 18.45 10.61
N CYS B 100 34.54 17.56 11.39
CA CYS B 100 34.91 17.90 12.76
C CYS B 100 35.81 16.80 13.30
N ASP B 101 36.55 17.13 14.36
CA ASP B 101 37.16 16.13 15.21
C ASP B 101 36.15 15.73 16.27
N TRP B 102 36.12 14.45 16.61
CA TRP B 102 35.26 13.93 17.66
C TRP B 102 36.03 13.83 18.96
N HIS B 103 35.32 14.00 20.07
CA HIS B 103 35.85 13.70 21.38
C HIS B 103 34.85 12.77 22.04
N ILE B 104 35.27 11.52 22.17
CA ILE B 104 34.41 10.40 22.56
C ILE B 104 34.77 10.03 23.98
N ASN B 105 33.76 9.91 24.83
CA ASN B 105 33.98 9.54 26.22
C ASN B 105 33.95 8.02 26.32
N MET B 106 35.08 7.43 26.70
CA MET B 106 35.26 5.99 26.74
C MET B 106 35.13 5.50 28.17
N THR B 107 34.28 4.50 28.38
CA THR B 107 34.12 3.84 29.67
C THR B 107 34.23 2.34 29.48
N GLN B 108 34.21 1.62 30.61
CA GLN B 108 34.47 0.19 30.60
C GLN B 108 33.57 -0.53 31.59
N PHE B 109 33.20 -1.74 31.25
CA PHE B 109 32.53 -2.65 32.17
C PHE B 109 33.58 -3.38 33.00
N GLY B 110 33.58 -3.13 34.31
CA GLY B 110 34.55 -3.78 35.17
C GLY B 110 35.80 -2.98 35.45
N HIS B 111 35.86 -1.72 35.03
CA HIS B 111 36.94 -0.81 35.39
C HIS B 111 36.36 0.56 35.70
N SER B 112 37.01 1.24 36.65
CA SER B 112 36.71 2.63 36.95
C SER B 112 37.14 3.57 35.83
N SER B 113 36.63 4.79 35.89
CA SER B 113 37.14 5.95 35.17
C SER B 113 36.60 6.11 33.76
N GLN B 114 36.80 7.28 33.19
CA GLN B 114 36.47 7.55 31.80
C GLN B 114 37.71 8.14 31.14
N THR B 115 37.75 8.03 29.81
CA THR B 115 38.89 8.52 29.05
C THR B 115 38.38 9.23 27.80
N GLN B 116 38.91 10.42 27.53
CA GLN B 116 38.56 11.13 26.31
C GLN B 116 39.38 10.60 25.14
N TYR B 117 38.68 10.19 24.08
CA TYR B 117 39.28 9.64 22.87
C TYR B 117 39.09 10.68 21.77
N ASP B 118 40.20 11.18 21.25
CA ASP B 118 40.20 12.26 20.27
C ASP B 118 40.32 11.65 18.88
N VAL B 119 39.32 11.91 18.03
CA VAL B 119 39.21 11.24 16.74
C VAL B 119 39.25 12.27 15.61
N ASP B 120 40.34 12.26 14.85
CA ASP B 120 40.43 12.87 13.52
C ASP B 120 39.94 11.84 12.53
N THR B 121 38.89 12.17 11.77
CA THR B 121 38.32 11.18 10.87
C THR B 121 38.96 11.19 9.49
N THR B 122 39.99 12.01 9.28
CA THR B 122 40.58 12.15 7.95
C THR B 122 41.77 11.24 7.63
N PRO B 123 42.50 10.69 8.59
CA PRO B 123 43.71 9.95 8.24
C PRO B 123 43.42 8.55 7.69
N ASP B 124 44.46 7.96 7.08
CA ASP B 124 44.34 6.65 6.47
C ASP B 124 44.02 5.57 7.49
N THR B 125 44.28 5.83 8.77
CA THR B 125 44.02 4.87 9.83
C THR B 125 42.56 4.83 10.24
N PHE B 126 41.75 5.79 9.78
CA PHE B 126 40.33 5.85 10.14
C PHE B 126 39.54 5.09 9.08
N VAL B 127 39.33 3.80 9.31
CA VAL B 127 38.66 2.94 8.35
C VAL B 127 37.60 2.09 9.05
N PRO B 128 36.58 2.72 9.64
CA PRO B 128 35.51 1.92 10.28
C PRO B 128 34.80 0.98 9.31
N HIS B 129 34.80 1.32 8.02
CA HIS B 129 34.25 0.42 7.01
C HIS B 129 34.97 -0.92 7.01
N LEU B 130 36.24 -0.94 7.44
CA LEU B 130 36.99 -2.19 7.57
C LEU B 130 37.18 -2.60 9.03
N GLY B 131 36.47 -1.95 9.95
CA GLY B 131 36.44 -2.39 11.33
C GLY B 131 37.54 -1.87 12.22
N SER B 132 38.30 -0.87 11.80
CA SER B 132 39.34 -0.39 12.70
C SER B 132 39.54 1.11 12.55
N ILE B 133 39.90 1.73 13.68
CA ILE B 133 40.20 3.14 13.76
C ILE B 133 41.39 3.29 14.69
N GLN B 134 42.13 4.39 14.51
CA GLN B 134 43.34 4.58 15.30
C GLN B 134 43.02 4.73 16.78
N ALA B 135 43.88 4.15 17.62
CA ALA B 135 43.68 4.24 19.07
C ALA B 135 44.03 5.63 19.58
N ASN B 136 44.93 6.33 18.91
CA ASN B 136 45.39 7.65 19.32
C ASN B 136 45.58 7.76 20.83
N GLY B 137 46.35 6.82 21.37
CA GLY B 137 46.75 6.87 22.76
C GLY B 137 45.84 6.15 23.74
N ILE B 138 44.70 5.64 23.29
CA ILE B 138 43.82 4.86 24.16
C ILE B 138 44.50 3.52 24.46
N GLY B 139 44.76 3.26 25.75
CA GLY B 139 45.46 2.05 26.12
C GLY B 139 44.66 0.79 25.87
N SER B 140 45.38 -0.33 25.85
CA SER B 140 44.76 -1.61 25.56
C SER B 140 43.58 -1.87 26.48
N GLY B 141 42.53 -2.45 25.93
CA GLY B 141 41.36 -2.79 26.70
C GLY B 141 40.11 -2.72 25.85
N ASN B 142 39.00 -3.13 26.47
CA ASN B 142 37.69 -3.09 25.85
C ASN B 142 36.91 -1.88 26.35
N TYR B 143 36.32 -1.14 25.42
CA TYR B 143 35.65 0.09 25.76
C TYR B 143 34.32 0.25 25.03
N VAL B 144 33.43 1.00 25.66
CA VAL B 144 32.27 1.60 24.98
CA VAL B 144 32.27 1.60 24.98
C VAL B 144 32.48 3.11 25.01
N GLY B 145 32.20 3.76 23.90
CA GLY B 145 32.37 5.20 23.78
C GLY B 145 31.15 5.89 23.24
N VAL B 146 30.87 7.08 23.74
CA VAL B 146 29.78 7.91 23.24
C VAL B 146 30.35 9.29 22.91
N LEU B 147 29.91 9.84 21.78
CA LEU B 147 30.32 11.18 21.40
C LEU B 147 29.93 12.17 22.48
N SER B 148 30.89 13.00 22.89
CA SER B 148 30.71 13.94 23.99
C SER B 148 30.74 15.39 23.53
N TRP B 149 31.74 15.76 22.74
CA TRP B 149 31.87 17.12 22.23
C TRP B 149 32.71 17.05 20.97
N ILE B 150 32.69 18.15 20.19
CA ILE B 150 33.39 18.19 18.92
C ILE B 150 34.23 19.47 18.85
N SER B 151 35.11 19.51 17.86
CA SER B 151 35.97 20.66 17.61
C SER B 151 36.29 20.69 16.12
N PRO B 152 36.94 21.76 15.65
CA PRO B 152 37.23 21.86 14.23
C PRO B 152 38.09 20.69 13.77
N PRO B 153 37.97 20.28 12.51
CA PRO B 153 38.76 19.14 12.05
C PRO B 153 40.26 19.46 12.06
N SER B 154 41.04 18.45 12.40
CA SER B 154 42.50 18.60 12.42
C SER B 154 43.07 18.79 11.03
N HIS B 155 42.38 18.26 10.02
CA HIS B 155 42.80 18.39 8.62
C HIS B 155 41.55 18.56 7.77
N PRO B 156 41.58 19.42 6.74
CA PRO B 156 42.67 20.35 6.45
C PRO B 156 42.77 21.39 7.58
N SER B 157 43.99 21.73 7.96
CA SER B 157 44.21 22.70 9.04
C SER B 157 43.48 24.00 8.73
N GLY B 158 42.78 24.52 9.73
CA GLY B 158 42.09 25.78 9.60
C GLY B 158 40.70 25.70 9.02
N SER B 159 40.25 24.53 8.61
CA SER B 159 38.88 24.36 8.15
C SER B 159 37.92 24.49 9.33
N GLN B 160 36.67 24.81 9.03
CA GLN B 160 35.68 25.03 10.06
C GLN B 160 34.84 23.79 10.29
N VAL B 161 34.18 23.76 11.44
CA VAL B 161 33.22 22.70 11.71
C VAL B 161 32.13 22.77 10.65
N ASP B 162 31.81 21.62 10.05
CA ASP B 162 30.79 21.53 9.00
C ASP B 162 30.01 20.23 9.22
N LEU B 163 28.93 20.32 9.99
CA LEU B 163 28.18 19.14 10.38
C LEU B 163 27.17 18.70 9.33
N TRP B 164 27.15 19.34 8.15
CA TRP B 164 26.37 18.86 7.03
C TRP B 164 27.06 17.70 6.32
N LYS B 165 28.29 17.38 6.72
CA LYS B 165 29.09 16.33 6.10
C LYS B 165 29.01 15.04 6.90
N ILE B 166 29.43 13.95 6.25
CA ILE B 166 29.64 12.67 6.91
C ILE B 166 31.13 12.32 6.84
N PRO B 167 31.63 11.43 7.67
CA PRO B 167 33.06 11.11 7.66
C PRO B 167 33.43 10.17 6.52
N ASN B 168 34.74 10.06 6.30
CA ASN B 168 35.29 9.15 5.30
C ASN B 168 35.47 7.77 5.93
N TYR B 169 34.40 6.96 5.85
CA TYR B 169 34.39 5.66 6.50
C TYR B 169 35.38 4.69 5.88
N GLY B 170 35.64 4.84 4.59
CA GLY B 170 36.46 3.91 3.85
C GLY B 170 37.91 4.35 3.77
N SER B 171 38.63 3.76 2.83
CA SER B 171 40.05 4.06 2.63
C SER B 171 40.23 4.70 1.25
N THR B 177 32.34 2.92 -0.40
CA THR B 177 31.35 2.41 0.54
C THR B 177 29.93 2.56 0.01
N HIS B 178 29.10 1.55 0.26
CA HIS B 178 27.67 1.58 -0.04
C HIS B 178 26.93 2.25 1.11
N LEU B 179 26.49 3.48 0.89
CA LEU B 179 25.92 4.32 1.92
C LEU B 179 24.40 4.41 1.78
N ALA B 180 23.75 4.73 2.89
CA ALA B 180 22.38 5.21 2.79
C ALA B 180 22.35 6.35 1.77
N PRO B 181 21.34 6.42 0.91
CA PRO B 181 21.39 7.35 -0.21
C PRO B 181 21.27 8.80 0.19
N SER B 182 21.72 9.67 -0.70
CA SER B 182 21.60 11.10 -0.47
C SER B 182 20.14 11.53 -0.52
N VAL B 183 19.86 12.62 0.17
CA VAL B 183 18.55 13.26 0.19
C VAL B 183 18.71 14.61 -0.50
N TYR B 184 17.81 14.89 -1.44
CA TYR B 184 17.88 16.07 -2.26
C TYR B 184 16.63 16.91 -2.09
N PRO B 185 16.73 18.23 -2.15
CA PRO B 185 15.51 19.04 -2.23
C PRO B 185 14.73 18.63 -3.46
N PRO B 186 13.42 18.42 -3.34
CA PRO B 186 12.68 17.75 -4.44
C PRO B 186 12.16 18.66 -5.54
N GLY B 187 12.31 19.97 -5.42
CA GLY B 187 11.77 20.90 -6.39
C GLY B 187 10.63 21.71 -5.82
N PHE B 188 9.96 22.43 -6.71
CA PHE B 188 8.74 23.17 -6.36
C PHE B 188 9.01 24.21 -5.27
N GLY B 189 10.22 24.77 -5.26
CA GLY B 189 10.58 25.74 -4.26
C GLY B 189 10.80 25.19 -2.87
N GLU B 190 10.80 23.88 -2.72
CA GLU B 190 10.91 23.25 -1.42
C GLU B 190 12.38 23.12 -1.02
N VAL B 191 12.63 23.27 0.29
CA VAL B 191 13.96 23.09 0.86
C VAL B 191 13.86 22.04 1.95
N LEU B 192 14.96 21.34 2.18
CA LEU B 192 15.01 20.34 3.23
C LEU B 192 14.90 21.00 4.60
N VAL B 193 14.23 20.33 5.50
CA VAL B 193 14.03 20.80 6.87
C VAL B 193 14.82 19.91 7.81
N PHE B 194 15.51 20.53 8.75
CA PHE B 194 16.36 19.80 9.68
C PHE B 194 16.00 20.11 11.12
N PHE B 195 16.12 19.09 11.96
CA PHE B 195 15.96 19.21 13.40
C PHE B 195 17.34 19.42 14.01
N MET B 196 17.54 20.54 14.68
CA MET B 196 18.85 20.99 15.11
C MET B 196 19.03 20.79 16.61
N SER B 197 20.27 20.47 17.01
CA SER B 197 20.64 20.38 18.41
C SER B 197 21.94 21.12 18.66
N LYS B 198 22.04 21.75 19.84
CA LYS B 198 23.30 22.35 20.26
C LYS B 198 24.29 21.27 20.69
N MET B 199 25.47 21.29 20.09
CA MET B 199 26.52 20.33 20.39
C MET B 199 27.64 21.02 21.15
N PRO B 200 28.04 20.50 22.31
CA PRO B 200 29.15 21.12 23.06
C PRO B 200 30.45 21.12 22.28
N GLY B 201 31.31 22.05 22.66
CA GLY B 201 32.57 22.27 21.99
C GLY B 201 32.83 23.75 21.82
N PRO B 202 34.02 24.10 21.32
CA PRO B 202 34.48 25.50 21.31
C PRO B 202 33.89 26.41 20.26
N GLY B 203 32.61 26.19 19.92
CA GLY B 203 31.90 27.07 19.01
C GLY B 203 30.41 26.99 19.28
N ALA B 204 29.65 27.69 18.44
CA ALA B 204 28.18 27.66 18.50
C ALA B 204 27.69 26.61 17.50
N TYR B 205 27.88 25.35 17.88
CA TYR B 205 27.68 24.25 16.95
C TYR B 205 26.23 23.78 17.00
N ASN B 206 25.64 23.61 15.83
CA ASN B 206 24.27 23.12 15.68
C ASN B 206 24.28 21.92 14.76
N LEU B 207 23.86 20.78 15.28
CA LEU B 207 23.89 19.50 14.59
C LEU B 207 22.55 19.26 13.93
N PRO B 208 22.49 19.18 12.60
CA PRO B 208 21.22 18.89 11.92
C PRO B 208 20.98 17.40 11.75
N CYS B 209 19.71 17.01 11.81
CA CYS B 209 19.30 15.65 11.46
C CYS B 209 17.97 15.72 10.74
N LEU B 210 17.63 14.60 10.06
CA LEU B 210 16.44 14.58 9.22
C LEU B 210 15.17 14.25 10.00
N LEU B 211 15.28 13.48 11.09
CA LEU B 211 14.13 13.02 11.87
C LEU B 211 14.51 12.95 13.33
N PRO B 212 13.65 13.38 14.24
CA PRO B 212 13.90 13.10 15.66
C PRO B 212 13.98 11.61 15.89
N GLN B 213 14.80 11.19 16.84
CA GLN B 213 14.95 9.77 17.09
C GLN B 213 13.62 9.13 17.47
N GLU B 214 12.78 9.85 18.22
CA GLU B 214 11.51 9.27 18.66
C GLU B 214 10.54 9.08 17.51
N TYR B 215 10.70 9.85 16.43
CA TYR B 215 9.95 9.56 15.21
C TYR B 215 10.38 8.23 14.61
N ILE B 216 11.69 7.96 14.64
CA ILE B 216 12.23 6.75 14.05
C ILE B 216 11.68 5.52 14.76
N SER B 217 11.72 5.50 16.10
CA SER B 217 11.19 4.33 16.80
CA SER B 217 11.19 4.35 16.82
C SER B 217 9.70 4.19 16.57
N HIS B 218 8.96 5.29 16.42
CA HIS B 218 7.54 5.23 16.08
C HIS B 218 7.32 4.63 14.70
N LEU B 219 7.99 5.17 13.68
CA LEU B 219 7.81 4.66 12.32
C LEU B 219 8.22 3.20 12.21
N ALA B 220 9.34 2.82 12.85
CA ALA B 220 9.83 1.46 12.76
C ALA B 220 8.85 0.46 13.37
N SER B 221 8.14 0.88 14.42
CA SER B 221 7.14 0.03 15.05
C SER B 221 5.84 0.01 14.25
N GLU B 222 5.38 1.17 13.77
CA GLU B 222 4.09 1.27 13.11
C GLU B 222 4.09 0.62 11.73
N GLN B 223 5.13 0.89 10.93
CA GLN B 223 5.21 0.39 9.55
C GLN B 223 3.91 0.65 8.80
N ALA B 224 3.46 1.90 8.89
CA ALA B 224 2.25 2.34 8.22
C ALA B 224 2.44 2.35 6.71
N PRO B 225 1.42 1.94 5.95
CA PRO B 225 1.55 1.95 4.48
C PRO B 225 1.79 3.35 3.92
N THR B 226 2.76 3.45 3.02
CA THR B 226 3.04 4.70 2.30
C THR B 226 2.12 4.71 1.08
N VAL B 227 1.00 5.43 1.18
CA VAL B 227 -0.03 5.30 0.16
C VAL B 227 -0.08 6.53 -0.77
N GLY B 228 0.86 7.45 -0.64
CA GLY B 228 0.97 8.58 -1.54
C GLY B 228 2.42 8.95 -1.74
N GLU B 229 2.64 9.93 -2.61
CA GLU B 229 4.01 10.36 -2.92
C GLU B 229 4.59 11.23 -1.81
N ALA B 230 3.75 11.87 -1.01
CA ALA B 230 4.23 12.71 0.08
C ALA B 230 3.12 12.81 1.11
N ALA B 231 3.53 12.96 2.37
CA ALA B 231 2.58 13.14 3.47
C ALA B 231 2.53 14.62 3.81
N LEU B 232 1.38 15.24 3.58
CA LEU B 232 1.17 16.62 4.01
C LEU B 232 1.03 16.68 5.52
N LEU B 233 1.85 17.51 6.15
CA LEU B 233 1.83 17.70 7.59
C LEU B 233 1.49 19.15 7.91
N HIS B 234 0.90 19.36 9.10
CA HIS B 234 0.83 20.67 9.71
C HIS B 234 1.71 20.68 10.95
N TYR B 235 2.43 21.77 11.16
CA TYR B 235 3.14 22.01 12.41
C TYR B 235 2.19 22.81 13.29
N VAL B 236 1.70 22.21 14.37
CA VAL B 236 0.55 22.70 15.11
C VAL B 236 0.95 23.16 16.50
N ASP B 237 0.35 24.27 16.92
CA ASP B 237 0.43 24.74 18.30
C ASP B 237 -0.46 23.87 19.16
N PRO B 238 0.09 23.13 20.13
CA PRO B 238 -0.77 22.21 20.91
C PRO B 238 -1.80 22.91 21.78
N ASP B 239 -1.62 24.20 22.09
CA ASP B 239 -2.60 24.92 22.89
C ASP B 239 -3.83 25.31 22.07
N THR B 240 -3.62 25.99 20.95
CA THR B 240 -4.70 26.55 20.16
C THR B 240 -5.12 25.64 19.01
N GLY B 241 -4.28 24.67 18.66
CA GLY B 241 -4.49 23.89 17.46
C GLY B 241 -4.19 24.61 16.17
N ARG B 242 -3.63 25.81 16.25
CA ARG B 242 -3.37 26.59 15.04
C ARG B 242 -2.30 25.93 14.18
N ASN B 243 -2.50 25.97 12.87
CA ASN B 243 -1.52 25.50 11.91
C ASN B 243 -0.45 26.58 11.75
N LEU B 244 0.77 26.27 12.21
CA LEU B 244 1.88 27.20 12.12
C LEU B 244 2.65 27.09 10.81
N GLY B 245 2.41 26.04 10.02
CA GLY B 245 3.11 25.87 8.77
C GLY B 245 2.87 24.53 8.10
N GLU B 246 2.77 24.53 6.78
CA GLU B 246 2.63 23.32 6.00
C GLU B 246 3.99 22.74 5.64
N PHE B 247 4.11 21.43 5.78
CA PHE B 247 5.32 20.69 5.46
C PHE B 247 4.93 19.43 4.68
N LYS B 248 5.89 18.90 3.91
CA LYS B 248 5.71 17.60 3.28
C LYS B 248 6.80 16.66 3.79
N ALA B 249 6.39 15.44 4.13
CA ALA B 249 7.30 14.36 4.47
C ALA B 249 7.33 13.38 3.29
N TYR B 250 8.53 13.01 2.88
CA TYR B 250 8.70 12.15 1.73
C TYR B 250 9.08 10.74 2.15
N PRO B 251 8.74 9.74 1.33
CA PRO B 251 8.92 8.34 1.74
C PRO B 251 10.32 7.98 2.22
N ASP B 252 11.38 8.55 1.62
CA ASP B 252 12.72 8.20 2.05
C ASP B 252 13.00 8.63 3.49
N GLY B 253 12.17 9.50 4.05
CA GLY B 253 12.28 9.86 5.45
C GLY B 253 12.85 11.24 5.70
N PHE B 254 12.26 12.26 5.09
CA PHE B 254 12.70 13.62 5.31
C PHE B 254 11.52 14.56 5.08
N LEU B 255 11.66 15.77 5.63
CA LEU B 255 10.64 16.80 5.54
C LEU B 255 11.13 17.97 4.71
N THR B 256 10.18 18.68 4.11
CA THR B 256 10.46 19.89 3.38
C THR B 256 9.43 20.95 3.71
N CYS B 257 9.77 22.18 3.37
CA CYS B 257 8.82 23.28 3.38
C CYS B 257 9.23 24.26 2.30
N VAL B 258 8.35 25.21 2.02
CA VAL B 258 8.69 26.37 1.21
C VAL B 258 8.89 27.54 2.18
N PRO B 259 10.10 28.09 2.30
CA PRO B 259 10.28 29.27 3.16
C PRO B 259 9.67 30.51 2.54
N ASN B 260 9.23 31.42 3.40
CA ASN B 260 8.62 32.66 2.94
C ASN B 260 9.68 33.69 2.56
N GLY B 265 10.80 32.11 8.02
CA GLY B 265 11.03 30.74 7.63
C GLY B 265 10.89 29.77 8.79
N PRO B 266 11.21 28.50 8.55
CA PRO B 266 11.05 27.51 9.64
C PRO B 266 11.95 27.79 10.82
N GLN B 267 13.08 28.47 10.62
CA GLN B 267 13.97 28.78 11.73
C GLN B 267 13.32 29.73 12.73
N GLN B 268 12.30 30.47 12.31
CA GLN B 268 11.61 31.41 13.20
C GLN B 268 10.42 30.78 13.90
N LEU B 269 10.08 29.53 13.60
CA LEU B 269 8.96 28.87 14.24
C LEU B 269 9.29 28.51 15.68
N PRO B 270 8.30 28.50 16.58
CA PRO B 270 8.54 27.96 17.92
C PRO B 270 8.90 26.49 17.84
N ILE B 271 9.66 26.02 18.83
CA ILE B 271 10.14 24.64 18.83
C ILE B 271 9.27 23.73 19.67
N ASN B 272 8.18 24.24 20.24
CA ASN B 272 7.33 23.47 21.13
C ASN B 272 6.05 23.00 20.46
N GLY B 273 6.02 22.96 19.12
CA GLY B 273 4.88 22.48 18.39
C GLY B 273 4.96 20.99 18.08
N VAL B 274 3.92 20.51 17.40
CA VAL B 274 3.72 19.10 17.11
C VAL B 274 3.47 18.96 15.61
N PHE B 275 4.19 18.04 14.96
CA PHE B 275 3.88 17.70 13.57
C PHE B 275 2.71 16.73 13.53
N VAL B 276 1.71 17.05 12.71
CA VAL B 276 0.48 16.26 12.62
C VAL B 276 0.24 15.91 11.15
N PHE B 277 0.03 14.62 10.88
CA PHE B 277 -0.31 14.16 9.54
C PHE B 277 -1.70 14.66 9.14
N VAL B 278 -1.81 15.17 7.92
CA VAL B 278 -3.07 15.67 7.39
C VAL B 278 -3.60 14.77 6.28
N SER B 279 -2.77 14.45 5.29
CA SER B 279 -3.23 13.70 4.14
C SER B 279 -2.03 13.30 3.29
N TRP B 280 -2.18 12.18 2.59
CA TRP B 280 -1.27 11.84 1.51
C TRP B 280 -1.59 12.70 0.29
N VAL B 281 -0.55 13.21 -0.37
CA VAL B 281 -0.70 14.10 -1.51
C VAL B 281 0.33 13.72 -2.58
N SER B 282 0.15 14.28 -3.78
CA SER B 282 1.12 14.05 -4.84
C SER B 282 2.37 14.89 -4.59
N ARG B 283 3.47 14.49 -5.22
CA ARG B 283 4.71 15.27 -5.11
C ARG B 283 4.53 16.69 -5.66
N PHE B 284 3.53 16.90 -6.52
CA PHE B 284 3.30 18.22 -7.08
C PHE B 284 2.54 19.16 -6.14
N TYR B 285 2.07 18.67 -4.99
CA TYR B 285 1.29 19.52 -4.09
C TYR B 285 2.12 20.73 -3.66
N GLN B 286 1.62 21.91 -3.95
CA GLN B 286 2.34 23.16 -3.68
C GLN B 286 2.05 23.61 -2.25
N LEU B 287 3.10 23.79 -1.46
CA LEU B 287 2.94 24.21 -0.08
C LEU B 287 2.79 25.73 0.03
N LYS B 288 2.01 26.15 1.01
CA LYS B 288 1.98 27.56 1.38
C LYS B 288 3.29 27.92 2.08
N PRO B 289 3.94 29.02 1.73
CA PRO B 289 5.20 29.37 2.40
C PRO B 289 5.02 29.50 3.90
N VAL B 290 6.03 29.04 4.63
CA VAL B 290 6.02 29.11 6.09
C VAL B 290 6.31 30.54 6.54
N ARG C 3 5.14 3.12 -18.43
CA ARG C 3 4.86 1.69 -18.47
C ARG C 3 5.49 1.06 -19.72
N PRO C 4 6.18 -0.07 -19.55
CA PRO C 4 6.70 -0.77 -20.74
C PRO C 4 5.56 -1.40 -21.51
N PHE C 5 5.71 -1.46 -22.84
CA PHE C 5 4.66 -2.00 -23.68
C PHE C 5 4.51 -3.51 -23.44
N THR C 6 3.27 -3.96 -23.29
CA THR C 6 2.97 -5.37 -23.16
C THR C 6 1.62 -5.62 -23.82
N LEU C 7 1.37 -6.88 -24.14
CA LEU C 7 0.06 -7.34 -24.54
C LEU C 7 -0.41 -8.39 -23.53
N PRO C 8 -1.72 -8.57 -23.36
CA PRO C 8 -2.19 -9.54 -22.37
C PRO C 8 -1.67 -10.94 -22.61
N ASN C 9 -1.35 -11.62 -21.51
CA ASN C 9 -0.89 -13.02 -21.55
C ASN C 9 -2.10 -13.95 -21.52
N LEU C 10 -2.89 -13.87 -22.58
CA LEU C 10 -4.13 -14.61 -22.70
C LEU C 10 -4.22 -15.25 -24.08
N PRO C 11 -4.67 -16.50 -24.18
CA PRO C 11 -4.75 -17.14 -25.49
C PRO C 11 -5.85 -16.49 -26.33
N LEU C 12 -5.58 -16.38 -27.64
CA LEU C 12 -6.45 -15.59 -28.50
C LEU C 12 -7.88 -16.11 -28.49
N SER C 13 -8.06 -17.43 -28.50
CA SER C 13 -9.42 -17.97 -28.59
C SER C 13 -10.22 -17.76 -27.31
N SER C 14 -9.61 -17.24 -26.25
CA SER C 14 -10.35 -16.87 -25.06
C SER C 14 -10.83 -15.42 -25.11
N LEU C 15 -10.51 -14.68 -26.17
CA LEU C 15 -10.77 -13.25 -26.26
C LEU C 15 -11.92 -12.98 -27.22
N SER C 16 -12.29 -11.70 -27.32
CA SER C 16 -13.47 -11.28 -28.06
CA SER C 16 -13.47 -11.29 -28.06
C SER C 16 -13.10 -10.41 -29.25
N ASN C 17 -13.93 -10.50 -30.29
CA ASN C 17 -13.94 -9.52 -31.35
C ASN C 17 -14.22 -8.13 -30.76
N SER C 18 -13.77 -7.10 -31.46
CA SER C 18 -14.04 -5.73 -31.05
C SER C 18 -15.10 -5.05 -31.91
N ARG C 19 -15.67 -5.76 -32.89
CA ARG C 19 -16.78 -5.21 -33.68
C ARG C 19 -18.11 -5.87 -33.38
N ALA C 20 -18.12 -6.95 -32.60
CA ALA C 20 -19.33 -7.58 -32.12
C ALA C 20 -18.96 -8.43 -30.93
N PRO C 21 -19.90 -8.76 -30.06
CA PRO C 21 -19.58 -9.51 -28.83
C PRO C 21 -19.44 -11.00 -29.07
N LEU C 22 -18.41 -11.36 -29.83
CA LEU C 22 -18.22 -12.72 -30.32
C LEU C 22 -16.82 -13.23 -29.97
N PRO C 23 -16.70 -14.50 -29.60
CA PRO C 23 -15.36 -15.06 -29.38
C PRO C 23 -14.54 -15.05 -30.66
N ILE C 24 -13.23 -14.93 -30.48
CA ILE C 24 -12.29 -15.03 -31.61
CA ILE C 24 -12.30 -15.04 -31.60
C ILE C 24 -12.13 -16.51 -31.97
N SER C 25 -12.29 -16.81 -33.26
CA SER C 25 -12.19 -18.18 -33.75
C SER C 25 -11.04 -18.42 -34.72
N SER C 26 -10.42 -17.37 -35.26
CA SER C 26 -9.26 -17.58 -36.13
C SER C 26 -8.51 -16.27 -36.36
N ILE C 27 -7.29 -16.40 -36.89
CA ILE C 27 -6.53 -15.30 -37.45
C ILE C 27 -6.72 -15.34 -38.95
N GLY C 28 -6.90 -14.18 -39.57
CA GLY C 28 -7.15 -14.13 -41.00
C GLY C 28 -6.44 -12.96 -41.66
N ILE C 29 -6.39 -13.02 -42.98
CA ILE C 29 -5.97 -11.91 -43.80
C ILE C 29 -7.13 -11.55 -44.73
N SER C 30 -7.05 -10.38 -45.34
CA SER C 30 -8.16 -9.91 -46.14
C SER C 30 -8.11 -10.51 -47.54
N PRO C 31 -9.26 -10.60 -48.22
CA PRO C 31 -9.26 -11.06 -49.61
C PRO C 31 -8.54 -10.06 -50.51
N ASP C 32 -8.20 -10.53 -51.71
CA ASP C 32 -7.36 -9.74 -52.61
C ASP C 32 -7.99 -8.41 -52.97
N ASN C 33 -9.32 -8.32 -53.01
CA ASN C 33 -9.99 -7.09 -53.39
C ASN C 33 -10.01 -6.03 -52.28
N VAL C 34 -9.65 -6.41 -51.06
CA VAL C 34 -9.66 -5.48 -49.92
C VAL C 34 -8.27 -4.86 -49.83
N GLN C 35 -8.20 -3.56 -50.12
CA GLN C 35 -6.92 -2.87 -50.18
C GLN C 35 -6.64 -2.01 -48.95
N SER C 36 -7.64 -1.79 -48.10
CA SER C 36 -7.50 -1.03 -46.88
C SER C 36 -8.74 -1.31 -46.06
N VAL C 37 -8.71 -0.94 -44.78
CA VAL C 37 -9.91 -1.02 -43.95
C VAL C 37 -10.06 0.27 -43.17
N GLN C 38 -11.28 0.54 -42.74
CA GLN C 38 -11.59 1.77 -42.04
C GLN C 38 -12.61 1.51 -40.93
N PHE C 39 -12.43 0.41 -40.21
CA PHE C 39 -13.34 0.09 -39.12
C PHE C 39 -13.40 1.24 -38.13
N GLN C 40 -14.58 1.47 -37.57
CA GLN C 40 -14.77 2.53 -36.58
C GLN C 40 -14.81 2.00 -35.14
N ASN C 41 -15.09 0.71 -34.98
CA ASN C 41 -14.92 0.03 -33.71
C ASN C 41 -13.64 -0.80 -33.75
N GLY C 42 -13.15 -1.16 -32.57
CA GLY C 42 -11.91 -1.90 -32.49
C GLY C 42 -10.70 -1.08 -32.89
N ARG C 43 -10.72 0.23 -32.62
CA ARG C 43 -9.63 1.13 -32.98
C ARG C 43 -9.01 1.71 -31.72
N CYS C 44 -7.74 1.37 -31.49
CA CYS C 44 -7.01 1.83 -30.32
C CYS C 44 -5.54 1.87 -30.69
N THR C 45 -4.88 2.99 -30.43
CA THR C 45 -3.46 3.07 -30.71
C THR C 45 -2.68 2.25 -29.69
N LEU C 46 -1.42 1.99 -30.00
CA LEU C 46 -0.60 1.20 -29.08
C LEU C 46 -0.35 1.96 -27.77
N ASP C 47 -0.44 3.29 -27.75
CA ASP C 47 -0.32 4.03 -26.50
C ASP C 47 -1.68 4.35 -25.88
N GLY C 48 -2.72 3.66 -26.32
CA GLY C 48 -3.98 3.60 -25.60
C GLY C 48 -5.00 4.67 -25.91
N ARG C 49 -4.96 5.26 -27.10
CA ARG C 49 -5.94 6.27 -27.51
CA ARG C 49 -5.95 6.26 -27.49
C ARG C 49 -7.05 5.58 -28.30
N LEU C 50 -8.28 5.63 -27.80
CA LEU C 50 -9.41 5.09 -28.53
C LEU C 50 -9.75 6.01 -29.71
N VAL C 51 -10.18 5.41 -30.80
CA VAL C 51 -10.53 6.16 -31.99
C VAL C 51 -11.88 5.70 -32.50
N GLY C 52 -12.59 6.60 -33.19
CA GLY C 52 -13.88 6.23 -33.75
C GLY C 52 -14.93 6.03 -32.68
N THR C 53 -15.85 5.09 -32.95
CA THR C 53 -16.90 4.75 -32.00
C THR C 53 -16.44 3.74 -30.94
N THR C 54 -15.18 3.34 -30.98
CA THR C 54 -14.64 2.28 -30.13
C THR C 54 -14.91 2.55 -28.65
N PRO C 55 -15.61 1.66 -27.95
CA PRO C 55 -15.67 1.72 -26.49
C PRO C 55 -14.55 0.88 -25.88
N VAL C 56 -14.28 1.14 -24.60
CA VAL C 56 -13.25 0.35 -23.95
C VAL C 56 -13.76 -1.02 -23.50
N SER C 57 -15.08 -1.21 -23.40
CA SER C 57 -15.66 -2.45 -22.89
CA SER C 57 -15.64 -2.46 -22.90
C SER C 57 -16.56 -3.10 -23.92
N LEU C 58 -16.54 -4.44 -23.96
CA LEU C 58 -17.41 -5.17 -24.86
C LEU C 58 -18.89 -4.95 -24.54
N SER C 59 -19.22 -4.54 -23.32
CA SER C 59 -20.62 -4.31 -22.99
C SER C 59 -21.22 -3.13 -23.76
N HIS C 60 -20.39 -2.36 -24.48
CA HIS C 60 -20.88 -1.28 -25.34
C HIS C 60 -20.71 -1.57 -26.82
N VAL C 61 -20.24 -2.76 -27.21
CA VAL C 61 -19.83 -3.00 -28.59
C VAL C 61 -21.02 -3.48 -29.42
N ALA C 62 -21.23 -2.80 -30.54
CA ALA C 62 -22.28 -3.13 -31.52
C ALA C 62 -23.66 -3.05 -30.88
N LYS C 63 -23.89 -1.97 -30.15
CA LYS C 63 -25.14 -1.70 -29.48
C LYS C 63 -25.67 -0.33 -29.88
N ILE C 64 -26.99 -0.19 -29.76
CA ILE C 64 -27.68 1.06 -29.99
C ILE C 64 -28.61 1.31 -28.80
N ARG C 65 -28.97 2.58 -28.63
CA ARG C 65 -29.97 2.96 -27.65
C ARG C 65 -30.70 4.17 -28.17
N GLY C 66 -32.01 4.23 -27.95
CA GLY C 66 -32.75 5.37 -28.42
C GLY C 66 -34.24 5.19 -28.24
N THR C 67 -34.96 6.18 -28.74
CA THR C 67 -36.41 6.26 -28.61
C THR C 67 -37.02 6.22 -30.01
N SER C 68 -37.86 5.23 -30.25
CA SER C 68 -38.67 5.17 -31.46
C SER C 68 -39.93 6.00 -31.27
N ASN C 69 -40.32 6.71 -32.33
CA ASN C 69 -41.64 7.29 -32.44
C ASN C 69 -42.51 6.54 -33.45
N GLY C 70 -42.09 5.34 -33.86
CA GLY C 70 -42.78 4.57 -34.86
C GLY C 70 -42.27 4.76 -36.28
N THR C 71 -41.60 5.87 -36.54
CA THR C 71 -41.04 6.17 -37.85
C THR C 71 -39.52 6.27 -37.82
N VAL C 72 -38.97 6.92 -36.80
CA VAL C 72 -37.53 7.03 -36.64
C VAL C 72 -37.17 6.63 -35.22
N ILE C 73 -35.95 6.15 -35.06
CA ILE C 73 -35.33 5.95 -33.76
C ILE C 73 -34.35 7.10 -33.56
N ASN C 74 -34.60 7.93 -32.55
CA ASN C 74 -33.69 8.99 -32.17
C ASN C 74 -32.66 8.42 -31.20
N LEU C 75 -31.39 8.42 -31.61
CA LEU C 75 -30.36 7.74 -30.85
C LEU C 75 -29.93 8.53 -29.63
N THR C 76 -29.51 7.81 -28.60
CA THR C 76 -28.85 8.38 -27.43
C THR C 76 -27.51 7.68 -27.25
N GLU C 77 -26.72 8.18 -26.31
CA GLU C 77 -25.59 7.39 -25.83
C GLU C 77 -26.13 6.12 -25.16
N LEU C 78 -25.26 5.12 -25.04
CA LEU C 78 -25.71 3.82 -24.55
C LEU C 78 -26.15 3.86 -23.09
N ASP C 79 -25.72 4.84 -22.30
CA ASP C 79 -26.22 4.99 -20.94
C ASP C 79 -27.51 5.81 -20.87
N GLY C 80 -28.06 6.20 -22.01
CA GLY C 80 -29.30 6.94 -22.04
C GLY C 80 -29.15 8.44 -22.06
N THR C 81 -27.95 8.97 -21.83
CA THR C 81 -27.76 10.41 -21.92
C THR C 81 -27.73 10.85 -23.38
N PRO C 82 -27.91 12.14 -23.65
CA PRO C 82 -28.12 12.56 -25.03
C PRO C 82 -26.93 12.34 -25.95
N PHE C 83 -27.23 11.88 -27.16
CA PHE C 83 -26.26 11.85 -28.25
C PHE C 83 -26.35 13.16 -29.02
N HIS C 84 -25.24 13.87 -29.12
CA HIS C 84 -25.22 15.13 -29.85
C HIS C 84 -24.49 14.93 -31.17
N PRO C 85 -25.20 14.99 -32.30
CA PRO C 85 -24.50 14.86 -33.58
C PRO C 85 -23.32 15.82 -33.68
N PHE C 86 -22.26 15.33 -34.28
CA PHE C 86 -20.99 16.03 -34.35
C PHE C 86 -20.30 15.62 -35.64
N GLU C 87 -19.04 16.01 -35.81
CA GLU C 87 -18.36 15.71 -37.07
C GLU C 87 -18.20 14.22 -37.29
N GLY C 88 -18.19 13.42 -36.20
CA GLY C 88 -17.93 12.00 -36.28
C GLY C 88 -19.15 11.20 -36.64
N PRO C 89 -18.99 9.87 -36.65
CA PRO C 89 -19.96 9.00 -37.34
C PRO C 89 -21.24 8.64 -36.59
N ALA C 90 -21.17 8.47 -35.28
CA ALA C 90 -22.28 7.85 -34.55
C ALA C 90 -21.98 7.86 -33.06
N PRO C 91 -22.92 7.45 -32.21
CA PRO C 91 -22.60 7.31 -30.79
C PRO C 91 -21.59 6.20 -30.55
N ILE C 92 -20.82 6.37 -29.48
CA ILE C 92 -19.91 5.31 -29.05
C ILE C 92 -20.63 3.98 -29.01
N GLY C 93 -19.97 2.95 -29.53
CA GLY C 93 -20.48 1.60 -29.54
C GLY C 93 -21.33 1.22 -30.73
N PHE C 94 -21.81 2.19 -31.50
CA PHE C 94 -22.71 1.92 -32.62
C PHE C 94 -22.08 0.90 -33.57
N PRO C 95 -22.86 -0.05 -34.09
CA PRO C 95 -22.26 -1.05 -34.97
C PRO C 95 -21.61 -0.44 -36.21
N ASP C 96 -20.53 -1.07 -36.67
CA ASP C 96 -19.79 -0.59 -37.83
C ASP C 96 -19.67 -1.66 -38.90
N LEU C 97 -20.57 -2.62 -38.94
CA LEU C 97 -20.52 -3.67 -39.96
C LEU C 97 -21.20 -3.14 -41.23
N GLY C 98 -20.39 -2.76 -42.22
CA GLY C 98 -20.92 -2.51 -43.54
C GLY C 98 -21.24 -3.80 -44.27
N GLY C 99 -21.78 -3.64 -45.47
CA GLY C 99 -21.96 -4.77 -46.37
C GLY C 99 -22.89 -5.86 -45.87
N CYS C 100 -23.96 -5.48 -45.16
CA CYS C 100 -24.88 -6.47 -44.64
C CYS C 100 -26.11 -5.75 -44.10
N ASP C 101 -27.20 -6.49 -43.94
CA ASP C 101 -28.30 -6.05 -43.10
C ASP C 101 -28.05 -6.51 -41.67
N TRP C 102 -28.41 -5.66 -40.71
CA TRP C 102 -28.29 -5.99 -39.30
C TRP C 102 -29.62 -6.51 -38.78
N HIS C 103 -29.55 -7.41 -37.82
CA HIS C 103 -30.72 -7.82 -37.04
C HIS C 103 -30.36 -7.64 -35.58
N ILE C 104 -30.98 -6.63 -34.98
CA ILE C 104 -30.62 -6.12 -33.65
C ILE C 104 -31.71 -6.55 -32.69
N ASN C 105 -31.32 -7.14 -31.56
CA ASN C 105 -32.27 -7.58 -30.56
C ASN C 105 -32.53 -6.43 -29.59
N MET C 106 -33.77 -5.95 -29.58
CA MET C 106 -34.17 -4.78 -28.80
C MET C 106 -34.87 -5.21 -27.52
N THR C 107 -34.41 -4.68 -26.40
CA THR C 107 -35.05 -4.92 -25.11
C THR C 107 -35.31 -3.58 -24.43
N GLN C 108 -35.98 -3.65 -23.28
CA GLN C 108 -36.43 -2.47 -22.58
C GLN C 108 -36.28 -2.64 -21.09
N PHE C 109 -35.90 -1.55 -20.42
CA PHE C 109 -35.91 -1.51 -18.96
C PHE C 109 -37.33 -1.26 -18.49
N GLY C 110 -37.87 -2.19 -17.72
CA GLY C 110 -39.20 -2.07 -17.17
C GLY C 110 -40.30 -2.66 -18.01
N HIS C 111 -39.97 -3.35 -19.10
CA HIS C 111 -40.97 -4.01 -19.91
C HIS C 111 -40.48 -5.40 -20.28
N SER C 112 -41.43 -6.32 -20.45
CA SER C 112 -41.10 -7.65 -20.91
C SER C 112 -40.82 -7.65 -22.41
N SER C 113 -40.25 -8.77 -22.86
CA SER C 113 -40.15 -9.14 -24.27
C SER C 113 -38.92 -8.58 -24.96
N GLN C 114 -38.62 -9.14 -26.12
CA GLN C 114 -37.58 -8.65 -27.01
C GLN C 114 -38.21 -8.49 -28.39
N THR C 115 -37.57 -7.66 -29.21
CA THR C 115 -38.06 -7.41 -30.55
C THR C 115 -36.90 -7.37 -31.51
N GLN C 116 -37.02 -8.08 -32.64
CA GLN C 116 -35.99 -8.03 -33.66
C GLN C 116 -36.17 -6.79 -34.54
N TYR C 117 -35.11 -5.98 -34.64
CA TYR C 117 -35.07 -4.76 -35.44
C TYR C 117 -34.20 -5.02 -36.65
N ASP C 118 -34.78 -4.92 -37.84
CA ASP C 118 -34.09 -5.24 -39.09
C ASP C 118 -33.59 -3.94 -39.73
N VAL C 119 -32.28 -3.84 -39.93
CA VAL C 119 -31.66 -2.59 -40.34
C VAL C 119 -30.96 -2.78 -41.68
N ASP C 120 -31.50 -2.14 -42.72
CA ASP C 120 -30.79 -1.86 -43.97
C ASP C 120 -30.03 -0.55 -43.77
N THR C 121 -28.71 -0.58 -43.93
CA THR C 121 -27.91 0.61 -43.68
C THR C 121 -27.72 1.48 -44.91
N THR C 122 -28.34 1.13 -46.05
CA THR C 122 -28.09 1.87 -47.27
C THR C 122 -29.03 3.03 -47.56
N PRO C 123 -30.25 3.09 -47.03
CA PRO C 123 -31.16 4.18 -47.43
C PRO C 123 -30.80 5.51 -46.78
N ASP C 124 -31.35 6.58 -47.36
CA ASP C 124 -31.12 7.93 -46.85
C ASP C 124 -31.67 8.14 -45.45
N THR C 125 -32.59 7.28 -45.00
CA THR C 125 -33.14 7.39 -43.65
C THR C 125 -32.17 6.88 -42.59
N PHE C 126 -31.11 6.18 -42.99
CA PHE C 126 -30.11 5.65 -42.07
C PHE C 126 -29.04 6.72 -41.92
N VAL C 127 -29.20 7.59 -40.92
CA VAL C 127 -28.28 8.71 -40.75
C VAL C 127 -27.88 8.81 -39.28
N PRO C 128 -27.17 7.79 -38.75
CA PRO C 128 -26.70 7.87 -37.36
C PRO C 128 -25.79 9.06 -37.10
N HIS C 129 -25.11 9.56 -38.13
CA HIS C 129 -24.30 10.78 -37.99
C HIS C 129 -25.15 11.96 -37.57
N LEU C 130 -26.45 11.97 -37.90
CA LEU C 130 -27.36 13.00 -37.45
C LEU C 130 -28.29 12.51 -36.35
N GLY C 131 -28.02 11.34 -35.79
CA GLY C 131 -28.72 10.87 -34.62
C GLY C 131 -30.03 10.16 -34.88
N SER C 132 -30.31 9.76 -36.11
CA SER C 132 -31.58 9.08 -36.32
C SER C 132 -31.46 8.01 -37.39
N ILE C 133 -32.21 6.94 -37.18
CA ILE C 133 -32.27 5.80 -38.09
C ILE C 133 -33.71 5.36 -38.18
N GLN C 134 -34.06 4.74 -39.30
CA GLN C 134 -35.45 4.36 -39.52
C GLN C 134 -35.90 3.31 -38.50
N ALA C 135 -37.14 3.47 -38.02
CA ALA C 135 -37.67 2.53 -37.04
C ALA C 135 -38.02 1.19 -37.67
N ASN C 136 -38.35 1.19 -38.96
CA ASN C 136 -38.73 0.00 -39.70
C ASN C 136 -39.63 -0.92 -38.88
N GLY C 137 -40.72 -0.34 -38.38
CA GLY C 137 -41.75 -1.10 -37.70
C GLY C 137 -41.59 -1.23 -36.20
N ILE C 138 -40.49 -0.76 -35.62
CA ILE C 138 -40.32 -0.78 -34.18
C ILE C 138 -41.25 0.25 -33.56
N GLY C 139 -42.17 -0.21 -32.71
CA GLY C 139 -43.16 0.68 -32.13
C GLY C 139 -42.55 1.68 -31.17
N SER C 140 -43.33 2.72 -30.89
CA SER C 140 -42.86 3.79 -30.02
C SER C 140 -42.37 3.22 -28.69
N GLY C 141 -41.29 3.79 -28.19
CA GLY C 141 -40.74 3.37 -26.91
C GLY C 141 -39.25 3.57 -26.87
N ASN C 142 -38.70 3.35 -25.67
CA ASN C 142 -37.26 3.45 -25.42
C ASN C 142 -36.66 2.04 -25.43
N TYR C 143 -35.56 1.86 -26.16
CA TYR C 143 -34.97 0.55 -26.30
C TYR C 143 -33.45 0.59 -26.19
N VAL C 144 -32.88 -0.53 -25.78
CA VAL C 144 -31.47 -0.83 -25.99
CA VAL C 144 -31.47 -0.83 -25.99
C VAL C 144 -31.41 -2.02 -26.93
N GLY C 145 -30.50 -1.96 -27.89
CA GLY C 145 -30.37 -3.02 -28.88
C GLY C 145 -28.93 -3.49 -29.00
N VAL C 146 -28.78 -4.79 -29.21
CA VAL C 146 -27.47 -5.37 -29.47
C VAL C 146 -27.55 -6.17 -30.77
N LEU C 147 -26.52 -6.05 -31.59
CA LEU C 147 -26.46 -6.82 -32.82
C LEU C 147 -26.49 -8.31 -32.49
N SER C 148 -27.38 -9.03 -33.16
CA SER C 148 -27.62 -10.45 -32.90
C SER C 148 -27.23 -11.34 -34.07
N TRP C 149 -27.63 -11.00 -35.28
CA TRP C 149 -27.25 -11.76 -36.46
C TRP C 149 -27.33 -10.82 -37.66
N ILE C 150 -26.73 -11.26 -38.77
CA ILE C 150 -26.67 -10.45 -39.99
C ILE C 150 -27.15 -11.28 -41.17
N SER C 151 -27.40 -10.59 -42.28
CA SER C 151 -27.82 -11.23 -43.52
C SER C 151 -27.33 -10.37 -44.67
N PRO C 152 -27.47 -10.84 -45.91
CA PRO C 152 -26.98 -10.06 -47.04
C PRO C 152 -27.66 -8.71 -47.08
N PRO C 153 -26.96 -7.69 -47.60
CA PRO C 153 -27.57 -6.34 -47.62
C PRO C 153 -28.78 -6.31 -48.53
N SER C 154 -29.79 -5.52 -48.15
CA SER C 154 -30.99 -5.40 -48.95
C SER C 154 -30.71 -4.69 -50.27
N HIS C 155 -29.68 -3.85 -50.32
CA HIS C 155 -29.30 -3.16 -51.54
C HIS C 155 -27.79 -3.11 -51.57
N PRO C 156 -27.15 -3.31 -52.74
CA PRO C 156 -27.79 -3.75 -53.99
C PRO C 156 -28.35 -5.17 -53.90
N SER C 157 -29.50 -5.40 -54.53
CA SER C 157 -30.13 -6.71 -54.50
C SER C 157 -29.17 -7.78 -54.97
N GLY C 158 -29.07 -8.87 -54.20
CA GLY C 158 -28.25 -9.99 -54.59
C GLY C 158 -26.79 -9.87 -54.25
N SER C 159 -26.36 -8.74 -53.70
CA SER C 159 -24.98 -8.59 -53.29
C SER C 159 -24.68 -9.49 -52.10
N GLN C 160 -23.42 -9.79 -51.90
CA GLN C 160 -23.01 -10.69 -50.83
C GLN C 160 -22.59 -9.90 -49.60
N VAL C 161 -22.58 -10.59 -48.47
CA VAL C 161 -22.09 -9.99 -47.23
C VAL C 161 -20.63 -9.62 -47.43
N ASP C 162 -20.26 -8.42 -46.98
CA ASP C 162 -18.87 -7.95 -47.09
C ASP C 162 -18.56 -7.19 -45.80
N LEU C 163 -18.05 -7.92 -44.81
CA LEU C 163 -17.80 -7.34 -43.49
C LEU C 163 -16.48 -6.59 -43.44
N TRP C 164 -15.79 -6.45 -44.58
CA TRP C 164 -14.64 -5.57 -44.67
C TRP C 164 -15.02 -4.11 -44.81
N LYS C 165 -16.31 -3.83 -44.97
CA LYS C 165 -16.81 -2.48 -45.15
C LYS C 165 -17.35 -1.91 -43.84
N ILE C 166 -17.54 -0.60 -43.82
CA ILE C 166 -18.28 0.10 -42.77
C ILE C 166 -19.56 0.68 -43.37
N PRO C 167 -20.55 1.02 -42.56
CA PRO C 167 -21.81 1.55 -43.10
C PRO C 167 -21.68 3.02 -43.48
N ASN C 168 -22.67 3.48 -44.23
CA ASN C 168 -22.79 4.87 -44.63
C ASN C 168 -23.48 5.66 -43.52
N TYR C 169 -22.67 6.25 -42.63
CA TYR C 169 -23.21 6.91 -41.45
C TYR C 169 -23.98 8.19 -41.79
N GLY C 170 -23.63 8.88 -42.87
CA GLY C 170 -24.25 10.15 -43.21
C GLY C 170 -25.34 9.99 -44.25
N SER C 171 -25.74 11.11 -44.84
CA SER C 171 -26.74 11.10 -45.90
C SER C 171 -26.18 11.77 -47.16
N SER C 172 -26.98 11.76 -48.21
CA SER C 172 -26.58 12.38 -49.47
C SER C 172 -26.46 13.89 -49.40
N ILE C 173 -26.93 14.54 -48.33
CA ILE C 173 -26.85 15.99 -48.24
C ILE C 173 -25.99 16.47 -47.08
N THR C 174 -25.44 15.58 -46.27
CA THR C 174 -24.58 16.01 -45.17
C THR C 174 -23.14 16.14 -45.69
N GLU C 175 -22.40 17.10 -45.14
CA GLU C 175 -20.98 17.14 -45.46
C GLU C 175 -20.32 15.90 -44.87
N ALA C 176 -19.20 15.52 -45.49
CA ALA C 176 -18.60 14.21 -45.22
C ALA C 176 -18.35 14.00 -43.74
N THR C 177 -18.67 12.79 -43.28
CA THR C 177 -18.41 12.38 -41.92
C THR C 177 -16.91 12.30 -41.66
N HIS C 178 -16.50 12.72 -40.46
CA HIS C 178 -15.13 12.59 -40.01
C HIS C 178 -14.96 11.23 -39.35
N LEU C 179 -14.24 10.32 -40.02
CA LEU C 179 -14.10 8.94 -39.59
C LEU C 179 -12.72 8.70 -38.99
N ALA C 180 -12.65 7.69 -38.12
CA ALA C 180 -11.34 7.14 -37.79
C ALA C 180 -10.62 6.81 -39.09
N PRO C 181 -9.32 7.07 -39.19
CA PRO C 181 -8.64 6.97 -40.48
C PRO C 181 -8.49 5.54 -40.96
N SER C 182 -8.26 5.41 -42.27
CA SER C 182 -8.00 4.10 -42.83
C SER C 182 -6.67 3.54 -42.36
N VAL C 183 -6.61 2.22 -42.41
CA VAL C 183 -5.43 1.43 -42.07
C VAL C 183 -4.97 0.75 -43.36
N TYR C 184 -3.68 0.86 -43.66
CA TYR C 184 -3.10 0.37 -44.90
C TYR C 184 -1.98 -0.63 -44.63
N PRO C 185 -1.80 -1.62 -45.50
CA PRO C 185 -0.57 -2.44 -45.42
C PRO C 185 0.65 -1.55 -45.61
N PRO C 186 1.67 -1.72 -44.78
CA PRO C 186 2.76 -0.73 -44.72
C PRO C 186 3.91 -0.92 -45.70
N GLY C 187 3.92 -2.00 -46.48
CA GLY C 187 5.02 -2.30 -47.38
C GLY C 187 5.80 -3.51 -46.92
N PHE C 188 6.93 -3.74 -47.59
CA PHE C 188 7.88 -4.79 -47.21
C PHE C 188 7.25 -6.18 -47.23
N GLY C 189 6.29 -6.40 -48.12
CA GLY C 189 5.60 -7.67 -48.21
C GLY C 189 4.63 -7.95 -47.09
N GLU C 190 4.37 -6.98 -46.24
CA GLU C 190 3.51 -7.19 -45.08
C GLU C 190 2.04 -7.01 -45.47
N VAL C 191 1.19 -7.82 -44.85
CA VAL C 191 -0.26 -7.70 -45.03
C VAL C 191 -0.88 -7.50 -43.66
N LEU C 192 -2.06 -6.88 -43.64
CA LEU C 192 -2.79 -6.69 -42.40
C LEU C 192 -3.26 -8.02 -41.84
N VAL C 193 -3.25 -8.13 -40.52
CA VAL C 193 -3.68 -9.33 -39.80
C VAL C 193 -4.97 -8.99 -39.07
N PHE C 194 -5.94 -9.89 -39.13
CA PHE C 194 -7.24 -9.66 -38.52
C PHE C 194 -7.62 -10.79 -37.57
N PHE C 195 -8.30 -10.43 -36.50
CA PHE C 195 -8.86 -11.38 -35.56
C PHE C 195 -10.31 -11.63 -35.98
N MET C 196 -10.63 -12.89 -36.28
CA MET C 196 -11.90 -13.25 -36.91
C MET C 196 -12.83 -13.91 -35.91
N SER C 197 -14.13 -13.66 -36.09
CA SER C 197 -15.18 -14.31 -35.32
C SER C 197 -16.30 -14.80 -36.23
N LYS C 198 -16.87 -15.95 -35.87
CA LYS C 198 -18.05 -16.45 -36.56
C LYS C 198 -19.27 -15.64 -36.13
N MET C 199 -19.99 -15.09 -37.11
CA MET C 199 -21.18 -14.28 -36.85
C MET C 199 -22.42 -15.04 -37.28
N PRO C 200 -23.42 -15.18 -36.41
CA PRO C 200 -24.64 -15.90 -36.81
C PRO C 200 -25.36 -15.25 -37.99
N GLY C 201 -26.12 -16.07 -38.71
CA GLY C 201 -26.84 -15.65 -39.88
C GLY C 201 -26.72 -16.69 -41.00
N PRO C 202 -27.44 -16.43 -42.12
CA PRO C 202 -27.56 -17.46 -43.18
C PRO C 202 -26.35 -17.59 -44.08
N GLY C 203 -25.16 -17.62 -43.49
CA GLY C 203 -23.96 -17.88 -44.26
C GLY C 203 -22.83 -18.23 -43.33
N ALA C 204 -21.66 -18.45 -43.93
CA ALA C 204 -20.45 -18.73 -43.15
C ALA C 204 -19.71 -17.40 -42.96
N TYR C 205 -20.27 -16.59 -42.09
CA TYR C 205 -19.82 -15.21 -41.94
C TYR C 205 -18.66 -15.16 -40.95
N ASN C 206 -17.60 -14.47 -41.35
CA ASN C 206 -16.42 -14.28 -40.51
C ASN C 206 -16.17 -12.78 -40.39
N LEU C 207 -16.26 -12.28 -39.17
CA LEU C 207 -16.16 -10.86 -38.89
C LEU C 207 -14.72 -10.50 -38.53
N PRO C 208 -14.04 -9.68 -39.33
CA PRO C 208 -12.67 -9.28 -38.98
C PRO C 208 -12.61 -8.03 -38.10
N CYS C 209 -11.62 -8.01 -37.21
CA CYS C 209 -11.32 -6.80 -36.46
C CYS C 209 -9.80 -6.69 -36.30
N LEU C 210 -9.35 -5.48 -35.94
CA LEU C 210 -7.92 -5.21 -35.89
C LEU C 210 -7.28 -5.64 -34.57
N LEU C 211 -8.05 -5.62 -33.48
CA LEU C 211 -7.57 -5.95 -32.15
C LEU C 211 -8.67 -6.62 -31.34
N PRO C 212 -8.35 -7.67 -30.60
CA PRO C 212 -9.32 -8.21 -29.63
C PRO C 212 -9.73 -7.12 -28.64
N GLN C 213 -10.98 -7.19 -28.17
CA GLN C 213 -11.46 -6.15 -27.26
C GLN C 213 -10.61 -6.10 -25.99
N GLU C 214 -10.16 -7.26 -25.51
CA GLU C 214 -9.38 -7.26 -24.27
C GLU C 214 -8.01 -6.65 -24.48
N TYR C 215 -7.49 -6.65 -25.70
CA TYR C 215 -6.27 -5.87 -25.97
C TYR C 215 -6.55 -4.38 -25.82
N ILE C 216 -7.71 -3.94 -26.28
CA ILE C 216 -8.06 -2.52 -26.24
C ILE C 216 -8.18 -2.06 -24.79
N SER C 217 -8.87 -2.81 -23.93
CA SER C 217 -8.97 -2.35 -22.54
CA SER C 217 -8.97 -2.37 -22.53
C SER C 217 -7.59 -2.37 -21.88
N HIS C 218 -6.73 -3.30 -22.25
CA HIS C 218 -5.37 -3.32 -21.75
C HIS C 218 -4.58 -2.09 -22.19
N LEU C 219 -4.55 -1.81 -23.49
CA LEU C 219 -3.79 -0.68 -24.00
C LEU C 219 -4.31 0.64 -23.44
N ALA C 220 -5.64 0.79 -23.37
CA ALA C 220 -6.23 2.02 -22.88
C ALA C 220 -5.88 2.27 -21.43
N SER C 221 -5.74 1.21 -20.65
CA SER C 221 -5.34 1.35 -19.26
C SER C 221 -3.84 1.60 -19.12
N GLU C 222 -3.03 0.85 -19.86
CA GLU C 222 -1.59 0.91 -19.69
C GLU C 222 -1.01 2.22 -20.19
N GLN C 223 -1.46 2.68 -21.36
CA GLN C 223 -0.95 3.89 -22.00
C GLN C 223 0.58 3.89 -22.03
N ALA C 224 1.14 2.80 -22.48
CA ALA C 224 2.60 2.72 -22.61
C ALA C 224 3.06 3.61 -23.74
N PRO C 225 4.10 4.43 -23.54
CA PRO C 225 4.59 5.27 -24.64
C PRO C 225 5.07 4.43 -25.82
N THR C 226 4.73 4.89 -27.02
CA THR C 226 5.14 4.21 -28.25
C THR C 226 6.55 4.70 -28.59
N VAL C 227 7.54 3.90 -28.24
CA VAL C 227 8.94 4.33 -28.29
C VAL C 227 9.71 3.73 -29.47
N GLY C 228 9.00 3.13 -30.43
CA GLY C 228 9.61 2.67 -31.66
C GLY C 228 8.62 2.82 -32.79
N GLU C 229 9.08 2.51 -34.02
CA GLU C 229 8.21 2.62 -35.18
C GLU C 229 7.26 1.43 -35.30
N ALA C 230 7.63 0.29 -34.74
CA ALA C 230 6.80 -0.90 -34.77
C ALA C 230 7.20 -1.79 -33.61
N ALA C 231 6.24 -2.54 -33.09
CA ALA C 231 6.49 -3.48 -32.01
C ALA C 231 6.59 -4.88 -32.61
N LEU C 232 7.79 -5.47 -32.53
CA LEU C 232 7.97 -6.85 -32.95
C LEU C 232 7.32 -7.77 -31.93
N LEU C 233 6.43 -8.64 -32.42
CA LEU C 233 5.74 -9.62 -31.59
C LEU C 233 6.10 -11.03 -32.06
N HIS C 234 6.02 -11.96 -31.11
CA HIS C 234 5.98 -13.38 -31.42
C HIS C 234 4.61 -13.93 -31.05
N TYR C 235 4.08 -14.79 -31.91
CA TYR C 235 2.88 -15.56 -31.58
C TYR C 235 3.36 -16.88 -30.99
N VAL C 236 3.12 -17.09 -29.71
CA VAL C 236 3.82 -18.11 -28.92
C VAL C 236 2.85 -19.21 -28.49
N ASP C 237 3.33 -20.46 -28.58
CA ASP C 237 2.65 -21.62 -28.01
C ASP C 237 2.82 -21.59 -26.50
N PRO C 238 1.75 -21.46 -25.72
CA PRO C 238 1.93 -21.34 -24.26
C PRO C 238 2.47 -22.62 -23.61
N ASP C 239 2.33 -23.79 -24.26
CA ASP C 239 2.87 -25.01 -23.69
C ASP C 239 4.38 -25.07 -23.82
N THR C 240 4.88 -24.88 -25.05
CA THR C 240 6.28 -25.08 -25.35
C THR C 240 7.11 -23.80 -25.32
N GLY C 241 6.44 -22.64 -25.36
CA GLY C 241 7.13 -21.39 -25.57
C GLY C 241 7.62 -21.18 -26.98
N ARG C 242 7.27 -22.07 -27.91
CA ARG C 242 7.78 -21.96 -29.27
C ARG C 242 7.19 -20.73 -29.96
N ASN C 243 8.04 -20.04 -30.71
CA ASN C 243 7.62 -18.93 -31.55
C ASN C 243 6.99 -19.50 -32.83
N LEU C 244 5.69 -19.30 -32.97
CA LEU C 244 4.96 -19.79 -34.13
C LEU C 244 4.97 -18.82 -35.30
N GLY C 245 5.39 -17.58 -35.07
CA GLY C 245 5.41 -16.60 -36.14
C GLY C 245 5.72 -15.20 -35.66
N GLU C 246 6.49 -14.45 -36.46
CA GLU C 246 6.80 -13.05 -36.19
C GLU C 246 5.74 -12.14 -36.76
N PHE C 247 5.36 -11.13 -35.98
CA PHE C 247 4.39 -10.13 -36.39
C PHE C 247 4.90 -8.76 -35.98
N LYS C 248 4.41 -7.72 -36.64
CA LYS C 248 4.67 -6.35 -36.22
C LYS C 248 3.34 -5.68 -35.88
N ALA C 249 3.32 -4.96 -34.76
CA ALA C 249 2.21 -4.10 -34.40
C ALA C 249 2.64 -2.66 -34.62
N TYR C 250 1.80 -1.91 -35.29
CA TYR C 250 2.10 -0.53 -35.63
C TYR C 250 1.36 0.44 -34.74
N PRO C 251 1.91 1.63 -34.54
CA PRO C 251 1.34 2.57 -33.55
C PRO C 251 -0.14 2.86 -33.70
N ASP C 252 -0.68 2.93 -34.93
CA ASP C 252 -2.09 3.23 -35.10
C ASP C 252 -3.00 2.13 -34.56
N GLY C 253 -2.45 0.95 -34.27
CA GLY C 253 -3.20 -0.10 -33.60
C GLY C 253 -3.59 -1.25 -34.51
N PHE C 254 -2.61 -1.81 -35.22
CA PHE C 254 -2.89 -2.94 -36.09
C PHE C 254 -1.64 -3.79 -36.19
N LEU C 255 -1.85 -5.04 -36.58
CA LEU C 255 -0.78 -6.02 -36.73
C LEU C 255 -0.59 -6.37 -38.19
N THR C 256 0.64 -6.77 -38.53
CA THR C 256 0.94 -7.28 -39.86
C THR C 256 1.80 -8.53 -39.73
N CYS C 257 1.88 -9.27 -40.83
CA CYS C 257 2.84 -10.35 -40.97
C CYS C 257 3.20 -10.44 -42.44
N VAL C 258 4.22 -11.24 -42.74
CA VAL C 258 4.54 -11.65 -44.10
C VAL C 258 4.07 -13.09 -44.27
N PRO C 259 3.09 -13.35 -45.14
CA PRO C 259 2.69 -14.74 -45.36
C PRO C 259 3.72 -15.51 -46.17
N ASN C 260 3.78 -16.82 -45.94
CA ASN C 260 4.71 -17.68 -46.66
C ASN C 260 4.14 -18.03 -48.03
N GLY C 265 0.32 -19.70 -43.83
CA GLY C 265 0.09 -18.33 -43.45
C GLY C 265 -0.56 -18.20 -42.08
N PRO C 266 -0.92 -16.99 -41.69
CA PRO C 266 -1.53 -16.82 -40.35
C PRO C 266 -2.85 -17.55 -40.20
N GLN C 267 -3.57 -17.77 -41.30
CA GLN C 267 -4.86 -18.46 -41.24
C GLN C 267 -4.72 -19.91 -40.81
N GLN C 268 -3.55 -20.51 -40.99
CA GLN C 268 -3.30 -21.89 -40.59
C GLN C 268 -2.75 -22.01 -39.18
N LEU C 269 -2.48 -20.89 -38.52
CA LEU C 269 -1.94 -20.94 -37.17
C LEU C 269 -3.02 -21.39 -36.19
N PRO C 270 -2.65 -22.11 -35.14
CA PRO C 270 -3.62 -22.40 -34.08
C PRO C 270 -4.10 -21.10 -33.45
N ILE C 271 -5.31 -21.13 -32.92
CA ILE C 271 -5.91 -19.94 -32.35
C ILE C 271 -5.73 -19.85 -30.84
N ASN C 272 -5.02 -20.81 -30.25
CA ASN C 272 -4.86 -20.85 -28.80
C ASN C 272 -3.48 -20.38 -28.35
N GLY C 273 -2.79 -19.60 -29.19
CA GLY C 273 -1.51 -19.02 -28.82
C GLY C 273 -1.66 -17.64 -28.21
N VAL C 274 -0.52 -17.06 -27.85
CA VAL C 274 -0.43 -15.80 -27.12
C VAL C 274 0.52 -14.88 -27.88
N PHE C 275 0.09 -13.64 -28.14
CA PHE C 275 0.99 -12.64 -28.70
C PHE C 275 1.85 -12.07 -27.58
N VAL C 276 3.16 -12.01 -27.81
CA VAL C 276 4.13 -11.56 -26.82
C VAL C 276 5.02 -10.48 -27.45
N PHE C 277 5.12 -9.34 -26.77
CA PHE C 277 6.02 -8.28 -27.22
C PHE C 277 7.46 -8.71 -27.05
N VAL C 278 8.28 -8.46 -28.07
CA VAL C 278 9.69 -8.82 -28.06
C VAL C 278 10.58 -7.59 -27.98
N SER C 279 10.35 -6.61 -28.85
CA SER C 279 11.23 -5.45 -28.97
C SER C 279 10.59 -4.42 -29.88
N TRP C 280 10.93 -3.16 -29.65
CA TRP C 280 10.67 -2.11 -30.63
C TRP C 280 11.65 -2.22 -31.77
N VAL C 281 11.16 -2.07 -33.01
CA VAL C 281 11.99 -2.19 -34.19
C VAL C 281 11.64 -1.07 -35.17
N SER C 282 12.50 -0.89 -36.17
CA SER C 282 12.22 0.10 -37.19
C SER C 282 11.13 -0.42 -38.13
N ARG C 283 10.49 0.51 -38.83
CA ARG C 283 9.48 0.11 -39.80
C ARG C 283 10.08 -0.77 -40.90
N PHE C 284 11.41 -0.67 -41.12
CA PHE C 284 12.07 -1.46 -42.15
C PHE C 284 12.37 -2.89 -41.71
N TYR C 285 12.12 -3.24 -40.45
CA TYR C 285 12.48 -4.57 -39.97
C TYR C 285 11.76 -5.63 -40.80
N GLN C 286 12.53 -6.52 -41.42
CA GLN C 286 11.97 -7.52 -42.32
C GLN C 286 11.57 -8.75 -41.51
N LEU C 287 10.29 -9.11 -41.61
CA LEU C 287 9.78 -10.26 -40.88
C LEU C 287 10.09 -11.56 -41.63
N LYS C 288 10.31 -12.62 -40.86
CA LYS C 288 10.35 -13.95 -41.45
C LYS C 288 8.92 -14.37 -41.82
N PRO C 289 8.72 -14.92 -43.01
CA PRO C 289 7.36 -15.33 -43.39
C PRO C 289 6.77 -16.30 -42.38
N VAL C 290 5.47 -16.15 -42.14
CA VAL C 290 4.77 -17.04 -41.20
C VAL C 290 4.59 -18.41 -41.84
N ARG D 3 5.50 -9.34 -10.51
CA ARG D 3 4.75 -8.18 -10.98
C ARG D 3 4.01 -7.52 -9.82
N PRO D 4 4.10 -6.19 -9.71
CA PRO D 4 3.31 -5.51 -8.67
C PRO D 4 1.83 -5.57 -9.00
N PHE D 5 1.02 -5.65 -7.96
CA PHE D 5 -0.43 -5.70 -8.13
C PHE D 5 -0.94 -4.35 -8.63
N THR D 6 -1.85 -4.40 -9.60
CA THR D 6 -2.49 -3.21 -10.13
C THR D 6 -3.93 -3.54 -10.54
N LEU D 7 -4.75 -2.51 -10.65
CA LEU D 7 -6.06 -2.57 -11.26
C LEU D 7 -6.09 -1.64 -12.47
N PRO D 8 -6.96 -1.89 -13.44
CA PRO D 8 -6.98 -1.04 -14.64
C PRO D 8 -7.27 0.40 -14.29
N ASN D 9 -6.59 1.32 -14.99
CA ASN D 9 -6.81 2.75 -14.87
C ASN D 9 -7.95 3.18 -15.78
N LEU D 10 -9.14 2.67 -15.47
CA LEU D 10 -10.32 2.88 -16.28
C LEU D 10 -11.50 3.26 -15.38
N PRO D 11 -12.32 4.22 -15.80
CA PRO D 11 -13.46 4.60 -14.95
C PRO D 11 -14.49 3.49 -14.90
N LEU D 12 -15.09 3.32 -13.70
CA LEU D 12 -15.96 2.19 -13.47
C LEU D 12 -17.12 2.16 -14.45
N SER D 13 -17.72 3.31 -14.72
CA SER D 13 -18.90 3.31 -15.56
C SER D 13 -18.59 3.01 -17.02
N SER D 14 -17.31 2.88 -17.39
CA SER D 14 -16.94 2.43 -18.72
C SER D 14 -16.80 0.92 -18.82
N LEU D 15 -16.97 0.20 -17.72
CA LEU D 15 -16.70 -1.23 -17.64
C LEU D 15 -17.98 -2.05 -17.60
N SER D 16 -17.82 -3.38 -17.60
CA SER D 16 -18.94 -4.29 -17.75
CA SER D 16 -18.92 -4.29 -17.76
C SER D 16 -19.17 -5.13 -16.52
N ASN D 17 -20.43 -5.50 -16.32
CA ASN D 17 -20.79 -6.56 -15.38
C ASN D 17 -20.10 -7.85 -15.80
N SER D 18 -19.87 -8.73 -14.83
CA SER D 18 -19.29 -10.03 -15.11
C SER D 18 -20.30 -11.18 -15.04
N ARG D 19 -21.58 -10.90 -14.78
CA ARG D 19 -22.61 -11.92 -14.80
C ARG D 19 -23.57 -11.75 -15.97
N ALA D 20 -23.46 -10.66 -16.71
CA ALA D 20 -24.20 -10.44 -17.94
C ALA D 20 -23.49 -9.36 -18.72
N PRO D 21 -23.67 -9.30 -20.04
CA PRO D 21 -22.94 -8.31 -20.85
C PRO D 21 -23.56 -6.93 -20.80
N LEU D 22 -23.49 -6.32 -19.62
CA LEU D 22 -24.18 -5.07 -19.31
C LEU D 22 -23.21 -4.05 -18.74
N PRO D 23 -23.38 -2.78 -19.11
CA PRO D 23 -22.54 -1.74 -18.49
C PRO D 23 -22.80 -1.63 -17.00
N ILE D 24 -21.76 -1.26 -16.26
CA ILE D 24 -21.90 -0.95 -14.84
C ILE D 24 -22.56 0.42 -14.70
N SER D 25 -23.61 0.49 -13.87
CA SER D 25 -24.33 1.74 -13.66
C SER D 25 -24.27 2.26 -12.24
N SER D 26 -23.82 1.47 -11.27
CA SER D 26 -23.68 1.95 -9.90
C SER D 26 -22.84 0.99 -9.08
N ILE D 27 -22.40 1.47 -7.92
CA ILE D 27 -21.80 0.66 -6.86
C ILE D 27 -22.89 0.39 -5.83
N GLY D 28 -22.93 -0.82 -5.29
CA GLY D 28 -23.98 -1.18 -4.36
C GLY D 28 -23.48 -2.06 -3.23
N ILE D 29 -24.33 -2.16 -2.22
CA ILE D 29 -24.16 -3.15 -1.15
C ILE D 29 -25.38 -4.05 -1.20
N SER D 30 -25.30 -5.18 -0.52
CA SER D 30 -26.40 -6.13 -0.60
C SER D 30 -27.51 -5.74 0.36
N PRO D 31 -28.72 -6.21 0.11
CA PRO D 31 -29.81 -5.99 1.08
C PRO D 31 -29.53 -6.71 2.39
N ASP D 32 -30.28 -6.29 3.42
CA ASP D 32 -30.01 -6.77 4.77
C ASP D 32 -30.16 -8.29 4.88
N ASN D 33 -31.05 -8.88 4.09
CA ASN D 33 -31.28 -10.31 4.17
C ASN D 33 -30.18 -11.15 3.51
N VAL D 34 -29.28 -10.53 2.75
CA VAL D 34 -28.22 -11.23 2.05
C VAL D 34 -26.99 -11.27 2.95
N GLN D 35 -26.62 -12.47 3.41
CA GLN D 35 -25.52 -12.63 4.35
C GLN D 35 -24.25 -13.17 3.71
N SER D 36 -24.33 -13.64 2.47
CA SER D 36 -23.20 -14.16 1.71
C SER D 36 -23.64 -14.23 0.26
N VAL D 37 -22.67 -14.38 -0.65
CA VAL D 37 -22.98 -14.64 -2.05
C VAL D 37 -22.08 -15.75 -2.55
N GLN D 38 -22.52 -16.42 -3.62
CA GLN D 38 -21.80 -17.56 -4.18
C GLN D 38 -21.90 -17.54 -5.70
N PHE D 39 -21.74 -16.35 -6.30
CA PHE D 39 -21.79 -16.23 -7.75
C PHE D 39 -20.77 -17.17 -8.37
N GLN D 40 -21.13 -17.76 -9.52
CA GLN D 40 -20.23 -18.66 -10.23
C GLN D 40 -19.54 -17.99 -11.41
N ASN D 41 -20.10 -16.90 -11.92
CA ASN D 41 -19.42 -16.02 -12.86
C ASN D 41 -18.90 -14.79 -12.14
N GLY D 42 -17.95 -14.12 -12.77
CA GLY D 42 -17.35 -12.96 -12.16
C GLY D 42 -16.48 -13.30 -10.98
N ARG D 43 -15.82 -14.46 -11.00
CA ARG D 43 -14.99 -14.95 -9.91
C ARG D 43 -13.55 -15.07 -10.38
N CYS D 44 -12.66 -14.31 -9.77
CA CYS D 44 -11.25 -14.33 -10.13
C CYS D 44 -10.46 -13.87 -8.91
N THR D 45 -9.43 -14.63 -8.54
CA THR D 45 -8.60 -14.24 -7.41
C THR D 45 -7.72 -13.04 -7.79
N LEU D 46 -7.17 -12.39 -6.77
CA LEU D 46 -6.31 -11.25 -7.04
C LEU D 46 -5.03 -11.65 -7.78
N ASP D 47 -4.59 -12.91 -7.68
CA ASP D 47 -3.44 -13.35 -8.46
C ASP D 47 -3.85 -14.04 -9.76
N GLY D 48 -5.10 -13.85 -10.18
CA GLY D 48 -5.49 -14.13 -11.54
C GLY D 48 -5.99 -15.52 -11.83
N ARG D 49 -6.51 -16.24 -10.85
CA ARG D 49 -7.06 -17.57 -11.06
C ARG D 49 -8.58 -17.46 -11.22
N LEU D 50 -9.08 -17.89 -12.38
CA LEU D 50 -10.52 -17.93 -12.59
C LEU D 50 -11.15 -19.04 -11.75
N VAL D 51 -12.36 -18.79 -11.26
CA VAL D 51 -13.09 -19.76 -10.47
C VAL D 51 -14.50 -19.90 -11.02
N GLY D 52 -15.10 -21.06 -10.79
CA GLY D 52 -16.46 -21.29 -11.24
C GLY D 52 -16.55 -21.39 -12.75
N THR D 53 -17.68 -20.93 -13.27
CA THR D 53 -17.90 -20.90 -14.71
C THR D 53 -17.29 -19.66 -15.36
N THR D 54 -16.62 -18.82 -14.58
CA THR D 54 -16.12 -17.53 -15.06
C THR D 54 -15.25 -17.67 -16.30
N PRO D 55 -15.60 -17.00 -17.40
CA PRO D 55 -14.68 -16.85 -18.53
C PRO D 55 -13.86 -15.58 -18.40
N VAL D 56 -12.75 -15.53 -19.15
CA VAL D 56 -11.92 -14.34 -19.09
C VAL D 56 -12.49 -13.20 -19.93
N SER D 57 -13.37 -13.51 -20.89
CA SER D 57 -13.91 -12.53 -21.81
C SER D 57 -15.43 -12.39 -21.68
N LEU D 58 -15.93 -11.16 -21.80
CA LEU D 58 -17.37 -10.93 -21.79
C LEU D 58 -18.08 -11.61 -22.95
N SER D 59 -17.36 -11.94 -24.04
CA SER D 59 -17.99 -12.62 -25.17
C SER D 59 -18.46 -14.03 -24.81
N HIS D 60 -18.09 -14.53 -23.64
CA HIS D 60 -18.53 -15.82 -23.15
CA HIS D 60 -18.55 -15.84 -23.17
C HIS D 60 -19.48 -15.73 -21.97
N VAL D 61 -19.81 -14.53 -21.51
CA VAL D 61 -20.55 -14.37 -20.25
C VAL D 61 -22.05 -14.51 -20.47
N ALA D 62 -22.67 -15.37 -19.66
CA ALA D 62 -24.12 -15.59 -19.64
C ALA D 62 -24.62 -16.09 -20.99
N LYS D 63 -23.91 -17.07 -21.53
CA LYS D 63 -24.24 -17.68 -22.81
C LYS D 63 -24.36 -19.18 -22.66
N ILE D 64 -25.11 -19.78 -23.58
CA ILE D 64 -25.25 -21.22 -23.66
C ILE D 64 -24.99 -21.63 -25.10
N ARG D 65 -24.65 -22.89 -25.27
CA ARG D 65 -24.53 -23.46 -26.61
C ARG D 65 -24.91 -24.93 -26.51
N GLY D 66 -25.60 -25.42 -27.52
CA GLY D 66 -25.99 -26.82 -27.48
C GLY D 66 -26.90 -27.17 -28.63
N THR D 67 -27.32 -28.43 -28.60
CA THR D 67 -28.16 -29.01 -29.63
C THR D 67 -29.48 -29.43 -29.01
N SER D 68 -30.57 -28.87 -29.53
CA SER D 68 -31.90 -29.29 -29.15
C SER D 68 -32.33 -30.49 -29.98
N ASN D 69 -33.01 -31.43 -29.33
CA ASN D 69 -33.73 -32.49 -30.04
C ASN D 69 -35.23 -32.28 -29.95
N GLY D 70 -35.68 -31.10 -29.54
CA GLY D 70 -37.08 -30.81 -29.34
C GLY D 70 -37.56 -31.01 -27.93
N THR D 71 -36.86 -31.81 -27.13
CA THR D 71 -37.22 -32.09 -25.75
C THR D 71 -36.16 -31.59 -24.77
N VAL D 72 -34.89 -31.81 -25.06
CA VAL D 72 -33.81 -31.31 -24.23
C VAL D 72 -32.80 -30.62 -25.14
N ILE D 73 -32.05 -29.71 -24.54
CA ILE D 73 -30.87 -29.14 -25.15
C ILE D 73 -29.66 -29.80 -24.51
N ASN D 74 -28.87 -30.53 -25.30
CA ASN D 74 -27.63 -31.11 -24.82
C ASN D 74 -26.54 -30.06 -24.99
N LEU D 75 -25.96 -29.64 -23.86
CA LEU D 75 -25.04 -28.51 -23.86
C LEU D 75 -23.67 -28.89 -24.40
N THR D 76 -23.01 -27.91 -25.00
CA THR D 76 -21.60 -27.99 -25.38
C THR D 76 -20.86 -26.82 -24.74
N GLU D 77 -19.53 -26.82 -24.88
CA GLU D 77 -18.78 -25.60 -24.62
C GLU D 77 -19.19 -24.54 -25.64
N LEU D 78 -18.92 -23.28 -25.32
CA LEU D 78 -19.41 -22.20 -26.18
C LEU D 78 -18.74 -22.19 -27.56
N ASP D 79 -17.57 -22.80 -27.71
CA ASP D 79 -16.98 -22.92 -29.04
C ASP D 79 -17.48 -24.13 -29.80
N GLY D 80 -18.45 -24.87 -29.25
CA GLY D 80 -19.04 -26.00 -29.91
C GLY D 80 -18.39 -27.33 -29.60
N THR D 81 -17.23 -27.34 -28.93
CA THR D 81 -16.60 -28.59 -28.56
C THR D 81 -17.32 -29.20 -27.36
N PRO D 82 -17.12 -30.48 -27.09
CA PRO D 82 -17.98 -31.18 -26.12
C PRO D 82 -17.87 -30.65 -24.70
N PHE D 83 -19.04 -30.56 -24.05
CA PHE D 83 -19.11 -30.34 -22.61
C PHE D 83 -19.17 -31.70 -21.92
N HIS D 84 -18.21 -31.94 -21.03
CA HIS D 84 -18.16 -33.20 -20.30
C HIS D 84 -18.65 -32.98 -18.89
N PRO D 85 -19.81 -33.52 -18.51
CA PRO D 85 -20.26 -33.37 -17.13
C PRO D 85 -19.16 -33.78 -16.16
N PHE D 86 -19.07 -33.03 -15.06
CA PHE D 86 -17.98 -33.21 -14.10
C PHE D 86 -18.52 -32.78 -12.73
N GLU D 87 -17.63 -32.64 -11.76
CA GLU D 87 -18.09 -32.31 -10.42
C GLU D 87 -18.69 -30.90 -10.36
N GLY D 88 -18.30 -30.01 -11.28
CA GLY D 88 -18.71 -28.63 -11.25
C GLY D 88 -20.08 -28.41 -11.86
N PRO D 89 -20.48 -27.13 -11.88
CA PRO D 89 -21.90 -26.80 -12.08
C PRO D 89 -22.42 -26.82 -13.52
N ALA D 90 -21.58 -26.42 -14.47
CA ALA D 90 -22.07 -26.12 -15.82
C ALA D 90 -20.90 -25.79 -16.73
N PRO D 91 -21.14 -25.63 -18.04
CA PRO D 91 -20.07 -25.19 -18.92
C PRO D 91 -19.62 -23.77 -18.60
N ILE D 92 -18.35 -23.49 -18.90
CA ILE D 92 -17.84 -22.14 -18.78
C ILE D 92 -18.81 -21.16 -19.46
N GLY D 93 -19.08 -20.04 -18.76
CA GLY D 93 -19.91 -18.98 -19.28
C GLY D 93 -21.40 -19.13 -19.01
N PHE D 94 -21.86 -20.30 -18.60
CA PHE D 94 -23.27 -20.54 -18.39
C PHE D 94 -23.84 -19.51 -17.43
N PRO D 95 -25.05 -18.99 -17.66
CA PRO D 95 -25.60 -17.97 -16.76
C PRO D 95 -25.71 -18.49 -15.33
N ASP D 96 -25.50 -17.58 -14.36
CA ASP D 96 -25.55 -17.92 -12.94
C ASP D 96 -26.55 -17.05 -12.19
N LEU D 97 -27.55 -16.51 -12.89
CA LEU D 97 -28.56 -15.68 -12.25
C LEU D 97 -29.63 -16.60 -11.66
N GLY D 98 -29.57 -16.79 -10.36
CA GLY D 98 -30.67 -17.43 -9.65
C GLY D 98 -31.83 -16.48 -9.51
N GLY D 99 -32.91 -17.00 -8.92
CA GLY D 99 -34.03 -16.15 -8.55
C GLY D 99 -34.74 -15.46 -9.68
N CYS D 100 -34.84 -16.10 -10.83
CA CYS D 100 -35.53 -15.48 -11.97
C CYS D 100 -35.70 -16.52 -13.07
N ASP D 101 -36.64 -16.23 -13.98
CA ASP D 101 -36.67 -16.91 -15.27
C ASP D 101 -35.77 -16.17 -16.24
N TRP D 102 -35.10 -16.93 -17.09
CA TRP D 102 -34.24 -16.37 -18.13
C TRP D 102 -34.98 -16.31 -19.45
N HIS D 103 -34.65 -15.30 -20.25
CA HIS D 103 -35.10 -15.23 -21.63
C HIS D 103 -33.84 -15.05 -22.47
N ILE D 104 -33.51 -16.11 -23.18
CA ILE D 104 -32.23 -16.26 -23.87
C ILE D 104 -32.49 -16.11 -25.36
N ASN D 105 -31.69 -15.29 -26.01
CA ASN D 105 -31.83 -15.08 -27.44
C ASN D 105 -30.95 -16.09 -28.18
N MET D 106 -31.59 -16.99 -28.93
CA MET D 106 -30.94 -18.09 -29.60
C MET D 106 -30.75 -17.76 -31.08
N THR D 107 -29.51 -17.90 -31.57
CA THR D 107 -29.19 -17.72 -32.97
C THR D 107 -28.41 -18.94 -33.44
N GLN D 108 -28.13 -18.99 -34.74
CA GLN D 108 -27.52 -20.15 -35.34
C GLN D 108 -26.51 -19.73 -36.39
N PHE D 109 -25.41 -20.47 -36.45
CA PHE D 109 -24.42 -20.31 -37.51
C PHE D 109 -24.93 -21.01 -38.76
N GLY D 110 -25.14 -20.24 -39.82
CA GLY D 110 -25.62 -20.77 -41.07
C GLY D 110 -27.11 -20.74 -41.26
N HIS D 111 -27.86 -20.13 -40.34
CA HIS D 111 -29.29 -19.97 -40.49
C HIS D 111 -29.71 -18.56 -40.12
N SER D 112 -30.79 -18.12 -40.75
CA SER D 112 -31.43 -16.87 -40.39
C SER D 112 -32.17 -17.00 -39.06
N SER D 113 -32.52 -15.83 -38.50
CA SER D 113 -33.49 -15.67 -37.43
C SER D 113 -32.93 -15.82 -36.02
N GLN D 114 -33.71 -15.36 -35.05
CA GLN D 114 -33.43 -15.54 -33.64
C GLN D 114 -34.68 -16.10 -32.99
N THR D 115 -34.50 -16.77 -31.85
CA THR D 115 -35.61 -17.37 -31.13
C THR D 115 -35.44 -17.11 -29.65
N GLN D 116 -36.52 -16.67 -29.00
CA GLN D 116 -36.49 -16.48 -27.56
C GLN D 116 -36.73 -17.81 -26.87
N TYR D 117 -35.80 -18.18 -25.99
CA TYR D 117 -35.83 -19.42 -25.20
C TYR D 117 -36.13 -19.04 -23.76
N ASP D 118 -37.25 -19.53 -23.24
CA ASP D 118 -37.73 -19.19 -21.91
C ASP D 118 -37.30 -20.29 -20.93
N VAL D 119 -36.51 -19.91 -19.92
CA VAL D 119 -35.87 -20.89 -19.04
C VAL D 119 -36.34 -20.67 -17.61
N ASP D 120 -37.10 -21.64 -17.10
CA ASP D 120 -37.33 -21.83 -15.67
C ASP D 120 -36.20 -22.71 -15.17
N THR D 121 -35.42 -22.23 -14.20
CA THR D 121 -34.27 -22.97 -13.72
C THR D 121 -34.59 -23.91 -12.57
N THR D 122 -35.86 -24.00 -12.16
CA THR D 122 -36.20 -24.80 -11.00
C THR D 122 -36.59 -26.25 -11.24
N PRO D 123 -37.03 -26.64 -12.43
CA PRO D 123 -37.55 -28.00 -12.60
C PRO D 123 -36.44 -29.06 -12.65
N ASP D 124 -36.87 -30.31 -12.51
CA ASP D 124 -35.97 -31.45 -12.52
C ASP D 124 -35.25 -31.62 -13.85
N THR D 125 -35.79 -31.04 -14.92
CA THR D 125 -35.17 -31.11 -16.24
C THR D 125 -34.03 -30.11 -16.41
N PHE D 126 -33.88 -29.17 -15.50
CA PHE D 126 -32.81 -28.17 -15.59
C PHE D 126 -31.61 -28.73 -14.84
N VAL D 127 -30.75 -29.42 -15.58
CA VAL D 127 -29.60 -30.11 -14.98
C VAL D 127 -28.37 -29.82 -15.82
N PRO D 128 -27.95 -28.56 -15.92
CA PRO D 128 -26.71 -28.28 -16.67
C PRO D 128 -25.51 -29.03 -16.11
N HIS D 129 -25.51 -29.35 -14.81
CA HIS D 129 -24.45 -30.15 -14.19
C HIS D 129 -24.35 -31.52 -14.84
N LEU D 130 -25.44 -32.02 -15.41
CA LEU D 130 -25.45 -33.27 -16.14
C LEU D 130 -25.48 -33.06 -17.65
N GLY D 131 -25.34 -31.82 -18.11
CA GLY D 131 -25.19 -31.50 -19.51
C GLY D 131 -26.46 -31.28 -20.30
N SER D 132 -27.61 -31.13 -19.65
CA SER D 132 -28.82 -30.90 -20.43
C SER D 132 -29.81 -30.03 -19.67
N ILE D 133 -30.60 -29.28 -20.45
CA ILE D 133 -31.68 -28.45 -19.92
C ILE D 133 -32.88 -28.62 -20.86
N GLN D 134 -34.08 -28.38 -20.33
CA GLN D 134 -35.28 -28.60 -21.12
C GLN D 134 -35.30 -27.65 -22.32
N ALA D 135 -35.77 -28.15 -23.47
CA ALA D 135 -35.84 -27.32 -24.66
C ALA D 135 -36.99 -26.32 -24.59
N ASN D 136 -38.05 -26.65 -23.86
CA ASN D 136 -39.22 -25.79 -23.73
C ASN D 136 -39.62 -25.18 -25.08
N GLY D 137 -39.79 -26.04 -26.07
CA GLY D 137 -40.32 -25.61 -27.35
C GLY D 137 -39.30 -25.20 -28.39
N ILE D 138 -38.02 -25.13 -28.04
CA ILE D 138 -36.98 -24.83 -29.02
C ILE D 138 -36.82 -26.03 -29.94
N GLY D 139 -37.05 -25.82 -31.24
CA GLY D 139 -36.99 -26.91 -32.18
C GLY D 139 -35.58 -27.44 -32.39
N SER D 140 -35.52 -28.65 -32.96
CA SER D 140 -34.24 -29.32 -33.15
C SER D 140 -33.26 -28.45 -33.93
N GLY D 141 -32.01 -28.50 -33.52
CA GLY D 141 -30.95 -27.74 -34.17
C GLY D 141 -29.87 -27.35 -33.19
N ASN D 142 -28.81 -26.76 -33.73
CA ASN D 142 -27.68 -26.25 -32.96
C ASN D 142 -27.83 -24.76 -32.76
N TYR D 143 -27.66 -24.30 -31.52
CA TYR D 143 -27.87 -22.91 -31.19
C TYR D 143 -26.79 -22.36 -30.26
N VAL D 144 -26.56 -21.06 -30.38
CA VAL D 144 -25.85 -20.27 -29.37
CA VAL D 144 -25.85 -20.28 -29.36
C VAL D 144 -26.86 -19.28 -28.79
N GLY D 145 -26.87 -19.15 -27.48
CA GLY D 145 -27.81 -18.27 -26.82
C GLY D 145 -27.11 -17.32 -25.87
N VAL D 146 -27.63 -16.10 -25.79
CA VAL D 146 -27.16 -15.12 -24.83
C VAL D 146 -28.35 -14.61 -24.02
N LEU D 147 -28.14 -14.44 -22.72
CA LEU D 147 -29.18 -13.89 -21.87
C LEU D 147 -29.56 -12.51 -22.37
N SER D 148 -30.86 -12.27 -22.55
CA SER D 148 -31.38 -11.02 -23.10
CA SER D 148 -31.37 -11.01 -23.09
C SER D 148 -32.20 -10.24 -22.09
N TRP D 149 -33.12 -10.89 -21.38
CA TRP D 149 -33.92 -10.24 -20.36
C TRP D 149 -34.38 -11.31 -19.37
N ILE D 150 -34.87 -10.86 -18.22
CA ILE D 150 -35.28 -11.76 -17.15
C ILE D 150 -36.68 -11.38 -16.67
N SER D 151 -37.29 -12.27 -15.90
CA SER D 151 -38.59 -12.03 -15.30
C SER D 151 -38.66 -12.84 -14.01
N PRO D 152 -39.72 -12.65 -13.23
CA PRO D 152 -39.82 -13.38 -11.97
C PRO D 152 -39.80 -14.88 -12.20
N PRO D 153 -39.28 -15.65 -11.25
CA PRO D 153 -39.21 -17.11 -11.45
C PRO D 153 -40.60 -17.73 -11.50
N SER D 154 -40.73 -18.76 -12.33
CA SER D 154 -42.01 -19.45 -12.46
C SER D 154 -42.37 -20.22 -11.21
N HIS D 155 -41.39 -20.62 -10.41
CA HIS D 155 -41.58 -21.35 -9.16
C HIS D 155 -40.53 -20.87 -8.18
N PRO D 156 -40.87 -20.82 -6.87
CA PRO D 156 -42.17 -21.03 -6.23
C PRO D 156 -43.15 -19.95 -6.61
N SER D 157 -44.44 -20.29 -6.69
CA SER D 157 -45.46 -19.32 -7.06
C SER D 157 -45.35 -18.07 -6.20
N GLY D 158 -45.40 -16.92 -6.86
CA GLY D 158 -45.36 -15.64 -6.17
C GLY D 158 -43.98 -15.12 -5.84
N SER D 159 -42.93 -15.88 -6.16
CA SER D 159 -41.59 -15.41 -5.88
C SER D 159 -41.22 -14.25 -6.80
N GLN D 160 -40.36 -13.37 -6.30
CA GLN D 160 -39.89 -12.19 -7.01
C GLN D 160 -38.46 -12.40 -7.48
N VAL D 161 -38.03 -11.54 -8.40
CA VAL D 161 -36.65 -11.56 -8.88
C VAL D 161 -35.70 -11.33 -7.73
N ASP D 162 -34.68 -12.19 -7.62
CA ASP D 162 -33.67 -12.09 -6.56
C ASP D 162 -32.33 -12.49 -7.18
N LEU D 163 -31.60 -11.50 -7.70
CA LEU D 163 -30.37 -11.76 -8.41
C LEU D 163 -29.17 -11.94 -7.49
N TRP D 164 -29.37 -11.96 -6.17
CA TRP D 164 -28.33 -12.36 -5.23
C TRP D 164 -28.15 -13.87 -5.16
N LYS D 165 -29.02 -14.62 -5.83
CA LYS D 165 -29.01 -16.07 -5.83
C LYS D 165 -28.30 -16.62 -7.07
N ILE D 166 -27.94 -17.89 -6.99
CA ILE D 166 -27.49 -18.66 -8.16
C ILE D 166 -28.51 -19.75 -8.43
N PRO D 167 -28.54 -20.31 -9.63
CA PRO D 167 -29.52 -21.35 -9.95
C PRO D 167 -29.13 -22.70 -9.39
N ASN D 168 -30.12 -23.61 -9.43
CA ASN D 168 -29.95 -25.00 -9.02
C ASN D 168 -29.42 -25.80 -10.20
N TYR D 169 -28.09 -25.87 -10.29
CA TYR D 169 -27.45 -26.50 -11.44
C TYR D 169 -27.64 -28.01 -11.46
N GLY D 170 -27.77 -28.64 -10.30
CA GLY D 170 -27.83 -30.07 -10.17
C GLY D 170 -29.24 -30.60 -10.09
N SER D 171 -29.37 -31.84 -9.61
CA SER D 171 -30.65 -32.50 -9.49
C SER D 171 -30.99 -32.76 -8.04
N THR D 177 -23.15 -30.67 -6.29
CA THR D 177 -22.35 -29.91 -7.27
C THR D 177 -21.24 -29.15 -6.56
N HIS D 178 -20.03 -29.23 -7.12
CA HIS D 178 -18.86 -28.55 -6.59
C HIS D 178 -18.79 -27.15 -7.18
N LEU D 179 -19.05 -26.15 -6.33
CA LEU D 179 -19.20 -24.76 -6.73
C LEU D 179 -18.00 -23.92 -6.31
N ALA D 180 -17.80 -22.80 -7.01
CA ALA D 180 -16.95 -21.75 -6.48
C ALA D 180 -17.44 -21.38 -5.09
N PRO D 181 -16.53 -21.17 -4.13
CA PRO D 181 -16.96 -21.02 -2.73
C PRO D 181 -17.66 -19.69 -2.49
N SER D 182 -18.39 -19.65 -1.39
CA SER D 182 -19.07 -18.43 -1.02
C SER D 182 -18.08 -17.34 -0.60
N VAL D 183 -18.56 -16.11 -0.72
CA VAL D 183 -17.84 -14.90 -0.32
C VAL D 183 -18.61 -14.30 0.85
N TYR D 184 -17.88 -13.96 1.91
CA TYR D 184 -18.45 -13.48 3.16
C TYR D 184 -17.88 -12.12 3.53
N PRO D 185 -18.66 -11.25 4.15
CA PRO D 185 -18.08 -10.03 4.75
C PRO D 185 -17.06 -10.41 5.81
N PRO D 186 -15.89 -9.78 5.83
CA PRO D 186 -14.79 -10.29 6.65
C PRO D 186 -14.73 -9.81 8.09
N GLY D 187 -15.59 -8.90 8.52
CA GLY D 187 -15.54 -8.34 9.86
C GLY D 187 -15.15 -6.88 9.84
N PHE D 188 -14.89 -6.35 11.03
CA PHE D 188 -14.39 -4.98 11.19
C PHE D 188 -15.35 -3.95 10.61
N GLY D 189 -16.65 -4.23 10.65
CA GLY D 189 -17.63 -3.35 10.08
C GLY D 189 -17.64 -3.29 8.57
N GLU D 190 -16.90 -4.16 7.90
CA GLU D 190 -16.81 -4.13 6.45
C GLU D 190 -17.96 -4.89 5.83
N VAL D 191 -18.46 -4.38 4.71
CA VAL D 191 -19.51 -5.02 3.95
C VAL D 191 -19.01 -5.26 2.53
N LEU D 192 -19.56 -6.27 1.87
CA LEU D 192 -19.19 -6.56 0.50
C LEU D 192 -19.67 -5.46 -0.43
N VAL D 193 -18.87 -5.18 -1.46
CA VAL D 193 -19.16 -4.15 -2.45
C VAL D 193 -19.47 -4.85 -3.77
N PHE D 194 -20.52 -4.37 -4.45
CA PHE D 194 -20.98 -4.96 -5.69
C PHE D 194 -21.06 -3.93 -6.80
N PHE D 195 -20.73 -4.37 -7.99
CA PHE D 195 -20.87 -3.56 -9.20
C PHE D 195 -22.19 -3.92 -9.85
N MET D 196 -23.06 -2.92 -10.01
CA MET D 196 -24.44 -3.14 -10.40
C MET D 196 -24.69 -2.75 -11.85
N SER D 197 -25.58 -3.51 -12.49
CA SER D 197 -26.06 -3.21 -13.84
C SER D 197 -27.57 -3.31 -13.91
N LYS D 198 -28.19 -2.45 -14.70
CA LYS D 198 -29.61 -2.57 -15.00
C LYS D 198 -29.84 -3.69 -16.01
N MET D 199 -30.73 -4.61 -15.66
CA MET D 199 -31.07 -5.75 -16.51
C MET D 199 -32.46 -5.58 -17.08
N PRO D 200 -32.62 -5.67 -18.40
CA PRO D 200 -33.98 -5.54 -18.98
C PRO D 200 -34.95 -6.60 -18.50
N GLY D 201 -36.22 -6.25 -18.60
CA GLY D 201 -37.31 -7.08 -18.15
C GLY D 201 -38.38 -6.26 -17.45
N PRO D 202 -39.50 -6.92 -17.09
CA PRO D 202 -40.69 -6.19 -16.61
C PRO D 202 -40.62 -5.70 -15.16
N GLY D 203 -39.43 -5.33 -14.71
CA GLY D 203 -39.27 -4.76 -13.39
C GLY D 203 -38.02 -3.89 -13.37
N ALA D 204 -37.72 -3.37 -12.18
CA ALA D 204 -36.53 -2.55 -11.96
C ALA D 204 -35.41 -3.46 -11.44
N TYR D 205 -34.81 -4.19 -12.37
CA TYR D 205 -33.85 -5.24 -12.03
C TYR D 205 -32.43 -4.69 -11.99
N ASN D 206 -31.71 -5.02 -10.93
CA ASN D 206 -30.33 -4.57 -10.76
C ASN D 206 -29.46 -5.79 -10.46
N LEU D 207 -28.52 -6.07 -11.36
CA LEU D 207 -27.69 -7.27 -11.30
C LEU D 207 -26.36 -6.97 -10.62
N PRO D 208 -26.08 -7.58 -9.46
CA PRO D 208 -24.78 -7.39 -8.81
C PRO D 208 -23.73 -8.39 -9.26
N CYS D 209 -22.48 -7.92 -9.30
CA CYS D 209 -21.34 -8.81 -9.48
C CYS D 209 -20.19 -8.33 -8.59
N LEU D 210 -19.21 -9.21 -8.39
CA LEU D 210 -18.12 -8.93 -7.48
C LEU D 210 -16.98 -8.15 -8.13
N LEU D 211 -16.79 -8.30 -9.44
CA LEU D 211 -15.69 -7.67 -10.16
C LEU D 211 -16.14 -7.29 -11.56
N PRO D 212 -15.77 -6.11 -12.04
CA PRO D 212 -15.98 -5.81 -13.47
C PRO D 212 -15.25 -6.84 -14.33
N GLN D 213 -15.83 -7.16 -15.48
CA GLN D 213 -15.20 -8.17 -16.33
C GLN D 213 -13.80 -7.74 -16.76
N GLU D 214 -13.59 -6.44 -16.99
CA GLU D 214 -12.29 -5.97 -17.44
C GLU D 214 -11.24 -6.05 -16.33
N TYR D 215 -11.67 -6.05 -15.06
CA TYR D 215 -10.73 -6.36 -13.98
C TYR D 215 -10.29 -7.81 -14.07
N ILE D 216 -11.23 -8.71 -14.40
CA ILE D 216 -10.92 -10.14 -14.47
C ILE D 216 -9.89 -10.42 -15.56
N SER D 217 -10.07 -9.86 -16.76
CA SER D 217 -9.10 -10.14 -17.81
CA SER D 217 -9.10 -10.12 -17.81
C SER D 217 -7.74 -9.52 -17.46
N HIS D 218 -7.73 -8.39 -16.76
CA HIS D 218 -6.48 -7.80 -16.30
C HIS D 218 -5.78 -8.71 -15.29
N LEU D 219 -6.49 -9.14 -14.25
CA LEU D 219 -5.89 -9.98 -13.22
C LEU D 219 -5.42 -11.30 -13.81
N ALA D 220 -6.22 -11.90 -14.68
CA ALA D 220 -5.86 -13.20 -15.24
C ALA D 220 -4.60 -13.10 -16.09
N SER D 221 -4.38 -11.95 -16.73
CA SER D 221 -3.17 -11.75 -17.51
C SER D 221 -1.98 -11.42 -16.62
N GLU D 222 -2.17 -10.53 -15.63
CA GLU D 222 -1.06 -10.04 -14.82
C GLU D 222 -0.54 -11.12 -13.87
N GLN D 223 -1.44 -11.82 -13.20
CA GLN D 223 -1.08 -12.82 -12.19
C GLN D 223 -0.06 -12.27 -11.21
N ALA D 224 -0.32 -11.08 -10.69
CA ALA D 224 0.56 -10.48 -9.70
C ALA D 224 0.48 -11.29 -8.42
N PRO D 225 1.60 -11.65 -7.82
CA PRO D 225 1.54 -12.42 -6.56
C PRO D 225 0.79 -11.65 -5.48
N THR D 226 -0.06 -12.37 -4.74
CA THR D 226 -0.81 -11.78 -3.63
C THR D 226 0.09 -11.80 -2.41
N VAL D 227 0.73 -10.67 -2.11
CA VAL D 227 1.79 -10.65 -1.11
C VAL D 227 1.30 -10.08 0.22
N GLY D 228 -0.01 -9.82 0.33
CA GLY D 228 -0.56 -9.39 1.60
C GLY D 228 -1.93 -9.99 1.81
N GLU D 229 -2.48 -9.74 3.01
CA GLU D 229 -3.79 -10.27 3.36
C GLU D 229 -4.91 -9.49 2.72
N ALA D 230 -4.68 -8.23 2.37
CA ALA D 230 -5.70 -7.41 1.75
C ALA D 230 -5.00 -6.29 0.99
N ALA D 231 -5.60 -5.88 -0.12
CA ALA D 231 -5.09 -4.79 -0.94
C ALA D 231 -5.91 -3.53 -0.65
N LEU D 232 -5.26 -2.54 -0.06
CA LEU D 232 -5.91 -1.25 0.19
C LEU D 232 -6.04 -0.50 -1.13
N LEU D 233 -7.26 -0.07 -1.44
CA LEU D 233 -7.56 0.69 -2.64
C LEU D 233 -8.07 2.07 -2.27
N HIS D 234 -7.82 3.03 -3.15
CA HIS D 234 -8.51 4.32 -3.14
C HIS D 234 -9.40 4.39 -4.37
N TYR D 235 -10.61 4.90 -4.19
CA TYR D 235 -11.51 5.20 -5.30
C TYR D 235 -11.30 6.68 -5.63
N VAL D 236 -10.73 6.95 -6.80
CA VAL D 236 -10.15 8.27 -7.07
C VAL D 236 -10.95 8.99 -8.14
N ASP D 237 -11.18 10.28 -7.91
CA ASP D 237 -11.76 11.20 -8.90
C ASP D 237 -10.72 11.53 -9.95
N PRO D 238 -10.91 11.17 -11.21
CA PRO D 238 -9.87 11.42 -12.22
C PRO D 238 -9.61 12.89 -12.50
N ASP D 239 -10.56 13.77 -12.18
CA ASP D 239 -10.35 15.20 -12.40
C ASP D 239 -9.43 15.80 -11.36
N THR D 240 -9.74 15.56 -10.08
CA THR D 240 -9.04 16.19 -8.97
C THR D 240 -7.95 15.33 -8.38
N GLY D 241 -7.97 14.02 -8.65
CA GLY D 241 -7.12 13.09 -7.93
C GLY D 241 -7.55 12.83 -6.51
N ARG D 242 -8.70 13.35 -6.10
CA ARG D 242 -9.14 13.20 -4.73
C ARG D 242 -9.55 11.76 -4.43
N ASN D 243 -9.18 11.29 -3.25
CA ASN D 243 -9.61 9.98 -2.76
C ASN D 243 -11.06 10.12 -2.28
N LEU D 244 -11.98 9.46 -2.97
CA LEU D 244 -13.39 9.49 -2.62
C LEU D 244 -13.78 8.42 -1.62
N GLY D 245 -12.91 7.45 -1.37
CA GLY D 245 -13.21 6.40 -0.42
C GLY D 245 -12.19 5.28 -0.40
N GLU D 246 -11.93 4.76 0.80
CA GLU D 246 -11.04 3.62 1.01
C GLU D 246 -11.81 2.31 0.90
N PHE D 247 -11.22 1.35 0.21
CA PHE D 247 -11.78 0.02 0.03
C PHE D 247 -10.65 -0.99 0.25
N LYS D 248 -11.04 -2.22 0.58
CA LYS D 248 -10.08 -3.32 0.62
C LYS D 248 -10.51 -4.39 -0.38
N ALA D 249 -9.55 -4.90 -1.13
CA ALA D 249 -9.76 -6.06 -1.99
C ALA D 249 -9.11 -7.27 -1.33
N TYR D 250 -9.83 -8.36 -1.28
CA TYR D 250 -9.34 -9.55 -0.62
C TYR D 250 -8.91 -10.61 -1.63
N PRO D 251 -7.99 -11.49 -1.24
CA PRO D 251 -7.40 -12.43 -2.22
C PRO D 251 -8.39 -13.24 -3.03
N ASP D 252 -9.50 -13.68 -2.45
CA ASP D 252 -10.46 -14.49 -3.19
C ASP D 252 -11.12 -13.74 -4.33
N GLY D 253 -11.01 -12.41 -4.36
CA GLY D 253 -11.49 -11.63 -5.48
C GLY D 253 -12.75 -10.85 -5.18
N PHE D 254 -12.74 -10.06 -4.11
CA PHE D 254 -13.89 -9.23 -3.79
C PHE D 254 -13.42 -7.98 -3.06
N LEU D 255 -14.26 -6.97 -3.09
CA LEU D 255 -13.99 -5.69 -2.46
C LEU D 255 -14.94 -5.47 -1.28
N THR D 256 -14.45 -4.70 -0.31
CA THR D 256 -15.26 -4.30 0.81
C THR D 256 -15.03 -2.82 1.11
N CYS D 257 -15.95 -2.26 1.89
CA CYS D 257 -15.76 -0.94 2.48
C CYS D 257 -16.51 -0.92 3.79
N VAL D 258 -16.30 0.14 4.57
CA VAL D 258 -17.11 0.43 5.73
C VAL D 258 -18.06 1.57 5.35
N PRO D 259 -19.37 1.34 5.31
CA PRO D 259 -20.30 2.45 5.05
C PRO D 259 -20.37 3.39 6.24
N ASN D 260 -20.65 4.66 5.94
CA ASN D 260 -20.74 5.69 6.97
C ASN D 260 -22.08 5.67 7.68
N GLY D 265 -22.95 5.92 1.97
CA GLY D 265 -22.30 4.67 1.62
C GLY D 265 -21.79 4.68 0.19
N PRO D 266 -21.28 3.54 -0.28
CA PRO D 266 -20.75 3.49 -1.65
C PRO D 266 -21.81 3.75 -2.72
N GLN D 267 -23.09 3.52 -2.42
CA GLN D 267 -24.14 3.76 -3.40
C GLN D 267 -24.25 5.22 -3.79
N GLN D 268 -23.78 6.14 -2.95
CA GLN D 268 -23.83 7.55 -3.26
C GLN D 268 -22.57 8.06 -3.97
N LEU D 269 -21.57 7.21 -4.15
CA LEU D 269 -20.36 7.64 -4.83
C LEU D 269 -20.63 7.81 -6.32
N PRO D 270 -19.94 8.74 -6.97
CA PRO D 270 -20.03 8.80 -8.43
C PRO D 270 -19.50 7.50 -9.03
N ILE D 271 -20.02 7.15 -10.19
CA ILE D 271 -19.65 5.90 -10.83
C ILE D 271 -18.54 6.06 -11.84
N ASN D 272 -18.02 7.27 -12.01
CA ASN D 272 -17.01 7.55 -13.03
C ASN D 272 -15.61 7.68 -12.43
N GLY D 273 -15.38 7.11 -11.24
CA GLY D 273 -14.07 7.12 -10.64
C GLY D 273 -13.27 5.87 -10.99
N VAL D 274 -12.04 5.83 -10.45
CA VAL D 274 -11.07 4.79 -10.78
C VAL D 274 -10.59 4.17 -9.48
N PHE D 275 -10.60 2.84 -9.40
CA PHE D 275 -9.99 2.16 -8.26
C PHE D 275 -8.49 2.07 -8.47
N VAL D 276 -7.73 2.49 -7.45
CA VAL D 276 -6.27 2.52 -7.50
C VAL D 276 -5.72 1.74 -6.31
N PHE D 277 -4.86 0.76 -6.58
CA PHE D 277 -4.16 0.05 -5.52
C PHE D 277 -3.10 0.95 -4.91
N VAL D 278 -3.10 1.05 -3.58
CA VAL D 278 -2.13 1.91 -2.89
C VAL D 278 -1.17 1.12 -2.01
N SER D 279 -1.61 0.02 -1.40
CA SER D 279 -0.69 -0.74 -0.57
C SER D 279 -1.30 -2.06 -0.15
N TRP D 280 -0.44 -3.07 0.04
CA TRP D 280 -0.85 -4.27 0.77
C TRP D 280 -0.95 -3.91 2.25
N VAL D 281 -2.00 -4.40 2.90
CA VAL D 281 -2.22 -4.15 4.32
C VAL D 281 -2.66 -5.44 5.00
N SER D 282 -2.70 -5.39 6.33
CA SER D 282 -3.17 -6.50 7.12
C SER D 282 -4.68 -6.64 6.98
N ARG D 283 -5.18 -7.84 7.23
CA ARG D 283 -6.63 -8.06 7.18
C ARG D 283 -7.33 -7.21 8.23
N PHE D 284 -6.62 -6.84 9.30
CA PHE D 284 -7.16 -6.02 10.38
C PHE D 284 -7.14 -4.52 10.09
N TYR D 285 -6.58 -4.10 8.96
CA TYR D 285 -6.47 -2.67 8.67
C TYR D 285 -7.86 -2.05 8.67
N GLN D 286 -8.06 -1.03 9.51
CA GLN D 286 -9.36 -0.43 9.70
C GLN D 286 -9.57 0.68 8.67
N LEU D 287 -10.64 0.55 7.89
CA LEU D 287 -10.96 1.52 6.85
C LEU D 287 -11.70 2.73 7.42
N LYS D 288 -11.43 3.89 6.82
CA LYS D 288 -12.24 5.06 7.07
C LYS D 288 -13.60 4.87 6.41
N PRO D 289 -14.70 5.16 7.10
CA PRO D 289 -16.02 4.99 6.48
C PRO D 289 -16.14 5.83 5.22
N VAL D 290 -16.80 5.27 4.21
CA VAL D 290 -17.05 5.98 2.97
C VAL D 290 -18.15 7.00 3.20
N GLN E 1 -1.73 12.28 43.90
CA GLN E 1 -2.22 12.65 42.54
C GLN E 1 -2.11 14.15 42.29
N VAL E 2 -1.86 14.51 41.03
CA VAL E 2 -1.89 15.93 40.66
C VAL E 2 -3.29 16.46 40.90
N GLN E 3 -3.36 17.63 41.54
CA GLN E 3 -4.64 18.26 41.87
C GLN E 3 -4.58 19.71 41.41
N LEU E 4 -5.62 20.14 40.72
CA LEU E 4 -5.78 21.53 40.32
C LEU E 4 -7.08 22.03 40.94
N GLN E 5 -7.03 23.21 41.56
CA GLN E 5 -8.22 23.77 42.20
C GLN E 5 -8.35 25.24 41.86
N GLU E 6 -9.40 25.58 41.12
CA GLU E 6 -9.68 26.96 40.76
C GLU E 6 -10.39 27.69 41.90
N SER E 7 -10.23 29.00 41.90
CA SER E 7 -11.05 29.86 42.74
C SER E 7 -11.15 31.22 42.07
N GLY E 8 -12.11 32.01 42.54
CA GLY E 8 -12.22 33.41 42.16
C GLY E 8 -13.37 33.78 41.24
N GLY E 9 -14.20 32.83 40.81
CA GLY E 9 -15.29 33.16 39.92
C GLY E 9 -16.41 33.91 40.62
N GLY E 10 -17.48 34.17 39.86
CA GLY E 10 -18.68 34.79 40.38
C GLY E 10 -19.25 35.78 39.39
N LEU E 11 -20.12 36.66 39.90
CA LEU E 11 -20.84 37.65 39.07
C LEU E 11 -20.03 38.92 38.94
N VAL E 12 -19.91 39.43 37.72
CA VAL E 12 -19.15 40.65 37.46
C VAL E 12 -19.87 41.44 36.37
N GLN E 13 -19.82 42.76 36.47
CA GLN E 13 -20.46 43.62 35.48
C GLN E 13 -19.61 43.66 34.23
N ALA E 14 -20.28 43.69 33.08
CA ALA E 14 -19.57 43.81 31.80
C ALA E 14 -18.69 45.05 31.83
N GLY E 15 -17.49 44.92 31.25
CA GLY E 15 -16.50 45.95 31.32
C GLY E 15 -15.62 45.90 32.56
N GLY E 16 -15.99 45.10 33.55
CA GLY E 16 -15.22 44.97 34.77
C GLY E 16 -14.12 43.94 34.66
N SER E 17 -13.55 43.62 35.83
CA SER E 17 -12.38 42.78 35.92
C SER E 17 -12.59 41.68 36.95
N LEU E 18 -11.88 40.58 36.78
CA LEU E 18 -11.94 39.45 37.70
C LEU E 18 -10.62 38.72 37.61
N ARG E 19 -10.12 38.25 38.75
CA ARG E 19 -8.88 37.47 38.83
C ARG E 19 -9.20 36.06 39.30
N LEU E 20 -8.89 35.07 38.46
CA LEU E 20 -9.04 33.68 38.83
C LEU E 20 -7.68 33.12 39.27
N SER E 21 -7.74 32.12 40.15
CA SER E 21 -6.55 31.45 40.64
C SER E 21 -6.69 29.94 40.44
N CYS E 22 -5.55 29.28 40.32
CA CYS E 22 -5.50 27.82 40.16
C CYS E 22 -4.34 27.30 41.00
N ALA E 23 -4.65 26.59 42.07
CA ALA E 23 -3.64 26.02 42.95
C ALA E 23 -3.27 24.64 42.45
N VAL E 24 -1.97 24.44 42.23
CA VAL E 24 -1.45 23.18 41.71
C VAL E 24 -0.71 22.46 42.83
N SER E 25 -1.06 21.20 43.05
CA SER E 25 -0.44 20.41 44.11
C SER E 25 -0.28 18.98 43.64
N GLY E 26 0.51 18.20 44.38
CA GLY E 26 0.72 16.82 44.06
C GLY E 26 1.57 16.59 42.83
N ARG E 27 2.33 17.59 42.43
CA ARG E 27 3.09 17.55 41.18
C ARG E 27 4.48 16.96 41.44
N THR E 28 4.87 15.98 40.62
CA THR E 28 6.20 15.39 40.72
C THR E 28 7.12 15.81 39.58
N PHE E 29 6.59 16.47 38.55
CA PHE E 29 7.35 16.94 37.41
C PHE E 29 7.65 18.43 37.54
N SER E 30 8.89 18.80 37.24
CA SER E 30 9.39 20.13 37.54
C SER E 30 8.97 21.20 36.53
N ASN E 31 8.48 20.80 35.36
CA ASN E 31 8.14 21.77 34.32
C ASN E 31 6.97 21.22 33.53
N TYR E 32 6.18 22.15 32.99
CA TYR E 32 4.90 21.84 32.35
C TYR E 32 4.33 23.16 31.89
N TYR E 33 3.22 23.09 31.16
CA TYR E 33 2.43 24.27 30.80
C TYR E 33 1.13 24.27 31.60
N SER E 34 0.85 25.38 32.27
CA SER E 34 -0.45 25.58 32.89
C SER E 34 -1.33 26.35 31.92
N GLY E 35 -2.58 25.91 31.78
CA GLY E 35 -3.49 26.49 30.84
C GLY E 35 -4.82 26.84 31.47
N TRP E 36 -5.45 27.87 30.92
CA TRP E 36 -6.82 28.23 31.27
C TRP E 36 -7.71 27.96 30.06
N PHE E 37 -8.84 27.32 30.32
CA PHE E 37 -9.86 27.02 29.34
C PHE E 37 -11.18 27.55 29.88
N ARG E 38 -12.17 27.63 29.00
CA ARG E 38 -13.53 27.90 29.45
C ARG E 38 -14.50 27.12 28.57
N GLN E 39 -15.68 26.87 29.11
CA GLN E 39 -16.72 26.22 28.34
C GLN E 39 -18.06 26.86 28.66
N ALA E 40 -18.73 27.28 27.63
CA ALA E 40 -20.09 27.77 27.70
C ALA E 40 -21.05 26.69 27.21
N PRO E 41 -22.34 26.79 27.55
CA PRO E 41 -23.35 25.87 26.99
C PRO E 41 -23.56 26.10 25.50
N LYS E 43 -21.19 25.01 21.81
CA LYS E 43 -20.12 25.74 22.48
C LYS E 43 -19.08 24.76 23.05
N GLU E 44 -18.12 24.38 22.22
CA GLU E 44 -17.06 23.49 22.67
C GLU E 44 -16.10 24.23 23.59
N ARG E 45 -15.34 23.45 24.36
CA ARG E 45 -14.37 24.02 25.28
C ARG E 45 -13.36 24.85 24.50
N GLU E 46 -12.97 25.99 25.08
CA GLU E 46 -12.13 26.96 24.39
C GLU E 46 -10.84 27.18 25.17
N PHE E 47 -9.70 26.99 24.50
CA PHE E 47 -8.43 27.37 25.08
C PHE E 47 -8.33 28.90 25.16
N LEU E 48 -7.78 29.40 26.27
CA LEU E 48 -7.63 30.84 26.47
C LEU E 48 -6.18 31.27 26.57
N ALA E 49 -5.39 30.62 27.43
CA ALA E 49 -4.04 31.08 27.72
C ALA E 49 -3.24 29.95 28.36
N SER E 50 -1.94 29.94 28.08
CA SER E 50 -1.03 28.99 28.69
C SER E 50 0.23 29.72 29.12
N ILE E 51 0.93 29.13 30.09
CA ILE E 51 2.18 29.66 30.58
C ILE E 51 3.11 28.50 30.90
N ARG E 52 4.35 28.58 30.42
CA ARG E 52 5.35 27.57 30.72
C ARG E 52 5.92 27.83 32.11
N TRP E 53 6.02 26.77 32.92
CA TRP E 53 6.37 26.95 34.33
C TRP E 53 7.77 27.55 34.48
N SER E 54 8.75 27.04 33.73
CA SER E 54 10.13 27.44 33.96
C SER E 54 10.37 28.91 33.60
N ASP E 55 10.01 29.31 32.39
CA ASP E 55 10.42 30.63 31.90
C ASP E 55 9.26 31.59 31.67
N SER E 56 8.05 31.22 32.06
CA SER E 56 6.86 32.08 31.98
C SER E 56 6.51 32.48 30.56
N THR E 57 6.92 31.70 29.56
CA THR E 57 6.47 31.94 28.20
C THR E 57 4.95 31.79 28.11
N THR E 58 4.29 32.78 27.52
CA THR E 58 2.84 32.80 27.45
C THR E 58 2.36 32.63 26.01
N ASN E 59 1.11 32.19 25.91
CA ASN E 59 0.46 31.93 24.63
C ASN E 59 -1.03 32.19 24.82
N TYR E 60 -1.62 33.00 23.94
CA TYR E 60 -3.00 33.41 24.11
C TYR E 60 -3.84 33.11 22.89
N ALA E 61 -5.11 32.79 23.14
CA ALA E 61 -6.10 32.74 22.07
C ALA E 61 -6.44 34.16 21.61
N ASP E 62 -6.71 34.29 20.31
CA ASP E 62 -7.07 35.60 19.78
C ASP E 62 -8.28 36.20 20.49
N SER E 63 -9.20 35.34 20.94
CA SER E 63 -10.43 35.81 21.57
C SER E 63 -10.17 36.66 22.82
N VAL E 64 -9.04 36.45 23.49
CA VAL E 64 -8.79 37.11 24.76
C VAL E 64 -7.49 37.90 24.76
N LYS E 65 -6.72 37.87 23.68
CA LYS E 65 -5.44 38.57 23.66
C LYS E 65 -5.68 40.05 23.93
N GLY E 66 -4.86 40.64 24.80
CA GLY E 66 -4.98 42.03 25.15
C GLY E 66 -5.93 42.32 26.29
N ARG E 67 -6.80 41.37 26.64
CA ARG E 67 -7.74 41.54 27.74
C ARG E 67 -7.43 40.64 28.93
N PHE E 68 -7.01 39.41 28.66
CA PHE E 68 -6.68 38.44 29.71
C PHE E 68 -5.16 38.30 29.78
N THR E 69 -4.64 38.16 31.00
CA THR E 69 -3.21 37.99 31.24
C THR E 69 -3.03 36.80 32.16
N ILE E 70 -2.19 35.85 31.76
CA ILE E 70 -1.87 34.69 32.58
C ILE E 70 -0.52 34.89 33.24
N SER E 71 -0.40 34.43 34.47
CA SER E 71 0.85 34.54 35.24
C SER E 71 0.90 33.37 36.21
N ARG E 72 2.07 33.19 36.83
CA ARG E 72 2.20 32.12 37.80
C ARG E 72 3.20 32.50 38.87
N ASP E 73 2.95 32.03 40.08
CA ASP E 73 3.78 32.26 41.25
C ASP E 73 4.42 30.93 41.60
N THR E 74 5.74 30.83 41.41
CA THR E 74 6.43 29.57 41.60
C THR E 74 6.57 29.19 43.07
N ALA E 75 6.54 30.17 43.97
CA ALA E 75 6.63 29.86 45.40
C ALA E 75 5.31 29.29 45.91
N LYS E 76 4.19 29.85 45.44
CA LYS E 76 2.85 29.41 45.84
C LYS E 76 2.29 28.32 44.94
N ASN E 77 2.98 27.98 43.86
CA ASN E 77 2.52 26.99 42.90
C ASN E 77 1.09 27.26 42.47
N THR E 78 0.84 28.51 42.08
CA THR E 78 -0.47 28.98 41.70
C THR E 78 -0.38 29.71 40.36
N VAL E 79 -1.38 29.49 39.51
CA VAL E 79 -1.50 30.13 38.22
C VAL E 79 -2.71 31.06 38.25
N TYR E 80 -2.57 32.23 37.64
CA TYR E 80 -3.61 33.25 37.70
C TYR E 80 -4.06 33.63 36.29
N LEU E 81 -5.33 33.98 36.17
CA LEU E 81 -5.86 34.56 34.94
C LEU E 81 -6.51 35.89 35.33
N GLN E 82 -5.86 36.99 34.96
CA GLN E 82 -6.41 38.32 35.17
C GLN E 82 -7.26 38.67 33.97
N MET E 83 -8.56 38.86 34.18
CA MET E 83 -9.49 39.09 33.09
C MET E 83 -10.01 40.52 33.16
N ASN E 84 -9.59 41.34 32.20
CA ASN E 84 -10.05 42.72 32.13
C ASN E 84 -11.02 42.89 30.97
N SER E 85 -11.74 44.01 31.00
CA SER E 85 -12.72 44.36 29.97
C SER E 85 -13.63 43.18 29.65
N LEU E 86 -14.25 42.62 30.68
CA LEU E 86 -15.07 41.43 30.51
C LEU E 86 -16.29 41.74 29.65
N LYS E 87 -16.65 40.78 28.81
CA LYS E 87 -17.75 40.88 27.88
C LYS E 87 -18.83 39.88 28.27
N LEU E 88 -20.07 40.16 27.86
CA LEU E 88 -21.15 39.21 28.10
C LEU E 88 -20.79 37.83 27.56
N GLU E 89 -20.14 37.77 26.40
CA GLU E 89 -19.77 36.49 25.80
C GLU E 89 -18.66 35.76 26.53
N ASP E 90 -18.06 36.38 27.57
CA ASP E 90 -17.08 35.70 28.40
C ASP E 90 -17.73 34.85 29.49
N THR E 91 -19.06 34.89 29.64
CA THR E 91 -19.74 34.05 30.60
C THR E 91 -19.47 32.58 30.28
N ALA E 92 -18.99 31.84 31.27
CA ALA E 92 -18.59 30.46 31.06
C ALA E 92 -18.11 29.87 32.38
N VAL E 93 -17.91 28.55 32.39
CA VAL E 93 -17.18 27.89 33.45
C VAL E 93 -15.71 27.86 33.04
N TYR E 94 -14.85 28.37 33.91
CA TYR E 94 -13.42 28.48 33.61
C TYR E 94 -12.68 27.37 34.31
N HIS E 95 -11.85 26.66 33.55
CA HIS E 95 -11.09 25.52 34.05
C HIS E 95 -9.61 25.80 33.88
N CYS E 96 -8.83 25.47 34.89
CA CYS E 96 -7.39 25.40 34.68
C CYS E 96 -7.01 23.96 34.41
N ALA E 97 -5.86 23.79 33.75
CA ALA E 97 -5.43 22.49 33.28
C ALA E 97 -3.91 22.50 33.22
N ALA E 98 -3.33 21.32 33.16
CA ALA E 98 -1.88 21.21 33.09
C ALA E 98 -1.52 20.20 32.02
N ARG E 99 -0.49 20.54 31.23
CA ARG E 99 0.02 19.61 30.24
C ARG E 99 1.52 19.45 30.45
N ARG E 100 1.93 18.21 30.69
CA ARG E 100 3.32 17.87 30.87
C ARG E 100 4.06 17.88 29.54
N LEU E 101 3.38 17.42 28.48
CA LEU E 101 3.93 17.39 27.12
C LEU E 101 2.97 18.20 26.25
N ALA E 102 2.32 17.57 25.26
CA ALA E 102 1.45 18.30 24.35
C ALA E 102 -0.03 18.20 24.70
N THR E 103 -0.41 17.39 25.69
CA THR E 103 -1.81 17.15 25.98
C THR E 103 -2.14 17.59 27.40
N TYR E 104 -3.27 18.28 27.54
CA TYR E 104 -3.77 18.68 28.86
C TYR E 104 -4.39 17.45 29.52
N ASP E 105 -3.64 16.82 30.42
CA ASP E 105 -4.05 15.59 31.06
C ASP E 105 -4.72 15.80 32.41
N TYR E 106 -4.53 16.98 33.01
CA TYR E 106 -5.02 17.30 34.34
C TYR E 106 -5.93 18.51 34.28
N TRP E 107 -7.08 18.42 34.95
CA TRP E 107 -8.11 19.45 34.89
C TRP E 107 -8.64 19.75 36.27
N GLY E 108 -8.90 21.02 36.53
CA GLY E 108 -9.62 21.40 37.72
C GLY E 108 -11.12 21.23 37.52
N GLN E 109 -11.86 21.43 38.62
CA GLN E 109 -13.30 21.24 38.60
C GLN E 109 -14.03 22.42 37.98
N GLY E 110 -13.39 23.57 37.90
CA GLY E 110 -13.98 24.72 37.24
C GLY E 110 -14.60 25.70 38.21
N THR E 111 -14.65 26.96 37.77
CA THR E 111 -15.29 28.03 38.53
C THR E 111 -16.12 28.86 37.57
N GLN E 112 -17.37 29.12 37.95
CA GLN E 112 -18.30 29.82 37.08
C GLN E 112 -18.05 31.32 37.09
N VAL E 113 -18.05 31.91 35.90
CA VAL E 113 -17.94 33.36 35.72
C VAL E 113 -19.17 33.82 34.94
N THR E 114 -19.94 34.72 35.55
CA THR E 114 -21.15 35.24 34.93
C THR E 114 -20.99 36.75 34.75
N VAL E 115 -20.98 37.19 33.49
CA VAL E 115 -20.85 38.61 33.17
C VAL E 115 -22.26 39.16 32.93
N SER E 116 -22.59 40.23 33.65
CA SER E 116 -23.93 40.80 33.65
C SER E 116 -23.93 42.21 33.08
N SER E 117 -25.09 42.63 32.55
CA SER E 117 -25.27 44.01 32.13
C SER E 117 -25.65 44.93 33.27
N GLY E 118 -25.98 44.39 34.44
CA GLY E 118 -26.42 45.21 35.57
C GLY E 118 -27.83 44.89 35.99
N GLN F 1 19.19 -0.82 -3.31
CA GLN F 1 18.18 -1.54 -2.51
C GLN F 1 18.69 -2.87 -1.96
N VAL F 2 18.20 -3.27 -0.78
CA VAL F 2 18.51 -4.59 -0.26
C VAL F 2 17.94 -5.64 -1.20
N GLN F 3 18.76 -6.62 -1.55
CA GLN F 3 18.37 -7.69 -2.47
C GLN F 3 18.72 -9.03 -1.85
N LEU F 4 17.79 -9.97 -1.90
CA LEU F 4 18.00 -11.34 -1.47
C LEU F 4 17.76 -12.24 -2.68
N GLN F 5 18.68 -13.16 -2.93
CA GLN F 5 18.58 -14.05 -4.09
C GLN F 5 18.89 -15.47 -3.68
N GLU F 6 17.89 -16.33 -3.77
CA GLU F 6 18.05 -17.75 -3.45
C GLU F 6 18.67 -18.50 -4.63
N SER F 7 19.34 -19.59 -4.31
CA SER F 7 19.77 -20.56 -5.31
C SER F 7 19.82 -21.92 -4.67
N GLY F 8 19.80 -22.97 -5.50
CA GLY F 8 20.02 -24.32 -5.03
C GLY F 8 18.81 -25.23 -4.94
N GLY F 9 17.61 -24.77 -5.28
CA GLY F 9 16.44 -25.60 -5.17
C GLY F 9 16.36 -26.67 -6.25
N GLY F 10 15.22 -27.38 -6.23
CA GLY F 10 14.96 -28.30 -7.31
C GLY F 10 14.46 -29.65 -6.82
N LEU F 11 14.66 -30.64 -7.67
CA LEU F 11 14.21 -31.99 -7.40
C LEU F 11 15.24 -32.74 -6.56
N VAL F 12 14.77 -33.43 -5.53
CA VAL F 12 15.64 -34.21 -4.66
C VAL F 12 14.88 -35.45 -4.20
N GLN F 13 15.59 -36.56 -4.06
CA GLN F 13 14.99 -37.81 -3.61
C GLN F 13 14.83 -37.84 -2.09
N ALA F 14 13.76 -38.49 -1.64
CA ALA F 14 13.53 -38.68 -0.21
C ALA F 14 14.73 -39.37 0.43
N GLY F 15 15.09 -38.93 1.63
CA GLY F 15 16.27 -39.40 2.30
C GLY F 15 17.54 -38.69 1.90
N GLY F 16 17.50 -37.91 0.83
CA GLY F 16 18.65 -37.18 0.36
C GLY F 16 18.79 -35.82 1.02
N SER F 17 19.60 -34.96 0.40
CA SER F 17 19.93 -33.67 0.96
C SER F 17 19.92 -32.61 -0.12
N LEU F 18 19.81 -31.36 0.32
CA LEU F 18 19.85 -30.20 -0.56
C LEU F 18 20.41 -29.05 0.26
N ARG F 19 21.25 -28.23 -0.37
CA ARG F 19 21.76 -27.04 0.28
C ARG F 19 21.25 -25.82 -0.46
N LEU F 20 20.48 -24.99 0.22
CA LEU F 20 20.01 -23.74 -0.34
C LEU F 20 20.93 -22.61 0.11
N SER F 21 21.05 -21.60 -0.74
CA SER F 21 21.85 -20.43 -0.42
C SER F 21 21.02 -19.19 -0.70
N CYS F 22 21.35 -18.12 0.01
CA CYS F 22 20.66 -16.84 -0.13
C CYS F 22 21.73 -15.76 -0.09
N ALA F 23 21.95 -15.09 -1.21
CA ALA F 23 22.92 -14.02 -1.30
C ALA F 23 22.26 -12.70 -0.95
N VAL F 24 22.82 -12.00 0.03
CA VAL F 24 22.30 -10.73 0.53
C VAL F 24 23.21 -9.63 0.02
N SER F 25 22.64 -8.62 -0.63
CA SER F 25 23.42 -7.53 -1.18
C SER F 25 22.66 -6.22 -1.00
N GLY F 26 23.38 -5.12 -1.20
CA GLY F 26 22.78 -3.79 -1.10
C GLY F 26 22.49 -3.34 0.31
N ARG F 27 23.14 -3.93 1.30
CA ARG F 27 22.85 -3.70 2.71
C ARG F 27 23.70 -2.56 3.25
N THR F 28 23.05 -1.62 3.96
CA THR F 28 23.78 -0.56 4.63
C THR F 28 23.84 -0.74 6.14
N PHE F 29 23.09 -1.70 6.69
CA PHE F 29 23.05 -1.99 8.12
C PHE F 29 23.93 -3.20 8.44
N SER F 30 24.71 -3.09 9.52
CA SER F 30 25.77 -4.06 9.80
C SER F 30 25.28 -5.34 10.47
N ASN F 31 24.08 -5.36 11.02
CA ASN F 31 23.60 -6.53 11.74
C ASN F 31 22.11 -6.66 11.51
N TYR F 32 21.62 -7.90 11.57
CA TYR F 32 20.26 -8.25 11.21
C TYR F 32 20.12 -9.76 11.41
N TYR F 33 18.88 -10.24 11.27
CA TYR F 33 18.61 -11.66 11.25
C TYR F 33 18.21 -12.10 9.84
N SER F 34 18.77 -13.21 9.40
CA SER F 34 18.35 -13.85 8.16
C SER F 34 17.53 -15.10 8.51
N GLY F 35 16.44 -15.32 7.78
CA GLY F 35 15.55 -16.42 8.07
C GLY F 35 15.20 -17.18 6.80
N TRP F 36 14.91 -18.46 6.98
CA TRP F 36 14.37 -19.30 5.92
C TRP F 36 12.94 -19.69 6.25
N PHE F 37 12.08 -19.59 5.25
CA PHE F 37 10.68 -19.98 5.36
C PHE F 37 10.37 -20.95 4.23
N ARG F 38 9.25 -21.66 4.35
CA ARG F 38 8.75 -22.44 3.23
C ARG F 38 7.22 -22.40 3.26
N GLN F 39 6.63 -22.61 2.09
CA GLN F 39 5.17 -22.64 1.96
C GLN F 39 4.78 -23.70 0.94
N ALA F 40 3.85 -24.57 1.33
CA ALA F 40 3.28 -25.56 0.42
C ALA F 40 1.91 -25.11 -0.06
N LYS F 43 -0.08 -25.12 4.04
CA LYS F 43 -0.86 -24.05 3.43
C LYS F 43 -0.25 -22.69 3.74
N GLU F 44 -0.26 -22.31 5.02
CA GLU F 44 0.36 -21.07 5.43
C GLU F 44 1.88 -21.21 5.46
N ARG F 45 2.57 -20.08 5.39
CA ARG F 45 4.02 -20.06 5.44
C ARG F 45 4.51 -20.61 6.78
N GLU F 46 5.62 -21.36 6.73
CA GLU F 46 6.19 -21.99 7.92
C GLU F 46 7.59 -21.44 8.12
N PHE F 47 7.85 -20.89 9.30
CA PHE F 47 9.22 -20.52 9.66
C PHE F 47 10.04 -21.77 9.89
N LEU F 48 11.29 -21.75 9.42
CA LEU F 48 12.19 -22.89 9.58
C LEU F 48 13.40 -22.58 10.45
N ALA F 49 14.12 -21.49 10.17
CA ALA F 49 15.36 -21.21 10.86
C ALA F 49 15.74 -19.76 10.66
N SER F 50 16.39 -19.19 11.68
CA SER F 50 16.94 -17.84 11.58
C SER F 50 18.34 -17.83 12.15
N ILE F 51 19.13 -16.86 11.73
CA ILE F 51 20.51 -16.70 12.21
C ILE F 51 20.83 -15.22 12.36
N ARG F 52 21.42 -14.85 13.49
CA ARG F 52 21.85 -13.48 13.71
C ARG F 52 23.20 -13.26 13.03
N TRP F 53 23.32 -12.15 12.30
CA TRP F 53 24.51 -11.94 11.47
C TRP F 53 25.79 -11.86 12.30
N SER F 54 25.76 -11.09 13.39
CA SER F 54 27.00 -10.82 14.11
C SER F 54 27.57 -12.10 14.74
N ASP F 55 26.76 -12.82 15.51
CA ASP F 55 27.28 -13.91 16.33
C ASP F 55 26.77 -15.29 15.94
N SER F 56 26.05 -15.40 14.83
CA SER F 56 25.55 -16.68 14.30
C SER F 56 24.61 -17.39 15.27
N THR F 57 23.97 -16.65 16.18
CA THR F 57 22.93 -17.25 17.02
C THR F 57 21.79 -17.78 16.15
N THR F 58 21.38 -19.02 16.41
CA THR F 58 20.36 -19.66 15.61
C THR F 58 19.08 -19.94 16.40
N ASN F 59 18.00 -20.11 15.65
CA ASN F 59 16.68 -20.40 16.20
C ASN F 59 15.97 -21.26 15.16
N TYR F 60 15.51 -22.43 15.60
CA TYR F 60 14.95 -23.42 14.69
C TYR F 60 13.52 -23.77 15.08
N ALA F 61 12.70 -24.06 14.08
CA ALA F 61 11.42 -24.69 14.31
C ALA F 61 11.62 -26.15 14.71
N ASP F 62 10.75 -26.63 15.60
CA ASP F 62 10.83 -28.04 16.02
C ASP F 62 10.73 -28.99 14.84
N SER F 63 9.96 -28.62 13.81
CA SER F 63 9.73 -29.51 12.69
C SER F 63 11.03 -29.92 12.00
N VAL F 64 12.06 -29.09 12.06
CA VAL F 64 13.28 -29.34 11.29
C VAL F 64 14.52 -29.44 12.16
N LYS F 65 14.39 -29.29 13.47
CA LYS F 65 15.56 -29.35 14.34
C LYS F 65 16.24 -30.70 14.19
N GLY F 66 17.58 -30.68 14.07
CA GLY F 66 18.36 -31.87 13.90
C GLY F 66 18.54 -32.32 12.46
N ARG F 67 17.70 -31.85 11.55
CA ARG F 67 17.79 -32.19 10.14
C ARG F 67 18.24 -31.03 9.27
N PHE F 68 17.80 -29.82 9.58
CA PHE F 68 18.19 -28.63 8.84
C PHE F 68 19.19 -27.82 9.66
N THR F 69 20.16 -27.23 8.99
CA THR F 69 21.16 -26.38 9.64
C THR F 69 21.25 -25.06 8.88
N ILE F 70 21.15 -23.95 9.61
CA ILE F 70 21.31 -22.64 9.01
C ILE F 70 22.70 -22.12 9.38
N SER F 71 23.36 -21.47 8.43
CA SER F 71 24.69 -20.93 8.66
C SER F 71 24.87 -19.71 7.76
N ARG F 72 25.95 -18.97 7.97
CA ARG F 72 26.19 -17.80 7.14
C ARG F 72 27.68 -17.56 6.98
N ASP F 73 28.04 -17.06 5.81
CA ASP F 73 29.41 -16.72 5.43
C ASP F 73 29.46 -15.21 5.32
N THR F 74 30.22 -14.56 6.22
CA THR F 74 30.21 -13.11 6.26
C THR F 74 31.01 -12.49 5.13
N ALA F 75 31.96 -13.20 4.54
CA ALA F 75 32.68 -12.63 3.40
C ALA F 75 31.83 -12.69 2.14
N LYS F 76 31.10 -13.78 1.95
CA LYS F 76 30.26 -13.94 0.78
C LYS F 76 28.87 -13.33 0.96
N ASN F 77 28.56 -12.84 2.17
CA ASN F 77 27.24 -12.31 2.48
C ASN F 77 26.15 -13.25 1.99
N THR F 78 26.31 -14.52 2.36
CA THR F 78 25.40 -15.58 1.94
C THR F 78 24.98 -16.38 3.16
N VAL F 79 23.69 -16.74 3.19
CA VAL F 79 23.10 -17.57 4.24
C VAL F 79 22.73 -18.91 3.62
N TYR F 80 22.99 -19.99 4.35
CA TYR F 80 22.78 -21.32 3.82
C TYR F 80 21.77 -22.06 4.68
N LEU F 81 20.97 -22.90 4.03
CA LEU F 81 20.06 -23.82 4.70
C LEU F 81 20.44 -25.22 4.21
N GLN F 82 21.09 -25.98 5.08
CA GLN F 82 21.46 -27.36 4.78
C GLN F 82 20.33 -28.26 5.22
N MET F 83 19.70 -28.93 4.26
CA MET F 83 18.54 -29.76 4.50
C MET F 83 18.91 -31.22 4.29
N ASN F 84 18.97 -31.98 5.36
CA ASN F 84 19.37 -33.38 5.30
C ASN F 84 18.18 -34.29 5.55
N SER F 85 18.35 -35.56 5.16
CA SER F 85 17.34 -36.60 5.37
C SER F 85 15.95 -36.09 5.00
N LEU F 86 15.86 -35.61 3.76
CA LEU F 86 14.64 -34.94 3.29
C LEU F 86 13.45 -35.89 3.24
N LYS F 87 12.28 -35.35 3.57
CA LYS F 87 11.02 -36.08 3.59
C LYS F 87 10.08 -35.51 2.54
N LEU F 88 9.13 -36.35 2.11
CA LEU F 88 8.13 -35.88 1.15
C LEU F 88 7.44 -34.61 1.64
N GLU F 89 7.21 -34.50 2.95
CA GLU F 89 6.56 -33.32 3.51
C GLU F 89 7.42 -32.08 3.43
N ASP F 90 8.68 -32.19 3.02
CA ASP F 90 9.55 -31.03 2.85
C ASP F 90 9.34 -30.33 1.52
N THR F 91 8.53 -30.91 0.62
CA THR F 91 8.22 -30.26 -0.64
C THR F 91 7.50 -28.95 -0.38
N ALA F 92 8.02 -27.87 -0.96
CA ALA F 92 7.48 -26.54 -0.73
C ALA F 92 8.30 -25.53 -1.53
N VAL F 93 7.78 -24.31 -1.60
CA VAL F 93 8.55 -23.18 -2.09
C VAL F 93 9.27 -22.56 -0.89
N TYR F 94 10.59 -22.43 -1.00
CA TYR F 94 11.43 -21.94 0.08
C TYR F 94 11.87 -20.50 -0.21
N HIS F 95 11.71 -19.63 0.79
CA HIS F 95 12.09 -18.24 0.70
C HIS F 95 13.09 -17.91 1.81
N CYS F 96 14.11 -17.13 1.48
CA CYS F 96 14.90 -16.48 2.51
C CYS F 96 14.37 -15.06 2.71
N ALA F 97 14.68 -14.49 3.88
CA ALA F 97 14.17 -13.20 4.26
C ALA F 97 15.15 -12.58 5.25
N ALA F 98 15.04 -11.27 5.42
CA ALA F 98 15.90 -10.55 6.34
C ALA F 98 15.07 -9.60 7.18
N ARG F 99 15.40 -9.53 8.47
CA ARG F 99 14.76 -8.59 9.37
C ARG F 99 15.81 -7.78 10.10
N ARG F 100 15.72 -6.45 9.97
CA ARG F 100 16.61 -5.54 10.65
C ARG F 100 16.25 -5.42 12.12
N LEU F 101 14.94 -5.45 12.42
CA LEU F 101 14.42 -5.39 13.78
C LEU F 101 13.58 -6.65 13.98
N ALA F 102 12.28 -6.51 14.25
CA ALA F 102 11.44 -7.67 14.54
C ALA F 102 10.63 -8.17 13.36
N THR F 103 10.65 -7.48 12.22
CA THR F 103 9.79 -7.82 11.10
C THR F 103 10.62 -8.16 9.87
N TYR F 104 10.26 -9.25 9.20
CA TYR F 104 10.93 -9.64 7.97
C TYR F 104 10.40 -8.75 6.85
N ASP F 105 11.17 -7.71 6.52
CA ASP F 105 10.80 -6.72 5.54
C ASP F 105 11.37 -7.01 4.16
N TYR F 106 12.38 -7.88 4.08
CA TYR F 106 13.06 -8.18 2.83
C TYR F 106 12.91 -9.68 2.54
N TRP F 107 12.55 -9.99 1.30
CA TRP F 107 12.25 -11.36 0.88
C TRP F 107 12.91 -11.67 -0.45
N GLY F 108 13.39 -12.91 -0.56
CA GLY F 108 13.88 -13.41 -1.84
C GLY F 108 12.72 -13.79 -2.72
N GLN F 109 13.05 -14.20 -3.95
CA GLN F 109 12.04 -14.53 -4.93
C GLN F 109 11.43 -15.91 -4.72
N GLY F 110 12.10 -16.76 -3.98
CA GLY F 110 11.60 -18.08 -3.68
C GLY F 110 12.17 -19.12 -4.61
N THR F 111 12.33 -20.33 -4.10
CA THR F 111 12.81 -21.42 -4.92
C THR F 111 12.05 -22.69 -4.59
N GLN F 112 11.60 -23.38 -5.63
CA GLN F 112 10.83 -24.60 -5.44
C GLN F 112 11.76 -25.74 -5.07
N VAL F 113 11.34 -26.51 -4.06
CA VAL F 113 12.01 -27.73 -3.66
C VAL F 113 10.99 -28.86 -3.76
N THR F 114 11.30 -29.87 -4.57
CA THR F 114 10.39 -30.99 -4.79
C THR F 114 11.07 -32.27 -4.35
N VAL F 115 10.50 -32.91 -3.32
CA VAL F 115 11.02 -34.18 -2.81
C VAL F 115 10.20 -35.31 -3.39
N SER F 116 10.89 -36.30 -3.97
CA SER F 116 10.23 -37.42 -4.62
C SER F 116 10.60 -38.71 -3.92
N SER F 117 9.76 -39.73 -4.09
CA SER F 117 10.01 -41.04 -3.52
C SER F 117 9.99 -42.10 -4.62
N GLN G 1 -6.69 14.94 -36.45
CA GLN G 1 -6.31 14.89 -35.00
C GLN G 1 -7.26 15.75 -34.15
N VAL G 2 -7.50 15.31 -32.91
CA VAL G 2 -8.27 16.14 -31.98
C VAL G 2 -7.50 17.42 -31.71
N GLN G 3 -8.21 18.56 -31.77
CA GLN G 3 -7.62 19.87 -31.56
C GLN G 3 -8.48 20.67 -30.59
N LEU G 4 -7.81 21.33 -29.64
CA LEU G 4 -8.44 22.25 -28.70
C LEU G 4 -7.80 23.63 -28.82
N GLN G 5 -8.63 24.68 -28.86
CA GLN G 5 -8.12 26.04 -28.99
C GLN G 5 -8.87 26.97 -28.06
N GLU G 6 -8.15 27.55 -27.09
CA GLU G 6 -8.74 28.51 -26.19
C GLU G 6 -8.80 29.90 -26.80
N SER G 7 -9.78 30.68 -26.36
CA SER G 7 -9.85 32.10 -26.70
C SER G 7 -10.56 32.82 -25.57
N GLY G 8 -10.42 34.15 -25.56
CA GLY G 8 -11.18 34.99 -24.65
C GLY G 8 -10.40 35.58 -23.50
N GLY G 9 -9.11 35.28 -23.37
CA GLY G 9 -8.33 35.84 -22.29
C GLY G 9 -8.03 37.30 -22.52
N GLY G 10 -7.25 37.87 -21.62
CA GLY G 10 -6.78 39.23 -21.72
C GLY G 10 -6.81 39.91 -20.38
N LEU G 11 -6.78 41.24 -20.40
CA LEU G 11 -6.72 42.04 -19.19
C LEU G 11 -8.12 42.30 -18.66
N VAL G 12 -8.31 42.11 -17.35
CA VAL G 12 -9.59 42.31 -16.70
C VAL G 12 -9.34 42.90 -15.32
N GLN G 13 -10.23 43.82 -14.91
CA GLN G 13 -10.09 44.45 -13.61
C GLN G 13 -10.56 43.50 -12.52
N ALA G 14 -9.87 43.54 -11.38
CA ALA G 14 -10.28 42.74 -10.23
C ALA G 14 -11.73 43.08 -9.86
N GLY G 15 -12.49 42.04 -9.49
CA GLY G 15 -13.90 42.18 -9.27
C GLY G 15 -14.74 42.02 -10.51
N GLY G 16 -14.13 42.02 -11.68
CA GLY G 16 -14.85 41.89 -12.93
C GLY G 16 -15.10 40.43 -13.26
N SER G 17 -15.61 40.21 -14.47
CA SER G 17 -15.97 38.89 -14.94
CA SER G 17 -15.96 38.88 -14.94
C SER G 17 -15.50 38.72 -16.38
N LEU G 18 -15.42 37.46 -16.80
CA LEU G 18 -14.86 37.11 -18.10
C LEU G 18 -15.28 35.70 -18.45
N ARG G 19 -15.58 35.46 -19.73
CA ARG G 19 -15.89 34.12 -20.20
C ARG G 19 -14.82 33.66 -21.18
N LEU G 20 -14.19 32.52 -20.88
CA LEU G 20 -13.25 31.90 -21.79
C LEU G 20 -13.97 30.86 -22.63
N SER G 21 -13.43 30.61 -23.81
CA SER G 21 -13.96 29.61 -24.73
C SER G 21 -12.89 28.62 -25.12
N CYS G 22 -13.33 27.41 -25.47
CA CYS G 22 -12.45 26.31 -25.90
C CYS G 22 -13.16 25.61 -27.05
N ALA G 23 -12.62 25.75 -28.26
CA ALA G 23 -13.18 25.11 -29.45
C ALA G 23 -12.55 23.73 -29.62
N VAL G 24 -13.41 22.70 -29.69
CA VAL G 24 -12.98 21.31 -29.82
C VAL G 24 -13.30 20.84 -31.23
N SER G 25 -12.31 20.30 -31.92
CA SER G 25 -12.52 19.84 -33.28
C SER G 25 -11.73 18.57 -33.55
N GLY G 26 -12.03 17.94 -34.68
CA GLY G 26 -11.31 16.74 -35.10
C GLY G 26 -11.65 15.48 -34.34
N ARG G 27 -12.82 15.47 -33.70
CA ARG G 27 -13.22 14.41 -32.79
C ARG G 27 -13.99 13.32 -33.53
N THR G 28 -13.64 12.06 -33.27
CA THR G 28 -14.43 10.95 -33.82
C THR G 28 -15.25 10.23 -32.76
N PHE G 29 -15.04 10.55 -31.48
CA PHE G 29 -15.76 9.95 -30.36
C PHE G 29 -16.85 10.89 -29.87
N SER G 30 -18.04 10.32 -29.61
CA SER G 30 -19.24 11.11 -29.37
C SER G 30 -19.37 11.66 -27.96
N ASN G 31 -18.61 11.16 -27.00
CA ASN G 31 -18.76 11.58 -25.61
C ASN G 31 -17.39 11.56 -24.96
N TYR G 32 -17.21 12.43 -23.96
CA TYR G 32 -15.92 12.69 -23.34
C TYR G 32 -16.16 13.74 -22.26
N TYR G 33 -15.11 13.99 -21.47
CA TYR G 33 -15.11 15.09 -20.51
C TYR G 33 -14.16 16.18 -20.98
N SER G 34 -14.61 17.42 -20.88
CA SER G 34 -13.74 18.56 -21.11
CA SER G 34 -13.75 18.57 -21.11
C SER G 34 -13.42 19.21 -19.78
N GLY G 35 -12.16 19.59 -19.60
CA GLY G 35 -11.72 20.21 -18.37
C GLY G 35 -11.05 21.54 -18.64
N TRP G 36 -11.16 22.43 -17.66
CA TRP G 36 -10.41 23.68 -17.63
C TRP G 36 -9.39 23.59 -16.52
N PHE G 37 -8.16 23.99 -16.83
CA PHE G 37 -7.04 24.02 -15.92
C PHE G 37 -6.46 25.42 -15.98
N ARG G 38 -5.61 25.75 -15.01
CA ARG G 38 -4.82 26.96 -15.11
C ARG G 38 -3.44 26.72 -14.52
N GLN G 39 -2.48 27.52 -14.98
CA GLN G 39 -1.13 27.48 -14.44
C GLN G 39 -0.61 28.90 -14.41
N ALA G 40 -0.21 29.34 -13.25
CA ALA G 40 0.45 30.60 -13.03
C ALA G 40 1.93 30.37 -12.84
N PRO G 41 2.77 31.38 -13.11
CA PRO G 41 4.21 31.17 -12.97
C PRO G 41 4.65 31.03 -11.53
N LYS G 43 3.79 28.16 -10.19
CA LYS G 43 2.89 27.24 -9.50
C LYS G 43 2.56 26.03 -10.38
N GLU G 44 2.13 24.95 -9.75
CA GLU G 44 1.74 23.76 -10.50
C GLU G 44 0.40 23.98 -11.19
N ARG G 45 0.14 23.17 -12.21
CA ARG G 45 -1.14 23.24 -12.91
C ARG G 45 -2.28 22.90 -11.95
N GLU G 46 -3.38 23.62 -12.07
CA GLU G 46 -4.53 23.47 -11.17
C GLU G 46 -5.77 23.10 -11.98
N PHE G 47 -6.39 21.98 -11.61
CA PHE G 47 -7.69 21.65 -12.17
C PHE G 47 -8.74 22.61 -11.63
N LEU G 48 -9.64 23.05 -12.50
CA LEU G 48 -10.70 23.96 -12.12
C LEU G 48 -12.09 23.36 -12.24
N ALA G 49 -12.42 22.78 -13.40
CA ALA G 49 -13.78 22.32 -13.65
C ALA G 49 -13.78 21.36 -14.82
N SER G 50 -14.71 20.41 -14.80
CA SER G 50 -14.90 19.50 -15.92
C SER G 50 -16.39 19.41 -16.21
N ILE G 51 -16.70 19.03 -17.44
CA ILE G 51 -18.08 18.86 -17.89
C ILE G 51 -18.16 17.66 -18.82
N ARG G 52 -19.14 16.80 -18.58
CA ARG G 52 -19.38 15.66 -19.45
C ARG G 52 -20.19 16.12 -20.66
N TRP G 53 -19.76 15.69 -21.85
CA TRP G 53 -20.35 16.23 -23.07
C TRP G 53 -21.83 15.89 -23.18
N SER G 54 -22.19 14.64 -22.92
CA SER G 54 -23.56 14.22 -23.21
C SER G 54 -24.57 14.94 -22.32
N ASP G 55 -24.37 14.91 -20.99
CA ASP G 55 -25.39 15.39 -20.08
C ASP G 55 -25.01 16.62 -19.27
N SER G 56 -23.88 17.26 -19.57
CA SER G 56 -23.45 18.49 -18.90
C SER G 56 -23.22 18.30 -17.40
N THR G 57 -22.96 17.07 -16.95
CA THR G 57 -22.56 16.85 -15.56
C THR G 57 -21.24 17.57 -15.29
N THR G 58 -21.21 18.34 -14.20
CA THR G 58 -20.05 19.16 -13.87
C THR G 58 -19.36 18.67 -12.61
N ASN G 59 -18.10 19.05 -12.49
CA ASN G 59 -17.26 18.72 -11.34
C ASN G 59 -16.31 19.88 -11.17
N TYR G 60 -16.27 20.45 -9.96
CA TYR G 60 -15.51 21.66 -9.72
C TYR G 60 -14.47 21.44 -8.63
N ALA G 61 -13.34 22.12 -8.79
CA ALA G 61 -12.38 22.21 -7.71
C ALA G 61 -12.94 23.09 -6.59
N ASP G 62 -12.62 22.73 -5.36
CA ASP G 62 -13.08 23.51 -4.22
C ASP G 62 -12.65 24.97 -4.33
N SER G 63 -11.48 25.22 -4.92
CA SER G 63 -10.95 26.58 -4.98
C SER G 63 -11.86 27.54 -5.74
N VAL G 64 -12.63 27.03 -6.70
CA VAL G 64 -13.43 27.91 -7.56
C VAL G 64 -14.90 27.55 -7.56
N LYS G 65 -15.34 26.53 -6.83
CA LYS G 65 -16.75 26.18 -6.83
C LYS G 65 -17.57 27.38 -6.37
N GLY G 66 -18.63 27.68 -7.09
CA GLY G 66 -19.46 28.81 -6.78
C GLY G 66 -19.00 30.12 -7.41
N ARG G 67 -17.78 30.18 -7.92
CA ARG G 67 -17.28 31.40 -8.56
C ARG G 67 -17.04 31.25 -10.05
N PHE G 68 -16.58 30.08 -10.50
CA PHE G 68 -16.40 29.77 -11.90
C PHE G 68 -17.49 28.80 -12.31
N THR G 69 -18.00 28.96 -13.54
CA THR G 69 -19.05 28.10 -14.07
C THR G 69 -18.63 27.54 -15.42
N ILE G 70 -18.69 26.22 -15.57
CA ILE G 70 -18.34 25.56 -16.82
C ILE G 70 -19.64 25.17 -17.54
N SER G 71 -19.64 25.31 -18.86
CA SER G 71 -20.78 24.97 -19.68
C SER G 71 -20.27 24.59 -21.06
N ARG G 72 -21.15 24.07 -21.90
CA ARG G 72 -20.75 23.70 -23.24
C ARG G 72 -21.92 23.82 -24.21
N ASP G 73 -21.60 24.17 -25.44
CA ASP G 73 -22.55 24.30 -26.55
C ASP G 73 -22.22 23.18 -27.53
N THR G 74 -23.14 22.21 -27.66
CA THR G 74 -22.83 21.03 -28.47
C THR G 74 -22.87 21.30 -29.97
N ALA G 75 -23.59 22.33 -30.42
CA ALA G 75 -23.58 22.68 -31.84
C ALA G 75 -22.30 23.40 -32.21
N LYS G 76 -21.81 24.27 -31.34
CA LYS G 76 -20.58 24.99 -31.61
C LYS G 76 -19.34 24.20 -31.22
N ASN G 77 -19.53 23.04 -30.58
CA ASN G 77 -18.43 22.24 -30.07
C ASN G 77 -17.46 23.10 -29.28
N THR G 78 -18.02 23.88 -28.36
CA THR G 78 -17.25 24.82 -27.56
C THR G 78 -17.60 24.62 -26.10
N VAL G 79 -16.55 24.67 -25.27
CA VAL G 79 -16.66 24.58 -23.82
C VAL G 79 -16.29 25.96 -23.27
N TYR G 80 -17.04 26.42 -22.27
CA TYR G 80 -16.89 27.76 -21.74
C TYR G 80 -16.55 27.73 -20.26
N LEU G 81 -15.77 28.73 -19.83
CA LEU G 81 -15.51 28.95 -18.42
C LEU G 81 -15.87 30.39 -18.09
N GLN G 82 -16.98 30.57 -17.37
CA GLN G 82 -17.40 31.87 -16.88
C GLN G 82 -16.74 32.12 -15.53
N MET G 83 -15.92 33.17 -15.46
CA MET G 83 -15.08 33.49 -14.32
C MET G 83 -15.64 34.75 -13.69
N ASN G 84 -16.16 34.64 -12.48
CA ASN G 84 -16.79 35.75 -11.79
C ASN G 84 -15.94 36.27 -10.65
N SER G 85 -16.19 37.52 -10.28
CA SER G 85 -15.50 38.17 -9.15
C SER G 85 -14.01 37.89 -9.17
N LEU G 86 -13.36 38.29 -10.25
CA LEU G 86 -11.98 37.90 -10.48
C LEU G 86 -11.06 38.43 -9.38
N LYS G 87 -10.05 37.62 -9.06
CA LYS G 87 -9.06 37.90 -8.03
C LYS G 87 -7.71 38.13 -8.68
N LEU G 88 -6.86 38.91 -7.99
CA LEU G 88 -5.47 38.98 -8.46
C LEU G 88 -4.88 37.61 -8.61
N GLU G 89 -5.25 36.71 -7.70
CA GLU G 89 -4.76 35.34 -7.70
C GLU G 89 -5.29 34.51 -8.87
N ASP G 90 -6.25 35.04 -9.65
CA ASP G 90 -6.74 34.34 -10.82
C ASP G 90 -5.87 34.55 -12.06
N THR G 91 -4.89 35.45 -12.00
CA THR G 91 -3.99 35.65 -13.14
C THR G 91 -3.22 34.36 -13.43
N ALA G 92 -3.30 33.90 -14.68
CA ALA G 92 -2.71 32.62 -15.05
C ALA G 92 -2.95 32.39 -16.53
N VAL G 93 -2.30 31.37 -17.07
CA VAL G 93 -2.63 30.83 -18.38
C VAL G 93 -3.68 29.74 -18.18
N TYR G 94 -4.80 29.86 -18.89
CA TYR G 94 -5.91 28.93 -18.75
C TYR G 94 -5.89 27.97 -19.92
N HIS G 95 -5.96 26.67 -19.61
CA HIS G 95 -5.91 25.62 -20.60
C HIS G 95 -7.18 24.78 -20.54
N CYS G 96 -7.71 24.44 -21.69
CA CYS G 96 -8.73 23.40 -21.74
C CYS G 96 -8.10 22.09 -22.20
N ALA G 97 -8.78 21.00 -21.88
CA ALA G 97 -8.26 19.66 -22.12
C ALA G 97 -9.43 18.72 -22.30
N ALA G 98 -9.16 17.56 -22.88
CA ALA G 98 -10.21 16.58 -23.12
C ALA G 98 -9.73 15.21 -22.67
N ARG G 99 -10.63 14.47 -22.01
CA ARG G 99 -10.33 13.10 -21.63
C ARG G 99 -11.46 12.20 -22.12
N ARG G 100 -11.09 11.20 -22.92
CA ARG G 100 -12.03 10.22 -23.43
C ARG G 100 -12.40 9.20 -22.35
N LEU G 101 -11.43 8.85 -21.51
CA LEU G 101 -11.61 7.92 -20.40
C LEU G 101 -11.18 8.60 -19.10
N ALA G 102 -10.11 8.11 -18.46
CA ALA G 102 -9.70 8.65 -17.17
C ALA G 102 -8.57 9.67 -17.23
N THR G 103 -7.95 9.89 -18.40
CA THR G 103 -6.79 10.75 -18.49
C THR G 103 -6.99 11.88 -19.50
N TYR G 104 -6.58 13.09 -19.11
CA TYR G 104 -6.61 14.25 -20.01
C TYR G 104 -5.43 14.14 -20.98
N ASP G 105 -5.73 13.66 -22.19
CA ASP G 105 -4.72 13.38 -23.20
C ASP G 105 -4.59 14.46 -24.26
N TYR G 106 -5.56 15.35 -24.36
CA TYR G 106 -5.58 16.40 -25.39
C TYR G 106 -5.60 17.74 -24.66
N TRP G 107 -4.75 18.67 -25.10
CA TRP G 107 -4.55 19.95 -24.45
C TRP G 107 -4.52 21.07 -25.46
N GLY G 108 -5.13 22.21 -25.10
CA GLY G 108 -4.99 23.42 -25.89
C GLY G 108 -3.71 24.17 -25.55
N GLN G 109 -3.46 25.23 -26.32
CA GLN G 109 -2.25 26.02 -26.16
C GLN G 109 -2.33 27.01 -25.01
N GLY G 110 -3.54 27.33 -24.57
CA GLY G 110 -3.70 28.21 -23.43
C GLY G 110 -4.04 29.63 -23.84
N THR G 111 -4.71 30.34 -22.93
CA THR G 111 -5.07 31.75 -23.13
C THR G 111 -4.76 32.49 -21.84
N GLN G 112 -4.08 33.64 -21.96
CA GLN G 112 -3.66 34.40 -20.80
C GLN G 112 -4.79 35.23 -20.22
N VAL G 113 -4.92 35.20 -18.90
CA VAL G 113 -5.86 36.02 -18.15
C VAL G 113 -5.03 36.83 -17.17
N THR G 114 -5.13 38.16 -17.25
CA THR G 114 -4.39 39.05 -16.38
C THR G 114 -5.38 39.93 -15.62
N VAL G 115 -5.42 39.77 -14.30
CA VAL G 115 -6.33 40.52 -13.45
C VAL G 115 -5.55 41.70 -12.85
N SER G 116 -6.06 42.91 -13.05
CA SER G 116 -5.36 44.12 -12.64
C SER G 116 -6.15 44.87 -11.57
N GLN H 1 -10.45 -27.12 -3.33
CA GLN H 1 -9.28 -26.77 -4.17
C GLN H 1 -9.07 -27.81 -5.28
N VAL H 2 -8.56 -27.34 -6.42
CA VAL H 2 -8.18 -28.25 -7.49
C VAL H 2 -7.09 -29.18 -6.97
N GLN H 3 -7.23 -30.48 -7.24
CA GLN H 3 -6.27 -31.48 -6.80
C GLN H 3 -5.91 -32.36 -7.98
N LEU H 4 -4.61 -32.59 -8.15
CA LEU H 4 -4.06 -33.49 -9.16
C LEU H 4 -3.22 -34.53 -8.45
N GLN H 5 -3.38 -35.81 -8.80
CA GLN H 5 -2.65 -36.89 -8.17
C GLN H 5 -2.15 -37.87 -9.23
N GLU H 6 -0.83 -37.97 -9.37
CA GLU H 6 -0.23 -38.91 -10.31
C GLU H 6 -0.17 -40.31 -9.71
N SER H 7 -0.12 -41.30 -10.60
CA SER H 7 0.24 -42.65 -10.20
C SER H 7 0.90 -43.33 -11.39
N GLY H 8 1.64 -44.41 -11.11
CA GLY H 8 2.19 -45.27 -12.12
C GLY H 8 3.70 -45.25 -12.32
N GLY H 9 4.46 -44.46 -11.57
CA GLY H 9 5.89 -44.43 -11.78
C GLY H 9 6.57 -45.71 -11.30
N GLY H 10 7.90 -45.72 -11.41
CA GLY H 10 8.72 -46.80 -10.90
C GLY H 10 9.86 -47.12 -11.85
N LEU H 11 10.41 -48.32 -11.68
CA LEU H 11 11.56 -48.80 -12.44
C LEU H 11 11.09 -49.49 -13.71
N VAL H 12 11.71 -49.16 -14.84
CA VAL H 12 11.33 -49.74 -16.12
C VAL H 12 12.58 -49.93 -16.96
N GLN H 13 12.61 -51.00 -17.75
CA GLN H 13 13.77 -51.28 -18.58
C GLN H 13 13.79 -50.36 -19.79
N ALA H 14 15.00 -49.91 -20.16
CA ALA H 14 15.14 -49.09 -21.35
C ALA H 14 14.56 -49.84 -22.54
N GLY H 15 13.87 -49.11 -23.42
CA GLY H 15 13.15 -49.68 -24.53
C GLY H 15 11.75 -50.13 -24.21
N GLY H 16 11.38 -50.21 -22.93
CA GLY H 16 10.07 -50.63 -22.52
C GLY H 16 9.08 -49.48 -22.45
N SER H 17 7.95 -49.76 -21.82
CA SER H 17 6.84 -48.83 -21.79
C SER H 17 6.32 -48.69 -20.37
N LEU H 18 5.73 -47.53 -20.11
CA LEU H 18 5.12 -47.23 -18.82
C LEU H 18 3.93 -46.33 -19.09
N ARG H 19 2.83 -46.56 -18.38
CA ARG H 19 1.65 -45.71 -18.49
C ARG H 19 1.42 -45.02 -17.16
N LEU H 20 1.47 -43.69 -17.18
CA LEU H 20 1.17 -42.88 -16.00
C LEU H 20 -0.27 -42.38 -16.07
N SER H 21 -0.86 -42.14 -14.91
CA SER H 21 -2.19 -41.58 -14.84
C SER H 21 -2.19 -40.38 -13.89
N CYS H 22 -3.20 -39.51 -14.08
CA CYS H 22 -3.37 -38.34 -13.24
C CYS H 22 -4.85 -38.14 -12.94
N ALA H 23 -5.24 -38.25 -11.68
CA ALA H 23 -6.62 -38.05 -11.27
C ALA H 23 -6.85 -36.58 -10.95
N VAL H 24 -7.85 -35.98 -11.59
CA VAL H 24 -8.18 -34.56 -11.43
C VAL H 24 -9.49 -34.44 -10.65
N SER H 25 -9.47 -33.64 -9.59
CA SER H 25 -10.67 -33.44 -8.77
C SER H 25 -10.71 -32.01 -8.26
N GLY H 26 -11.85 -31.64 -7.67
CA GLY H 26 -11.99 -30.31 -7.10
C GLY H 26 -12.12 -29.20 -8.12
N ARG H 27 -12.49 -29.54 -9.35
CA ARG H 27 -12.53 -28.60 -10.47
C ARG H 27 -13.90 -27.97 -10.59
N THR H 28 -13.94 -26.63 -10.72
CA THR H 28 -15.20 -25.95 -10.96
C THR H 28 -15.34 -25.46 -12.39
N PHE H 29 -14.25 -25.52 -13.18
CA PHE H 29 -14.23 -25.07 -14.57
C PHE H 29 -14.32 -26.27 -15.52
N SER H 30 -15.17 -26.15 -16.54
CA SER H 30 -15.52 -27.29 -17.38
C SER H 30 -14.49 -27.62 -18.45
N ASN H 31 -13.56 -26.71 -18.74
CA ASN H 31 -12.60 -26.94 -19.81
C ASN H 31 -11.27 -26.30 -19.41
N TYR H 32 -10.20 -26.89 -19.92
CA TYR H 32 -8.84 -26.54 -19.50
C TYR H 32 -7.91 -27.45 -20.30
N TYR H 33 -6.61 -27.21 -20.15
CA TYR H 33 -5.58 -28.08 -20.71
C TYR H 33 -4.93 -28.86 -19.57
N SER H 34 -4.90 -30.17 -19.71
CA SER H 34 -4.11 -31.00 -18.81
C SER H 34 -2.75 -31.25 -19.45
N GLY H 35 -1.70 -31.10 -18.66
CA GLY H 35 -0.35 -31.20 -19.16
C GLY H 35 0.49 -32.17 -18.36
N TRP H 36 1.46 -32.77 -19.03
CA TRP H 36 2.48 -33.57 -18.37
C TRP H 36 3.83 -32.87 -18.53
N PHE H 37 4.57 -32.79 -17.42
CA PHE H 37 5.90 -32.23 -17.33
C PHE H 37 6.81 -33.28 -16.70
N ARG H 38 8.12 -33.07 -16.80
CA ARG H 38 9.08 -33.86 -16.04
C ARG H 38 10.21 -32.94 -15.60
N GLN H 39 10.94 -33.38 -14.58
CA GLN H 39 12.05 -32.61 -14.05
C GLN H 39 13.19 -33.53 -13.65
N ALA H 40 14.39 -33.15 -14.04
CA ALA H 40 15.63 -33.77 -13.58
C ALA H 40 16.31 -32.88 -12.54
N PRO H 41 17.15 -33.44 -11.67
CA PRO H 41 17.83 -32.60 -10.68
C PRO H 41 18.69 -31.53 -11.36
N GLY H 42 18.64 -30.32 -10.80
CA GLY H 42 19.41 -29.21 -11.31
C GLY H 42 18.83 -28.52 -12.53
N LYS H 43 17.70 -29.00 -13.06
CA LYS H 43 17.13 -28.50 -14.30
C LYS H 43 15.72 -27.97 -14.08
N GLU H 44 15.33 -27.02 -14.93
CA GLU H 44 13.96 -26.52 -14.86
C GLU H 44 13.01 -27.58 -15.41
N ARG H 45 11.75 -27.46 -15.00
CA ARG H 45 10.74 -28.39 -15.49
C ARG H 45 10.65 -28.32 -17.02
N GLU H 46 10.36 -29.47 -17.62
CA GLU H 46 10.27 -29.61 -19.07
C GLU H 46 8.83 -29.99 -19.41
N PHE H 47 8.18 -29.19 -20.25
CA PHE H 47 6.87 -29.53 -20.78
C PHE H 47 7.01 -30.73 -21.72
N LEU H 48 6.06 -31.67 -21.63
CA LEU H 48 6.06 -32.85 -22.48
C LEU H 48 4.84 -32.93 -23.40
N ALA H 49 3.63 -32.78 -22.84
CA ALA H 49 2.42 -33.02 -23.62
C ALA H 49 1.24 -32.35 -22.94
N SER H 50 0.30 -31.89 -23.76
CA SER H 50 -0.94 -31.32 -23.24
C SER H 50 -2.12 -31.87 -24.02
N ILE H 51 -3.28 -31.83 -23.38
CA ILE H 51 -4.53 -32.25 -24.02
C ILE H 51 -5.63 -31.31 -23.56
N ARG H 52 -6.41 -30.81 -24.51
CA ARG H 52 -7.56 -29.97 -24.20
C ARG H 52 -8.70 -30.86 -23.75
N TRP H 53 -9.34 -30.51 -22.64
CA TRP H 53 -10.32 -31.40 -22.05
C TRP H 53 -11.49 -31.64 -22.99
N SER H 54 -12.02 -30.59 -23.61
CA SER H 54 -13.26 -30.76 -24.37
C SER H 54 -13.06 -31.64 -25.59
N ASP H 55 -12.09 -31.33 -26.45
CA ASP H 55 -12.00 -31.97 -27.75
C ASP H 55 -10.76 -32.84 -27.93
N SER H 56 -9.98 -33.04 -26.87
CA SER H 56 -8.82 -33.92 -26.89
C SER H 56 -7.72 -33.48 -27.86
N THR H 57 -7.65 -32.19 -28.18
CA THR H 57 -6.53 -31.67 -28.96
C THR H 57 -5.23 -31.85 -28.17
N THR H 58 -4.22 -32.42 -28.82
CA THR H 58 -2.95 -32.69 -28.15
C THR H 58 -1.83 -31.84 -28.75
N ASN H 59 -0.78 -31.67 -27.95
CA ASN H 59 0.38 -30.85 -28.30
C ASN H 59 1.58 -31.44 -27.59
N TYR H 60 2.68 -31.66 -28.31
CA TYR H 60 3.82 -32.36 -27.75
C TYR H 60 5.12 -31.59 -27.90
N ALA H 61 6.01 -31.76 -26.92
CA ALA H 61 7.40 -31.35 -27.07
C ALA H 61 8.12 -32.27 -28.04
N ASP H 62 9.07 -31.70 -28.79
CA ASP H 62 9.85 -32.50 -29.73
C ASP H 62 10.58 -33.65 -29.05
N SER H 63 10.98 -33.47 -27.79
CA SER H 63 11.77 -34.49 -27.09
C SER H 63 11.04 -35.82 -26.98
N VAL H 64 9.70 -35.81 -26.98
CA VAL H 64 8.94 -37.04 -26.76
C VAL H 64 7.91 -37.30 -27.84
N LYS H 65 7.75 -36.42 -28.81
CA LYS H 65 6.72 -36.60 -29.83
C LYS H 65 6.98 -37.92 -30.57
N GLY H 66 5.91 -38.68 -30.78
CA GLY H 66 6.01 -39.97 -31.42
C GLY H 66 6.30 -41.13 -30.50
N ARG H 67 6.79 -40.86 -29.29
CA ARG H 67 7.04 -41.90 -28.29
C ARG H 67 6.06 -41.85 -27.13
N PHE H 68 5.66 -40.65 -26.71
CA PHE H 68 4.71 -40.48 -25.62
C PHE H 68 3.37 -40.05 -26.21
N THR H 69 2.28 -40.56 -25.64
CA THR H 69 0.94 -40.21 -26.09
C THR H 69 0.10 -39.81 -24.87
N ILE H 70 -0.56 -38.65 -24.95
CA ILE H 70 -1.43 -38.18 -23.89
C ILE H 70 -2.88 -38.43 -24.30
N SER H 71 -3.70 -38.80 -23.33
CA SER H 71 -5.11 -39.06 -23.56
C SER H 71 -5.86 -38.77 -22.27
N ARG H 72 -7.18 -38.75 -22.34
CA ARG H 72 -7.96 -38.50 -21.14
C ARG H 72 -9.31 -39.21 -21.21
N ASP H 73 -9.77 -39.61 -20.03
CA ASP H 73 -11.04 -40.29 -19.81
C ASP H 73 -11.93 -39.29 -19.09
N THR H 74 -12.96 -38.80 -19.78
CA THR H 74 -13.80 -37.74 -19.22
C THR H 74 -14.76 -38.24 -18.16
N ALA H 75 -15.11 -39.54 -18.19
CA ALA H 75 -15.99 -40.07 -17.17
C ALA H 75 -15.27 -40.23 -15.85
N LYS H 76 -14.01 -40.66 -15.88
CA LYS H 76 -13.17 -40.86 -14.71
C LYS H 76 -12.33 -39.64 -14.33
N ASN H 77 -12.37 -38.56 -15.11
CA ASN H 77 -11.56 -37.37 -14.85
C ASN H 77 -10.10 -37.74 -14.64
N THR H 78 -9.58 -38.53 -15.56
CA THR H 78 -8.22 -39.04 -15.49
C THR H 78 -7.51 -38.77 -16.80
N VAL H 79 -6.25 -38.34 -16.69
CA VAL H 79 -5.39 -38.07 -17.82
C VAL H 79 -4.28 -39.12 -17.82
N TYR H 80 -3.93 -39.62 -18.99
CA TYR H 80 -2.94 -40.66 -19.13
C TYR H 80 -1.77 -40.20 -19.96
N LEU H 81 -0.58 -40.70 -19.62
CA LEU H 81 0.62 -40.51 -20.43
C LEU H 81 1.18 -41.90 -20.73
N GLN H 82 1.03 -42.35 -21.97
CA GLN H 82 1.59 -43.61 -22.41
C GLN H 82 3.02 -43.34 -22.89
N MET H 83 4.01 -43.89 -22.20
CA MET H 83 5.41 -43.59 -22.47
C MET H 83 6.02 -44.85 -23.08
N ASN H 84 6.27 -44.82 -24.38
CA ASN H 84 6.83 -45.97 -25.07
C ASN H 84 8.27 -45.69 -25.46
N SER H 85 8.96 -46.78 -25.82
CA SER H 85 10.35 -46.72 -26.26
C SER H 85 11.18 -45.85 -25.31
N LEU H 86 11.09 -46.19 -24.02
CA LEU H 86 11.73 -45.38 -23.00
C LEU H 86 13.25 -45.42 -23.12
N LYS H 87 13.87 -44.28 -22.84
CA LYS H 87 15.30 -44.11 -22.92
C LYS H 87 15.85 -43.78 -21.55
N LEU H 88 17.14 -44.06 -21.35
CA LEU H 88 17.77 -43.69 -20.09
C LEU H 88 17.56 -42.20 -19.81
N GLU H 89 17.60 -41.37 -20.85
CA GLU H 89 17.45 -39.93 -20.68
C GLU H 89 16.03 -39.53 -20.25
N ASP H 90 15.08 -40.46 -20.24
CA ASP H 90 13.73 -40.18 -19.77
C ASP H 90 13.61 -40.29 -18.26
N THR H 91 14.67 -40.71 -17.56
CA THR H 91 14.65 -40.77 -16.10
C THR H 91 14.39 -39.37 -15.55
N ALA H 92 13.37 -39.27 -14.70
CA ALA H 92 12.91 -37.98 -14.19
C ALA H 92 11.75 -38.20 -13.24
N VAL H 93 11.36 -37.14 -12.55
CA VAL H 93 10.08 -37.09 -11.85
C VAL H 93 9.05 -36.45 -12.79
N TYR H 94 7.93 -37.14 -12.96
CA TYR H 94 6.88 -36.73 -13.88
C TYR H 94 5.71 -36.12 -13.11
N HIS H 95 5.27 -34.94 -13.56
CA HIS H 95 4.19 -34.20 -12.93
C HIS H 95 3.07 -33.98 -13.92
N CYS H 96 1.84 -34.12 -13.46
CA CYS H 96 0.71 -33.60 -14.22
C CYS H 96 0.35 -32.22 -13.68
N ALA H 97 -0.31 -31.45 -14.53
CA ALA H 97 -0.59 -30.04 -14.26
C ALA H 97 -1.82 -29.64 -15.04
N ALA H 98 -2.41 -28.53 -14.67
CA ALA H 98 -3.60 -28.03 -15.35
C ALA H 98 -3.47 -26.54 -15.60
N ARG H 99 -3.87 -26.11 -16.80
CA ARG H 99 -3.92 -24.68 -17.10
C ARG H 99 -5.32 -24.34 -17.61
N ARG H 100 -5.95 -23.39 -16.92
CA ARG H 100 -7.26 -22.90 -17.29
C ARG H 100 -7.18 -21.96 -18.49
N LEU H 101 -6.13 -21.14 -18.54
CA LEU H 101 -5.87 -20.20 -19.63
C LEU H 101 -4.49 -20.48 -20.22
N ALA H 102 -3.53 -19.56 -20.04
CA ALA H 102 -2.21 -19.72 -20.64
C ALA H 102 -1.14 -20.26 -19.68
N THR H 103 -1.43 -20.39 -18.40
CA THR H 103 -0.41 -20.77 -17.42
C THR H 103 -0.80 -22.02 -16.65
N TYR H 104 0.17 -22.91 -16.44
CA TYR H 104 -0.04 -24.09 -15.61
C TYR H 104 0.02 -23.67 -14.15
N ASP H 105 -1.17 -23.51 -13.54
CA ASP H 105 -1.31 -23.01 -12.19
C ASP H 105 -1.52 -24.10 -11.15
N TYR H 106 -1.89 -25.31 -11.56
CA TYR H 106 -2.18 -26.42 -10.66
C TYR H 106 -1.25 -27.57 -10.97
N TRP H 107 -0.69 -28.18 -9.92
CA TRP H 107 0.35 -29.19 -10.04
C TRP H 107 0.08 -30.38 -9.14
N GLY H 108 0.40 -31.57 -9.65
CA GLY H 108 0.41 -32.77 -8.86
C GLY H 108 1.68 -32.86 -8.03
N GLN H 109 1.77 -33.95 -7.26
CA GLN H 109 2.93 -34.17 -6.40
C GLN H 109 4.12 -34.78 -7.13
N GLY H 110 3.90 -35.42 -8.26
CA GLY H 110 4.96 -36.01 -9.05
C GLY H 110 5.10 -37.50 -8.78
N THR H 111 5.58 -38.23 -9.79
CA THR H 111 5.86 -39.65 -9.65
C THR H 111 7.19 -39.94 -10.33
N GLN H 112 8.07 -40.65 -9.64
CA GLN H 112 9.42 -40.91 -10.12
C GLN H 112 9.44 -42.06 -11.12
N VAL H 113 10.15 -41.86 -12.23
CA VAL H 113 10.38 -42.86 -13.26
C VAL H 113 11.88 -43.04 -13.41
N THR H 114 12.34 -44.27 -13.22
CA THR H 114 13.76 -44.61 -13.34
C THR H 114 13.89 -45.63 -14.46
N VAL H 115 14.60 -45.25 -15.52
CA VAL H 115 14.82 -46.14 -16.65
C VAL H 115 16.15 -46.84 -16.44
N SER H 116 16.13 -48.15 -16.57
CA SER H 116 17.25 -49.00 -16.21
C SER H 116 17.83 -49.71 -17.43
N SER H 117 19.13 -49.98 -17.36
CA SER H 117 19.84 -50.76 -18.37
C SER H 117 19.79 -52.26 -18.10
N GLY H 118 19.16 -52.68 -17.01
CA GLY H 118 19.11 -54.08 -16.64
C GLY H 118 19.25 -54.27 -15.14
#